data_5YGK
#
_entry.id   5YGK
#
_cell.length_a   90.090
_cell.length_b   119.308
_cell.length_c   93.133
_cell.angle_alpha   90.000
_cell.angle_beta   117.350
_cell.angle_gamma   90.000
#
_symmetry.space_group_name_H-M   'P 1 21 1'
#
loop_
_entity.id
_entity.type
_entity.pdbx_description
1 polymer 'Cyclolavandulyl diphosphate synthase'
2 non-polymer 'DIMETHYLALLYL S-THIOLODIPHOSPHATE'
3 non-polymer 'MAGNESIUM ION'
4 water water
#
_entity_poly.entity_id   1
_entity_poly.type   'polypeptide(L)'
_entity_poly.pdbx_seq_one_letter_code
;MTTLMLLPDGMRRWSEKNGVSLDDGYAAMGDKIIEFMGWAKEEGVKTLYITASSAANHGRPEAAVNTFMEAFTEVIRRCH
SQFKFDFSGSLDLVSEDYLTELSALRDKSDSESDFTLHYILGMSLSHEVVGIFNKLNGKIPEMTEEILAENAYVPTQVDY
IIRTGGAIRMSSFFPLMSPYAELHFSPVLFPDTTRADFDAALKDLRARDRRFGGYPA
;
_entity_poly.pdbx_strand_id   A,B,C,D,E,F,G,H
#
loop_
_chem_comp.id
_chem_comp.type
_chem_comp.name
_chem_comp.formula
DST non-polymer 'DIMETHYLALLYL S-THIOLODIPHOSPHATE' 'C5 H12 O6 P2 S'
MG non-polymer 'MAGNESIUM ION' 'Mg 2'
#
# COMPACT_ATOMS: atom_id res chain seq x y z
N MET A 1 -14.37 37.09 15.59
CA MET A 1 -13.45 36.30 14.78
C MET A 1 -14.21 35.33 13.91
N THR A 2 -13.51 34.66 13.00
CA THR A 2 -14.12 33.92 11.91
C THR A 2 -14.50 32.49 12.29
N THR A 3 -15.67 32.07 11.82
CA THR A 3 -16.10 30.68 11.88
C THR A 3 -16.01 30.06 10.49
N LEU A 4 -15.19 29.03 10.38
CA LEU A 4 -14.88 28.38 9.12
C LEU A 4 -15.27 26.92 9.19
N MET A 5 -15.85 26.42 8.11
CA MET A 5 -16.18 25.02 7.98
C MET A 5 -15.33 24.46 6.85
N LEU A 6 -14.63 23.36 7.13
CA LEU A 6 -13.75 22.70 6.18
C LEU A 6 -14.33 21.35 5.79
N LEU A 7 -14.43 21.10 4.47
CA LEU A 7 -14.88 19.85 3.89
C LEU A 7 -13.68 19.16 3.26
N PRO A 8 -13.02 18.24 3.97
CA PRO A 8 -11.83 17.58 3.42
C PRO A 8 -12.24 16.46 2.48
N ASP A 9 -11.93 16.63 1.21
CA ASP A 9 -12.35 15.67 0.18
C ASP A 9 -11.15 15.30 -0.66
N GLY A 10 -11.15 14.07 -1.16
CA GLY A 10 -10.11 13.61 -2.06
C GLY A 10 -9.09 12.62 -1.50
N MET A 11 -9.35 11.99 -0.36
CA MET A 11 -8.36 11.08 0.20
C MET A 11 -8.13 9.85 -0.70
N ARG A 12 -9.20 9.32 -1.28
CA ARG A 12 -9.06 8.11 -2.09
C ARG A 12 -8.29 8.40 -3.37
N ARG A 13 -8.69 9.45 -4.09
CA ARG A 13 -7.94 9.85 -5.28
C ARG A 13 -6.49 10.14 -4.95
N TRP A 14 -6.23 10.76 -3.79
CA TRP A 14 -4.85 11.04 -3.41
C TRP A 14 -4.07 9.75 -3.18
N SER A 15 -4.70 8.78 -2.53
CA SER A 15 -4.04 7.51 -2.26
C SER A 15 -3.68 6.81 -3.55
N GLU A 16 -4.62 6.77 -4.50
CA GLU A 16 -4.39 6.12 -5.78
C GLU A 16 -3.33 6.85 -6.59
N LYS A 17 -3.37 8.18 -6.57
CA LYS A 17 -2.38 8.97 -7.30
C LYS A 17 -0.97 8.74 -6.77
N ASN A 18 -0.82 8.56 -5.46
CA ASN A 18 0.47 8.36 -4.85
C ASN A 18 0.83 6.89 -4.65
N GLY A 19 -0.04 5.99 -5.11
CA GLY A 19 0.21 4.56 -5.01
C GLY A 19 0.36 4.04 -3.60
N VAL A 20 -0.46 4.55 -2.67
CA VAL A 20 -0.39 4.15 -1.27
C VAL A 20 -1.76 3.63 -0.84
N SER A 21 -1.79 3.05 0.34
CA SER A 21 -3.03 2.52 0.87
C SER A 21 -3.97 3.65 1.26
N LEU A 22 -5.26 3.30 1.36
CA LEU A 22 -6.24 4.28 1.81
C LEU A 22 -5.98 4.65 3.27
N ASP A 23 -5.48 3.71 4.05
CA ASP A 23 -5.05 4.01 5.41
C ASP A 23 -4.01 5.12 5.41
N ASP A 24 -3.02 5.03 4.50
CA ASP A 24 -2.02 6.07 4.41
C ASP A 24 -2.63 7.38 3.93
N GLY A 25 -3.67 7.30 3.09
CA GLY A 25 -4.39 8.50 2.71
C GLY A 25 -5.05 9.17 3.91
N TYR A 26 -5.73 8.38 4.75
CA TYR A 26 -6.35 8.96 5.93
C TYR A 26 -5.34 9.46 6.95
N ALA A 27 -4.17 8.79 7.04
CA ALA A 27 -3.13 9.31 7.92
C ALA A 27 -2.60 10.63 7.40
N ALA A 28 -2.42 10.75 6.08
CA ALA A 28 -2.02 12.04 5.54
C ALA A 28 -3.09 13.09 5.78
N MET A 29 -4.36 12.70 5.75
CA MET A 29 -5.43 13.65 6.04
C MET A 29 -5.34 14.16 7.47
N GLY A 30 -5.16 13.23 8.42
CA GLY A 30 -5.06 13.63 9.82
C GLY A 30 -3.91 14.58 10.06
N ASP A 31 -2.76 14.29 9.47
CA ASP A 31 -1.62 15.21 9.58
C ASP A 31 -1.96 16.57 8.97
N LYS A 32 -2.66 16.57 7.83
CA LYS A 32 -3.06 17.83 7.21
C LYS A 32 -4.00 18.63 8.09
N ILE A 33 -4.94 17.94 8.75
CA ILE A 33 -5.88 18.64 9.61
C ILE A 33 -5.13 19.38 10.69
N ILE A 34 -4.14 18.71 11.30
CA ILE A 34 -3.35 19.34 12.35
C ILE A 34 -2.63 20.55 11.79
N GLU A 35 -2.03 20.41 10.61
CA GLU A 35 -1.37 21.52 9.97
C GLU A 35 -2.38 22.65 9.67
N PHE A 36 -3.57 22.27 9.20
CA PHE A 36 -4.57 23.26 8.81
C PHE A 36 -5.08 24.03 10.03
N MET A 37 -5.28 23.34 11.14
CA MET A 37 -5.66 24.02 12.36
C MET A 37 -4.65 25.09 12.77
N GLY A 38 -3.35 24.81 12.62
CA GLY A 38 -2.35 25.81 12.95
C GLY A 38 -2.46 27.03 12.07
N TRP A 39 -2.65 26.83 10.77
CA TRP A 39 -2.88 27.95 9.87
C TRP A 39 -4.12 28.75 10.30
N ALA A 40 -5.21 28.05 10.66
CA ALA A 40 -6.44 28.72 11.00
C ALA A 40 -6.24 29.64 12.20
N LYS A 41 -5.50 29.17 13.21
CA LYS A 41 -5.20 29.96 14.40
C LYS A 41 -4.47 31.24 14.06
N GLU A 42 -3.52 31.17 13.13
CA GLU A 42 -2.78 32.35 12.66
C GLU A 42 -3.64 33.29 11.88
N GLU A 43 -4.74 32.79 11.34
CA GLU A 43 -5.53 33.53 10.40
C GLU A 43 -6.81 34.10 11.00
N GLY A 44 -6.91 34.13 12.32
CA GLY A 44 -8.05 34.78 12.94
C GLY A 44 -9.30 33.93 13.03
N VAL A 45 -9.18 32.65 12.77
CA VAL A 45 -10.30 31.73 12.93
C VAL A 45 -10.40 31.34 14.39
N LYS A 46 -11.60 31.43 14.95
CA LYS A 46 -11.78 30.99 16.33
C LYS A 46 -12.48 29.65 16.44
N THR A 47 -13.26 29.26 15.41
CA THR A 47 -13.95 27.97 15.42
C THR A 47 -13.78 27.33 14.05
N LEU A 48 -13.26 26.11 14.04
CA LEU A 48 -13.08 25.35 12.83
C LEU A 48 -13.99 24.13 12.93
N TYR A 49 -15.06 24.13 12.13
CA TYR A 49 -15.88 22.95 12.00
C TYR A 49 -15.29 22.09 10.89
N ILE A 50 -15.20 20.79 11.12
CA ILE A 50 -14.75 19.87 10.09
C ILE A 50 -15.82 18.82 9.87
N THR A 51 -16.22 18.64 8.62
CA THR A 51 -17.24 17.65 8.29
C THR A 51 -16.53 16.32 8.23
N ALA A 52 -16.61 15.56 9.32
CA ALA A 52 -15.94 14.27 9.37
C ALA A 52 -16.61 13.26 8.45
N SER A 53 -17.94 13.33 8.32
CA SER A 53 -18.65 12.35 7.51
C SER A 53 -20.05 12.83 7.16
N SER A 54 -20.56 12.31 6.06
CA SER A 54 -21.99 12.42 5.73
C SER A 54 -22.73 11.26 6.37
N ALA A 55 -24.05 11.39 6.45
CA ALA A 55 -24.84 10.27 6.95
C ALA A 55 -24.62 9.03 6.08
N ALA A 56 -24.54 9.22 4.76
CA ALA A 56 -24.34 8.09 3.86
C ALA A 56 -23.00 7.41 4.12
N ASN A 57 -21.96 8.15 4.51
CA ASN A 57 -20.68 7.48 4.73
C ASN A 57 -20.77 6.40 5.79
N HIS A 58 -21.69 6.53 6.75
CA HIS A 58 -21.76 5.57 7.83
C HIS A 58 -22.51 4.30 7.45
N GLY A 59 -23.01 4.23 6.23
CA GLY A 59 -23.59 3.02 5.69
C GLY A 59 -22.61 2.13 4.95
N ARG A 60 -21.33 2.50 4.88
CA ARG A 60 -20.31 1.64 4.32
C ARG A 60 -20.07 0.46 5.26
N PRO A 61 -19.36 -0.57 4.79
CA PRO A 61 -19.03 -1.68 5.70
C PRO A 61 -18.27 -1.19 6.92
N GLU A 62 -18.55 -1.84 8.06
CA GLU A 62 -18.07 -1.38 9.35
C GLU A 62 -16.57 -1.14 9.36
N ALA A 63 -15.80 -1.98 8.68
CA ALA A 63 -14.35 -1.81 8.69
C ALA A 63 -13.95 -0.52 7.98
N ALA A 64 -14.62 -0.20 6.87
CA ALA A 64 -14.35 1.06 6.19
C ALA A 64 -14.79 2.24 7.06
N VAL A 65 -15.89 2.09 7.80
CA VAL A 65 -16.31 3.14 8.70
C VAL A 65 -15.28 3.32 9.79
N ASN A 66 -14.85 2.21 10.39
CA ASN A 66 -13.84 2.28 11.44
C ASN A 66 -12.56 2.89 10.91
N THR A 67 -12.27 2.69 9.63
CA THR A 67 -11.07 3.27 9.05
C THR A 67 -11.10 4.79 9.10
N PHE A 68 -12.18 5.43 8.63
CA PHE A 68 -12.15 6.88 8.69
C PHE A 68 -12.39 7.40 10.11
N MET A 69 -13.24 6.74 10.90
CA MET A 69 -13.44 7.20 12.28
C MET A 69 -12.14 7.16 13.06
N GLU A 70 -11.34 6.11 12.83
CA GLU A 70 -10.08 6.01 13.55
C GLU A 70 -9.14 7.16 13.17
N ALA A 71 -9.11 7.53 11.88
CA ALA A 71 -8.22 8.62 11.45
C ALA A 71 -8.63 9.95 12.06
N PHE A 72 -9.93 10.28 12.04
CA PHE A 72 -10.38 11.53 12.66
C PHE A 72 -10.13 11.52 14.16
N THR A 73 -10.39 10.41 14.82
CA THR A 73 -10.20 10.36 16.26
C THR A 73 -8.72 10.51 16.64
N GLU A 74 -7.83 9.90 15.85
CA GLU A 74 -6.41 9.97 16.18
C GLU A 74 -5.94 11.42 16.21
N VAL A 75 -6.47 12.27 15.31
CA VAL A 75 -6.14 13.69 15.34
C VAL A 75 -6.40 14.26 16.73
N ILE A 76 -7.56 13.92 17.32
CA ILE A 76 -7.92 14.50 18.60
C ILE A 76 -7.07 13.87 19.72
N ARG A 77 -6.76 12.57 19.58
CA ARG A 77 -5.88 11.92 20.55
C ARG A 77 -4.54 12.64 20.64
N ARG A 78 -4.02 13.11 19.52
CA ARG A 78 -2.71 13.75 19.50
C ARG A 78 -2.78 15.20 19.96
N CYS A 79 -3.83 15.94 19.62
CA CYS A 79 -3.80 17.39 19.80
C CYS A 79 -4.89 17.98 20.69
N HIS A 80 -5.62 17.15 21.45
CA HIS A 80 -6.74 17.67 22.25
C HIS A 80 -6.30 18.70 23.29
N SER A 81 -5.01 18.79 23.62
CA SER A 81 -4.62 19.81 24.57
C SER A 81 -4.45 21.18 23.90
N GLN A 82 -4.46 21.25 22.57
CA GLN A 82 -4.25 22.52 21.85
C GLN A 82 -5.53 23.27 21.53
N PHE A 83 -6.69 22.76 21.92
CA PHE A 83 -7.93 23.43 21.56
C PHE A 83 -9.07 22.88 22.41
N LYS A 84 -10.19 23.57 22.32
CA LYS A 84 -11.42 23.08 22.91
C LYS A 84 -12.06 22.20 21.84
N PHE A 85 -12.40 20.95 22.20
CA PHE A 85 -12.93 19.97 21.25
C PHE A 85 -14.39 19.69 21.52
N ASP A 86 -15.18 19.61 20.44
CA ASP A 86 -16.58 19.20 20.57
C ASP A 86 -16.93 18.49 19.27
N PHE A 87 -18.07 17.82 19.27
CA PHE A 87 -18.58 17.12 18.09
C PHE A 87 -20.10 17.09 18.16
N SER A 88 -20.72 16.88 17.01
CA SER A 88 -22.18 16.81 16.95
C SER A 88 -22.57 16.12 15.65
N GLY A 89 -23.86 15.89 15.48
CA GLY A 89 -24.39 15.36 14.23
C GLY A 89 -25.35 14.23 14.41
N SER A 90 -25.37 13.31 13.46
CA SER A 90 -26.25 12.15 13.52
C SER A 90 -25.62 11.12 14.44
N LEU A 91 -25.60 11.43 15.74
CA LEU A 91 -24.93 10.53 16.66
C LEU A 91 -25.55 9.15 16.69
N ASP A 92 -26.82 9.02 16.30
CA ASP A 92 -27.45 7.70 16.20
C ASP A 92 -26.78 6.83 15.15
N LEU A 93 -25.93 7.39 14.27
CA LEU A 93 -25.27 6.56 13.28
C LEU A 93 -23.87 6.11 13.69
N VAL A 94 -23.34 6.63 14.80
CA VAL A 94 -21.96 6.41 15.22
C VAL A 94 -21.90 5.32 16.28
N SER A 95 -20.86 4.50 16.26
CA SER A 95 -20.79 3.42 17.23
C SER A 95 -20.59 3.93 18.66
N GLU A 96 -20.97 3.08 19.61
CA GLU A 96 -20.75 3.40 21.02
C GLU A 96 -19.26 3.65 21.31
N ASP A 97 -18.39 2.83 20.74
CA ASP A 97 -16.97 2.97 21.02
C ASP A 97 -16.45 4.36 20.67
N TYR A 98 -16.83 4.86 19.50
CA TYR A 98 -16.32 6.18 19.10
C TYR A 98 -17.02 7.30 19.86
N LEU A 99 -18.32 7.16 20.11
CA LEU A 99 -18.99 8.20 20.87
C LEU A 99 -18.42 8.28 22.28
N THR A 100 -18.15 7.13 22.88
CA THR A 100 -17.59 7.09 24.21
C THR A 100 -16.19 7.73 24.23
N GLU A 101 -15.35 7.37 23.25
CA GLU A 101 -13.99 7.92 23.22
C GLU A 101 -13.99 9.41 22.90
N LEU A 102 -14.82 9.83 21.93
CA LEU A 102 -14.87 11.26 21.61
C LEU A 102 -15.40 12.07 22.79
N SER A 103 -16.39 11.54 23.51
CA SER A 103 -16.83 12.24 24.71
C SER A 103 -15.69 12.36 25.72
N ALA A 104 -14.89 11.29 25.87
CA ALA A 104 -13.72 11.38 26.75
C ALA A 104 -12.74 12.43 26.26
N LEU A 105 -12.49 12.46 24.95
CA LEU A 105 -11.55 13.44 24.43
C LEU A 105 -12.06 14.86 24.58
N ARG A 106 -13.38 15.06 24.46
CA ARG A 106 -13.92 16.40 24.69
C ARG A 106 -13.65 16.83 26.11
N ASP A 107 -13.92 15.93 27.07
CA ASP A 107 -13.67 16.27 28.47
C ASP A 107 -12.19 16.56 28.71
N LYS A 108 -11.30 15.89 27.98
CA LYS A 108 -9.89 16.09 28.24
C LYS A 108 -9.32 17.30 27.52
N SER A 109 -10.06 17.89 26.58
CA SER A 109 -9.51 18.98 25.79
C SER A 109 -9.46 20.25 26.63
N ASP A 110 -8.80 21.26 26.09
CA ASP A 110 -8.59 22.51 26.79
C ASP A 110 -9.87 23.34 26.75
N SER A 111 -10.69 23.21 27.80
CA SER A 111 -11.91 23.99 27.89
C SER A 111 -11.67 25.49 27.94
N GLU A 112 -10.44 25.92 28.19
CA GLU A 112 -10.14 27.34 28.27
C GLU A 112 -9.60 27.92 26.98
N SER A 113 -9.40 27.09 25.95
CA SER A 113 -8.82 27.60 24.72
C SER A 113 -9.78 28.54 24.00
N ASP A 114 -9.22 29.55 23.35
CA ASP A 114 -10.04 30.42 22.52
C ASP A 114 -10.44 29.73 21.22
N PHE A 115 -9.72 28.69 20.81
CA PHE A 115 -9.91 28.03 19.52
C PHE A 115 -10.69 26.73 19.72
N THR A 116 -11.72 26.55 18.89
CA THR A 116 -12.54 25.34 18.93
C THR A 116 -12.33 24.56 17.64
N LEU A 117 -12.10 23.27 17.77
CA LEU A 117 -12.12 22.34 16.66
C LEU A 117 -13.32 21.43 16.90
N HIS A 118 -14.28 21.45 15.97
CA HIS A 118 -15.57 20.79 16.19
C HIS A 118 -15.86 19.86 15.01
N TYR A 119 -16.09 18.58 15.31
CA TYR A 119 -16.37 17.57 14.28
C TYR A 119 -17.87 17.45 14.08
N ILE A 120 -18.32 17.45 12.84
CA ILE A 120 -19.71 17.12 12.56
C ILE A 120 -19.72 15.74 11.92
N LEU A 121 -20.46 14.82 12.52
CA LEU A 121 -20.52 13.44 12.07
C LEU A 121 -21.88 13.16 11.44
N GLY A 122 -21.87 12.40 10.36
CA GLY A 122 -23.13 12.00 9.73
C GLY A 122 -23.99 13.14 9.21
N MET A 123 -23.39 14.12 8.53
CA MET A 123 -24.18 15.26 8.06
C MET A 123 -25.14 14.85 6.98
N SER A 124 -26.35 15.43 7.05
CA SER A 124 -27.41 15.26 6.07
C SER A 124 -28.61 16.10 6.51
N LEU A 125 -29.00 17.10 5.72
CA LEU A 125 -30.08 17.97 6.14
C LEU A 125 -31.37 17.20 6.40
N SER A 126 -31.70 16.27 5.52
CA SER A 126 -32.94 15.53 5.73
C SER A 126 -32.85 14.70 6.99
N HIS A 127 -31.71 14.03 7.21
CA HIS A 127 -31.56 13.24 8.44
C HIS A 127 -31.61 14.14 9.66
N GLU A 128 -30.96 15.29 9.59
CA GLU A 128 -30.96 16.25 10.69
C GLU A 128 -32.37 16.72 11.03
N VAL A 129 -33.12 17.13 10.01
CA VAL A 129 -34.45 17.67 10.25
C VAL A 129 -35.38 16.58 10.73
N VAL A 130 -35.31 15.40 10.11
CA VAL A 130 -36.13 14.27 10.54
C VAL A 130 -35.86 13.96 12.00
N GLY A 131 -34.58 13.87 12.37
CA GLY A 131 -34.25 13.57 13.77
C GLY A 131 -34.77 14.63 14.72
N ILE A 132 -34.61 15.90 14.35
CA ILE A 132 -35.07 16.98 15.22
C ILE A 132 -36.58 16.91 15.42
N PHE A 133 -37.32 16.63 14.34
CA PHE A 133 -38.76 16.56 14.45
C PHE A 133 -39.16 15.43 15.40
N ASN A 134 -38.62 14.23 15.19
CA ASN A 134 -39.02 13.09 15.99
C ASN A 134 -38.62 13.23 17.45
N LYS A 135 -37.62 14.06 17.76
CA LYS A 135 -37.28 14.21 19.16
C LYS A 135 -38.23 15.17 19.87
N LEU A 136 -38.74 16.16 19.13
CA LEU A 136 -39.56 17.20 19.72
C LEU A 136 -41.05 17.03 19.42
N ASN A 137 -41.41 16.06 18.60
CA ASN A 137 -42.80 15.89 18.17
C ASN A 137 -43.74 15.74 19.36
N GLY A 138 -44.68 16.68 19.52
CA GLY A 138 -45.65 16.60 20.59
C GLY A 138 -45.10 16.98 21.95
N LYS A 139 -43.85 17.41 22.05
CA LYS A 139 -43.26 17.74 23.32
C LYS A 139 -43.21 19.23 23.59
N ILE A 140 -43.42 20.05 22.57
CA ILE A 140 -43.37 21.51 22.70
C ILE A 140 -44.56 22.11 21.97
N PRO A 141 -44.99 23.31 22.39
CA PRO A 141 -46.15 23.93 21.73
C PRO A 141 -45.87 24.37 20.31
N GLU A 142 -44.71 24.96 20.06
CA GLU A 142 -44.39 25.41 18.72
C GLU A 142 -42.88 25.49 18.57
N MET A 143 -42.43 25.27 17.35
CA MET A 143 -41.04 25.49 17.00
C MET A 143 -40.79 26.96 16.73
N THR A 144 -39.66 27.46 17.17
CA THR A 144 -39.22 28.80 16.81
C THR A 144 -37.81 28.69 16.24
N GLU A 145 -37.33 29.77 15.61
CA GLU A 145 -35.96 29.72 15.12
C GLU A 145 -34.96 29.51 16.24
N GLU A 146 -35.20 30.10 17.42
CA GLU A 146 -34.25 29.90 18.52
C GLU A 146 -34.18 28.43 18.91
N ILE A 147 -35.33 27.76 18.97
CA ILE A 147 -35.33 26.34 19.33
C ILE A 147 -34.66 25.52 18.22
N LEU A 148 -34.91 25.86 16.96
CA LEU A 148 -34.24 25.14 15.86
C LEU A 148 -32.73 25.31 15.93
N ALA A 149 -32.28 26.55 16.18
CA ALA A 149 -30.85 26.79 16.30
C ALA A 149 -30.26 25.96 17.41
N GLU A 150 -31.01 25.75 18.51
CA GLU A 150 -30.51 24.98 19.64
C GLU A 150 -30.38 23.51 19.33
N ASN A 151 -31.11 23.02 18.34
CA ASN A 151 -31.12 21.60 18.07
C ASN A 151 -30.34 21.24 16.82
N ALA A 152 -29.88 22.24 16.07
CA ALA A 152 -29.18 21.98 14.82
C ALA A 152 -27.79 21.38 15.08
N TYR A 153 -27.32 20.60 14.11
CA TYR A 153 -26.01 19.98 14.20
C TYR A 153 -24.93 21.03 14.42
N VAL A 154 -24.91 22.05 13.56
CA VAL A 154 -23.92 23.11 13.66
C VAL A 154 -24.50 24.20 14.55
N PRO A 155 -23.95 24.39 15.76
CA PRO A 155 -24.59 25.25 16.75
C PRO A 155 -24.36 26.73 16.59
N THR A 156 -23.55 27.18 15.62
CA THR A 156 -23.32 28.60 15.39
C THR A 156 -23.37 28.84 13.88
N GLN A 157 -23.39 30.12 13.50
CA GLN A 157 -23.40 30.46 12.08
C GLN A 157 -22.00 30.39 11.49
N VAL A 158 -21.93 29.82 10.30
CA VAL A 158 -20.66 29.64 9.60
C VAL A 158 -20.45 30.81 8.66
N ASP A 159 -19.28 31.45 8.77
CA ASP A 159 -18.92 32.56 7.88
C ASP A 159 -18.42 32.08 6.52
N TYR A 160 -17.50 31.12 6.52
CA TYR A 160 -16.84 30.66 5.32
C TYR A 160 -16.88 29.15 5.29
N ILE A 161 -16.99 28.61 4.08
CA ILE A 161 -16.89 27.19 3.83
C ILE A 161 -15.83 26.96 2.76
N ILE A 162 -14.86 26.08 3.06
CA ILE A 162 -13.86 25.68 2.08
C ILE A 162 -14.06 24.21 1.78
N ARG A 163 -14.30 23.89 0.51
CA ARG A 163 -14.39 22.51 0.07
C ARG A 163 -13.22 22.19 -0.85
N THR A 164 -12.40 21.22 -0.46
CA THR A 164 -11.31 20.71 -1.29
C THR A 164 -11.82 19.57 -2.15
N GLY A 165 -10.98 19.09 -3.04
CA GLY A 165 -11.34 17.91 -3.81
C GLY A 165 -12.06 18.14 -5.13
N GLY A 166 -12.28 19.39 -5.56
CA GLY A 166 -12.73 19.69 -6.91
C GLY A 166 -14.23 19.67 -7.16
N ALA A 167 -15.04 19.13 -6.27
CA ALA A 167 -16.48 19.14 -6.52
C ALA A 167 -17.05 20.53 -6.24
N ILE A 168 -17.92 21.00 -7.13
CA ILE A 168 -18.58 22.29 -6.93
C ILE A 168 -20.05 21.99 -6.60
N ARG A 169 -20.26 21.56 -5.36
CA ARG A 169 -21.56 21.17 -4.82
C ARG A 169 -21.37 21.08 -3.32
N MET A 170 -22.48 21.11 -2.59
CA MET A 170 -22.40 21.03 -1.12
C MET A 170 -22.65 19.63 -0.59
N SER A 171 -23.16 18.72 -1.43
CA SER A 171 -23.43 17.33 -1.06
C SER A 171 -24.29 17.34 0.20
N SER A 172 -23.94 16.58 1.23
CA SER A 172 -24.77 16.51 2.44
C SER A 172 -24.42 17.56 3.46
N PHE A 173 -23.58 18.54 3.12
CA PHE A 173 -22.88 19.31 4.14
C PHE A 173 -23.33 20.76 4.29
N PHE A 174 -24.46 21.19 3.70
CA PHE A 174 -24.87 22.58 3.89
C PHE A 174 -25.24 22.77 5.36
N PRO A 175 -24.75 23.82 6.03
CA PRO A 175 -25.09 24.03 7.45
C PRO A 175 -26.43 24.73 7.55
N LEU A 176 -27.43 24.03 8.10
CA LEU A 176 -28.81 24.48 8.18
C LEU A 176 -29.03 25.94 8.55
N MET A 177 -28.42 26.41 9.64
CA MET A 177 -28.72 27.73 10.18
C MET A 177 -27.74 28.79 9.71
N SER A 178 -27.04 28.58 8.59
CA SER A 178 -25.99 29.49 8.12
C SER A 178 -26.30 29.98 6.71
N PRO A 179 -27.35 30.79 6.54
CA PRO A 179 -27.72 31.17 5.15
C PRO A 179 -26.58 31.84 4.41
N TYR A 180 -25.96 32.90 5.04
CA TYR A 180 -24.87 33.80 4.62
C TYR A 180 -23.52 33.14 4.42
N ALA A 181 -23.27 31.84 4.50
CA ALA A 181 -21.89 31.36 4.39
C ALA A 181 -21.35 31.62 2.99
N GLU A 182 -20.14 32.17 2.90
CA GLU A 182 -19.44 32.34 1.64
C GLU A 182 -18.73 31.04 1.30
N LEU A 183 -18.85 30.59 0.05
CA LEU A 183 -18.31 29.31 -0.37
C LEU A 183 -17.03 29.49 -1.20
N HIS A 184 -16.03 28.67 -0.91
CA HIS A 184 -14.80 28.61 -1.70
C HIS A 184 -14.50 27.17 -2.06
N PHE A 185 -14.45 26.88 -3.37
CA PHE A 185 -14.21 25.54 -3.88
C PHE A 185 -12.78 25.44 -4.41
N SER A 186 -12.04 24.47 -3.93
CA SER A 186 -10.67 24.28 -4.41
C SER A 186 -10.56 22.96 -5.15
N PRO A 187 -9.84 22.93 -6.28
CA PRO A 187 -9.65 21.65 -6.98
C PRO A 187 -8.62 20.75 -6.31
N VAL A 188 -7.86 21.29 -5.38
CA VAL A 188 -6.77 20.54 -4.77
C VAL A 188 -7.32 19.41 -3.92
N LEU A 189 -6.74 18.22 -4.06
CA LEU A 189 -7.07 17.10 -3.17
C LEU A 189 -6.66 17.43 -1.75
N PHE A 190 -7.49 17.08 -0.76
CA PHE A 190 -7.20 17.57 0.59
C PHE A 190 -5.78 17.29 1.08
N PRO A 191 -5.20 16.08 0.93
CA PRO A 191 -3.85 15.87 1.48
C PRO A 191 -2.76 16.67 0.78
N ASP A 192 -3.06 17.27 -0.37
CA ASP A 192 -2.10 18.13 -1.08
C ASP A 192 -2.22 19.60 -0.72
N THR A 193 -3.19 19.97 0.11
CA THR A 193 -3.41 21.37 0.43
C THR A 193 -2.20 21.98 1.10
N THR A 194 -1.79 23.15 0.62
CA THR A 194 -0.71 23.90 1.20
C THR A 194 -1.25 25.16 1.86
N ARG A 195 -0.40 25.82 2.64
CA ARG A 195 -0.80 27.12 3.18
C ARG A 195 -1.06 28.12 2.06
N ALA A 196 -0.35 28.01 0.95
CA ALA A 196 -0.65 28.89 -0.18
C ALA A 196 -2.08 28.66 -0.67
N ASP A 197 -2.55 27.41 -0.69
CA ASP A 197 -3.94 27.17 -1.05
C ASP A 197 -4.89 27.82 -0.05
N PHE A 198 -4.58 27.70 1.25
CA PHE A 198 -5.42 28.29 2.27
C PHE A 198 -5.41 29.80 2.16
N ASP A 199 -4.23 30.38 1.92
CA ASP A 199 -4.14 31.84 1.80
C ASP A 199 -4.92 32.33 0.60
N ALA A 200 -4.88 31.60 -0.51
CA ALA A 200 -5.67 31.99 -1.67
C ALA A 200 -7.16 31.94 -1.35
N ALA A 201 -7.59 30.91 -0.62
CA ALA A 201 -9.00 30.82 -0.25
C ALA A 201 -9.41 32.03 0.58
N LEU A 202 -8.60 32.39 1.58
CA LEU A 202 -8.97 33.47 2.47
C LEU A 202 -8.94 34.83 1.75
N LYS A 203 -8.00 35.03 0.84
CA LYS A 203 -8.01 36.26 0.07
C LYS A 203 -9.28 36.37 -0.78
N ASP A 204 -9.65 35.28 -1.45
CA ASP A 204 -10.91 35.24 -2.18
C ASP A 204 -12.08 35.55 -1.25
N LEU A 205 -12.14 34.85 -0.12
CA LEU A 205 -13.26 35.02 0.80
C LEU A 205 -13.28 36.43 1.39
N ARG A 206 -12.12 36.97 1.72
CA ARG A 206 -12.05 38.31 2.31
C ARG A 206 -12.35 39.42 1.30
N ALA A 207 -12.09 39.18 0.02
CA ALA A 207 -12.34 40.26 -0.94
C ALA A 207 -13.82 40.41 -1.27
N ARG A 208 -14.66 39.50 -0.79
CA ARG A 208 -16.06 39.61 -1.11
C ARG A 208 -16.75 40.81 -0.42
N ASP A 209 -16.01 41.55 0.41
CA ASP A 209 -16.41 42.90 0.86
C ASP A 209 -15.81 43.97 -0.04
N ARG A 210 -16.10 43.85 -1.35
CA ARG A 210 -15.63 44.81 -2.34
C ARG A 210 -15.95 46.26 -1.93
N MET B 1 -16.54 -25.32 -27.14
CA MET B 1 -17.89 -25.71 -26.79
C MET B 1 -18.47 -24.87 -25.64
N THR B 2 -17.76 -24.80 -24.51
CA THR B 2 -18.21 -24.02 -23.37
C THR B 2 -17.48 -22.68 -23.32
N THR B 3 -18.26 -21.60 -23.24
CA THR B 3 -17.78 -20.23 -23.27
C THR B 3 -18.17 -19.53 -21.97
N LEU B 4 -17.18 -18.98 -21.28
CA LEU B 4 -17.39 -18.40 -19.96
C LEU B 4 -16.97 -16.93 -19.97
N MET B 5 -17.75 -16.09 -19.29
CA MET B 5 -17.48 -14.67 -19.13
C MET B 5 -17.25 -14.39 -17.65
N LEU B 6 -16.10 -13.80 -17.34
CA LEU B 6 -15.73 -13.50 -15.96
C LEU B 6 -15.80 -12.00 -15.72
N LEU B 7 -16.47 -11.61 -14.63
CA LEU B 7 -16.58 -10.22 -14.18
C LEU B 7 -15.79 -10.06 -12.90
N PRO B 8 -14.53 -9.65 -12.97
CA PRO B 8 -13.70 -9.51 -11.77
C PRO B 8 -14.04 -8.22 -11.03
N ASP B 9 -14.58 -8.37 -9.83
CA ASP B 9 -15.05 -7.25 -9.04
C ASP B 9 -14.47 -7.37 -7.64
N GLY B 10 -14.24 -6.22 -7.00
CA GLY B 10 -13.79 -6.18 -5.63
C GLY B 10 -12.34 -5.83 -5.36
N MET B 11 -11.60 -5.29 -6.33
CA MET B 11 -10.18 -5.01 -6.07
C MET B 11 -10.01 -3.91 -5.04
N ARG B 12 -10.90 -2.92 -5.04
CA ARG B 12 -10.71 -1.81 -4.10
C ARG B 12 -11.01 -2.24 -2.67
N ARG B 13 -12.11 -2.98 -2.47
CA ARG B 13 -12.39 -3.52 -1.14
C ARG B 13 -11.28 -4.44 -0.69
N TRP B 14 -10.73 -5.23 -1.59
CA TRP B 14 -9.65 -6.13 -1.21
C TRP B 14 -8.42 -5.35 -0.79
N SER B 15 -8.10 -4.27 -1.52
CA SER B 15 -6.96 -3.44 -1.15
C SER B 15 -7.17 -2.80 0.22
N GLU B 16 -8.37 -2.26 0.45
CA GLU B 16 -8.68 -1.63 1.74
C GLU B 16 -8.66 -2.66 2.85
N LYS B 17 -9.20 -3.85 2.59
CA LYS B 17 -9.22 -4.91 3.59
C LYS B 17 -7.80 -5.32 4.00
N ASN B 18 -6.86 -5.32 3.05
CA ASN B 18 -5.49 -5.72 3.32
C ASN B 18 -4.55 -4.55 3.56
N GLY B 19 -5.06 -3.32 3.60
CA GLY B 19 -4.21 -2.17 3.86
C GLY B 19 -3.11 -1.93 2.86
N VAL B 20 -3.37 -2.16 1.58
CA VAL B 20 -2.38 -1.95 0.54
C VAL B 20 -2.94 -0.99 -0.51
N SER B 21 -2.06 -0.53 -1.37
CA SER B 21 -2.46 0.36 -2.44
C SER B 21 -3.34 -0.37 -3.44
N LEU B 22 -4.08 0.42 -4.21
CA LEU B 22 -4.92 -0.15 -5.25
C LEU B 22 -4.07 -0.79 -6.33
N ASP B 23 -2.87 -0.22 -6.58
CA ASP B 23 -1.93 -0.84 -7.52
C ASP B 23 -1.63 -2.28 -7.12
N ASP B 24 -1.39 -2.52 -5.82
CA ASP B 24 -1.15 -3.88 -5.35
C ASP B 24 -2.41 -4.72 -5.45
N GLY B 25 -3.57 -4.10 -5.29
CA GLY B 25 -4.80 -4.84 -5.50
C GLY B 25 -4.92 -5.34 -6.93
N TYR B 26 -4.59 -4.48 -7.89
CA TYR B 26 -4.63 -4.91 -9.28
C TYR B 26 -3.54 -5.92 -9.62
N ALA B 27 -2.38 -5.85 -8.97
CA ALA B 27 -1.38 -6.87 -9.21
C ALA B 27 -1.88 -8.22 -8.71
N ALA B 28 -2.55 -8.23 -7.55
CA ALA B 28 -3.17 -9.45 -7.08
C ALA B 28 -4.26 -9.91 -8.04
N MET B 29 -5.02 -8.96 -8.59
CA MET B 29 -6.04 -9.31 -9.58
C MET B 29 -5.39 -10.00 -10.76
N GLY B 30 -4.28 -9.43 -11.25
CA GLY B 30 -3.58 -9.98 -12.39
C GLY B 30 -3.09 -11.39 -12.15
N ASP B 31 -2.45 -11.63 -11.01
CA ASP B 31 -2.01 -12.99 -10.68
C ASP B 31 -3.19 -13.95 -10.66
N LYS B 32 -4.33 -13.51 -10.10
CA LYS B 32 -5.52 -14.33 -10.04
C LYS B 32 -6.04 -14.72 -11.42
N ILE B 33 -6.05 -13.78 -12.35
CA ILE B 33 -6.52 -14.08 -13.69
C ILE B 33 -5.69 -15.19 -14.32
N ILE B 34 -4.37 -15.12 -14.14
CA ILE B 34 -3.49 -16.17 -14.64
C ILE B 34 -3.86 -17.49 -13.98
N GLU B 35 -4.07 -17.47 -12.67
CA GLU B 35 -4.50 -18.68 -11.96
C GLU B 35 -5.86 -19.16 -12.44
N PHE B 36 -6.79 -18.23 -12.66
CA PHE B 36 -8.15 -18.56 -13.04
C PHE B 36 -8.21 -19.16 -14.45
N MET B 37 -7.45 -18.60 -15.39
CA MET B 37 -7.50 -19.13 -16.75
C MET B 37 -6.99 -20.56 -16.80
N GLY B 38 -5.98 -20.88 -16.01
CA GLY B 38 -5.52 -22.25 -15.94
C GLY B 38 -6.63 -23.18 -15.46
N TRP B 39 -7.38 -22.77 -14.44
CA TRP B 39 -8.52 -23.57 -13.98
C TRP B 39 -9.54 -23.74 -15.09
N ALA B 40 -9.87 -22.65 -15.78
CA ALA B 40 -10.88 -22.72 -16.83
C ALA B 40 -10.44 -23.65 -17.94
N LYS B 41 -9.17 -23.52 -18.34
CA LYS B 41 -8.60 -24.38 -19.37
C LYS B 41 -8.68 -25.83 -18.97
N GLU B 42 -8.43 -26.10 -17.70
CA GLU B 42 -8.44 -27.45 -17.16
C GLU B 42 -9.83 -28.05 -17.14
N GLU B 43 -10.84 -27.20 -17.08
CA GLU B 43 -12.24 -27.60 -16.96
C GLU B 43 -12.96 -27.61 -18.30
N GLY B 44 -12.24 -27.56 -19.40
CA GLY B 44 -12.86 -27.67 -20.69
C GLY B 44 -13.43 -26.37 -21.22
N VAL B 45 -13.08 -25.25 -20.62
CA VAL B 45 -13.52 -23.96 -21.14
C VAL B 45 -12.70 -23.65 -22.37
N LYS B 46 -13.37 -23.36 -23.47
CA LYS B 46 -12.67 -23.08 -24.71
C LYS B 46 -12.41 -21.60 -24.92
N THR B 47 -13.31 -20.74 -24.45
CA THR B 47 -13.18 -19.30 -24.62
C THR B 47 -13.56 -18.62 -23.31
N LEU B 48 -12.64 -17.81 -22.80
CA LEU B 48 -12.86 -17.07 -21.56
C LEU B 48 -12.89 -15.58 -21.91
N TYR B 49 -14.06 -14.98 -21.77
CA TYR B 49 -14.23 -13.55 -21.89
C TYR B 49 -14.01 -12.90 -20.53
N ILE B 50 -13.23 -11.83 -20.50
CA ILE B 50 -13.03 -11.06 -19.28
C ILE B 50 -13.42 -9.63 -19.55
N THR B 51 -14.33 -9.11 -18.73
CA THR B 51 -14.75 -7.73 -18.84
C THR B 51 -13.68 -6.91 -18.15
N ALA B 52 -12.77 -6.34 -18.94
CA ALA B 52 -11.71 -5.55 -18.35
C ALA B 52 -12.24 -4.23 -17.79
N SER B 53 -13.26 -3.65 -18.42
CA SER B 53 -13.77 -2.37 -17.96
C SER B 53 -15.14 -2.10 -18.57
N SER B 54 -15.91 -1.28 -17.86
CA SER B 54 -17.10 -0.66 -18.39
C SER B 54 -16.71 0.65 -19.07
N ALA B 55 -17.61 1.17 -19.91
CA ALA B 55 -17.37 2.47 -20.52
C ALA B 55 -17.20 3.54 -19.45
N ALA B 56 -17.97 3.47 -18.39
CA ALA B 56 -17.87 4.46 -17.35
C ALA B 56 -16.53 4.44 -16.65
N ASN B 57 -15.86 3.31 -16.62
CA ASN B 57 -14.58 3.23 -15.99
C ASN B 57 -13.53 4.10 -16.65
N HIS B 58 -13.59 4.29 -17.95
CA HIS B 58 -12.65 5.09 -18.66
C HIS B 58 -12.81 6.57 -18.43
N GLY B 59 -13.82 6.98 -17.69
CA GLY B 59 -13.97 8.37 -17.34
C GLY B 59 -13.25 8.79 -16.07
N ARG B 60 -12.56 7.85 -15.42
CA ARG B 60 -11.77 8.12 -14.24
C ARG B 60 -10.52 8.91 -14.61
N PRO B 61 -9.79 9.43 -13.61
CA PRO B 61 -8.49 10.06 -13.90
C PRO B 61 -7.60 9.18 -14.76
N GLU B 62 -6.95 9.82 -15.74
CA GLU B 62 -6.12 9.11 -16.72
C GLU B 62 -5.08 8.22 -16.04
N ALA B 63 -4.63 8.62 -14.85
CA ALA B 63 -3.73 7.78 -14.07
C ALA B 63 -4.46 6.61 -13.43
N ALA B 64 -5.71 6.80 -12.98
CA ALA B 64 -6.47 5.69 -12.44
C ALA B 64 -6.81 4.68 -13.54
N VAL B 65 -7.10 5.20 -14.74
CA VAL B 65 -7.35 4.33 -15.88
C VAL B 65 -6.10 3.57 -16.23
N ASN B 66 -4.95 4.25 -16.25
CA ASN B 66 -3.71 3.57 -16.55
C ASN B 66 -3.46 2.45 -15.56
N THR B 67 -3.90 2.62 -14.31
CA THR B 67 -3.67 1.59 -13.30
C THR B 67 -4.37 0.28 -13.67
N PHE B 68 -5.66 0.32 -14.01
CA PHE B 68 -6.25 -0.97 -14.33
C PHE B 68 -5.83 -1.45 -15.71
N MET B 69 -5.69 -0.54 -16.69
CA MET B 69 -5.26 -0.98 -18.02
C MET B 69 -3.88 -1.64 -17.95
N GLU B 70 -2.98 -1.10 -17.14
CA GLU B 70 -1.64 -1.68 -17.02
C GLU B 70 -1.70 -3.07 -16.40
N ALA B 71 -2.53 -3.26 -15.37
CA ALA B 71 -2.65 -4.57 -14.74
C ALA B 71 -3.23 -5.62 -15.70
N PHE B 72 -4.30 -5.27 -16.44
CA PHE B 72 -4.84 -6.25 -17.38
C PHE B 72 -3.85 -6.55 -18.49
N THR B 73 -3.16 -5.52 -19.00
CA THR B 73 -2.18 -5.75 -20.06
C THR B 73 -1.02 -6.60 -19.57
N GLU B 74 -0.56 -6.37 -18.33
CA GLU B 74 0.57 -7.15 -17.84
C GLU B 74 0.25 -8.64 -17.83
N VAL B 75 -0.99 -9.00 -17.53
CA VAL B 75 -1.39 -10.41 -17.59
C VAL B 75 -1.02 -10.98 -18.96
N ILE B 76 -1.34 -10.23 -20.02
CA ILE B 76 -1.14 -10.74 -21.37
C ILE B 76 0.33 -10.73 -21.73
N ARG B 77 1.10 -9.74 -21.24
CA ARG B 77 2.55 -9.75 -21.44
C ARG B 77 3.17 -11.03 -20.89
N ARG B 78 2.65 -11.52 -19.77
CA ARG B 78 3.22 -12.70 -19.13
C ARG B 78 2.76 -14.00 -19.79
N CYS B 79 1.52 -14.05 -20.23
CA CYS B 79 0.96 -15.30 -20.72
C CYS B 79 0.39 -15.43 -22.09
N HIS B 80 0.71 -14.55 -23.01
CA HIS B 80 0.16 -14.64 -24.35
C HIS B 80 0.51 -15.88 -25.18
N SER B 81 1.59 -16.57 -24.86
CA SER B 81 1.95 -17.76 -25.60
C SER B 81 1.09 -18.95 -25.21
N GLN B 82 0.47 -18.91 -24.06
CA GLN B 82 -0.35 -20.00 -23.60
C GLN B 82 -1.78 -20.09 -24.11
N PHE B 83 -2.14 -19.23 -25.07
CA PHE B 83 -3.47 -19.14 -25.66
C PHE B 83 -3.59 -18.16 -26.80
N LYS B 84 -4.74 -18.17 -27.42
CA LYS B 84 -5.09 -17.18 -28.43
C LYS B 84 -5.71 -15.97 -27.71
N PHE B 85 -5.16 -14.78 -27.96
CA PHE B 85 -5.65 -13.57 -27.30
C PHE B 85 -6.35 -12.66 -28.29
N ASP B 86 -7.47 -12.06 -27.86
CA ASP B 86 -8.13 -11.05 -28.67
C ASP B 86 -8.81 -10.05 -27.73
N PHE B 87 -9.20 -8.92 -28.30
CA PHE B 87 -9.90 -7.93 -27.51
C PHE B 87 -10.87 -7.19 -28.42
N SER B 88 -11.89 -6.60 -27.81
CA SER B 88 -12.89 -5.83 -28.52
C SER B 88 -13.60 -4.90 -27.55
N GLY B 89 -14.46 -4.05 -28.10
CA GLY B 89 -15.31 -3.19 -27.29
C GLY B 89 -15.31 -1.75 -27.73
N SER B 90 -15.48 -0.86 -26.77
CA SER B 90 -15.55 0.56 -27.05
C SER B 90 -14.12 1.12 -27.17
N LEU B 91 -13.47 0.70 -28.26
CA LEU B 91 -12.05 1.05 -28.40
C LEU B 91 -11.84 2.54 -28.47
N ASP B 92 -12.86 3.30 -28.89
CA ASP B 92 -12.73 4.74 -28.93
C ASP B 92 -12.47 5.34 -27.56
N LEU B 93 -12.65 4.57 -26.48
CA LEU B 93 -12.41 5.09 -25.14
C LEU B 93 -11.01 4.74 -24.62
N VAL B 94 -10.27 3.90 -25.33
CA VAL B 94 -8.99 3.38 -24.86
C VAL B 94 -7.87 4.19 -25.49
N SER B 95 -6.78 4.39 -24.72
CA SER B 95 -5.64 5.17 -25.21
C SER B 95 -4.89 4.46 -26.33
N GLU B 96 -4.26 5.27 -27.18
CA GLU B 96 -3.46 4.71 -28.27
C GLU B 96 -2.40 3.77 -27.74
N ASP B 97 -1.76 4.13 -26.62
CA ASP B 97 -0.67 3.32 -26.08
C ASP B 97 -1.15 1.91 -25.77
N TYR B 98 -2.29 1.78 -25.12
CA TYR B 98 -2.74 0.44 -24.75
C TYR B 98 -3.29 -0.33 -25.94
N LEU B 99 -3.99 0.35 -26.86
CA LEU B 99 -4.50 -0.32 -28.05
C LEU B 99 -3.39 -0.83 -28.92
N THR B 100 -2.33 -0.03 -29.09
CA THR B 100 -1.21 -0.49 -29.87
C THR B 100 -0.55 -1.70 -29.22
N GLU B 101 -0.35 -1.66 -27.89
CA GLU B 101 0.29 -2.79 -27.23
C GLU B 101 -0.58 -4.02 -27.22
N LEU B 102 -1.89 -3.86 -27.00
CA LEU B 102 -2.76 -5.03 -27.00
C LEU B 102 -2.83 -5.65 -28.39
N SER B 103 -2.82 -4.83 -29.43
CA SER B 103 -2.77 -5.35 -30.80
C SER B 103 -1.50 -6.14 -31.03
N ALA B 104 -0.37 -5.63 -30.53
CA ALA B 104 0.88 -6.36 -30.65
C ALA B 104 0.80 -7.69 -29.92
N LEU B 105 0.25 -7.68 -28.74
CA LEU B 105 0.17 -8.90 -28.00
C LEU B 105 -0.79 -9.89 -28.64
N ARG B 106 -1.77 -9.41 -29.36
CA ARG B 106 -2.72 -10.30 -29.99
C ARG B 106 -2.02 -11.04 -31.12
N ASP B 107 -1.22 -10.29 -31.83
CA ASP B 107 -0.44 -10.78 -32.94
C ASP B 107 0.58 -11.82 -32.56
N LYS B 108 1.14 -11.72 -31.37
CA LYS B 108 2.11 -12.67 -30.94
C LYS B 108 1.51 -13.81 -30.15
N SER B 109 0.19 -13.87 -30.05
CA SER B 109 -0.41 -14.96 -29.31
C SER B 109 -0.51 -16.19 -30.15
N ASP B 110 -0.77 -17.32 -29.53
CA ASP B 110 -0.78 -18.57 -30.26
C ASP B 110 -2.07 -18.64 -31.05
N SER B 111 -2.00 -18.22 -32.31
CA SER B 111 -3.18 -18.25 -33.16
C SER B 111 -3.72 -19.67 -33.36
N GLU B 112 -2.90 -20.71 -33.18
CA GLU B 112 -3.36 -22.08 -33.29
C GLU B 112 -3.96 -22.64 -32.01
N SER B 113 -3.89 -21.91 -30.90
CA SER B 113 -4.39 -22.46 -29.64
C SER B 113 -5.89 -22.71 -29.71
N ASP B 114 -6.36 -23.68 -28.93
CA ASP B 114 -7.78 -23.91 -28.79
C ASP B 114 -8.34 -23.36 -27.48
N PHE B 115 -7.56 -22.56 -26.76
CA PHE B 115 -8.06 -21.74 -25.67
C PHE B 115 -7.94 -20.28 -26.07
N THR B 116 -9.02 -19.53 -25.92
CA THR B 116 -9.05 -18.11 -26.23
C THR B 116 -9.28 -17.33 -24.94
N LEU B 117 -8.48 -16.29 -24.73
CA LEU B 117 -8.71 -15.29 -23.69
C LEU B 117 -9.00 -13.97 -24.38
N HIS B 118 -10.19 -13.43 -24.14
CA HIS B 118 -10.68 -12.29 -24.91
C HIS B 118 -11.11 -11.22 -23.93
N TYR B 119 -10.53 -10.03 -24.03
CA TYR B 119 -10.85 -8.88 -23.17
C TYR B 119 -11.93 -8.03 -23.83
N ILE B 120 -12.95 -7.67 -23.06
CA ILE B 120 -13.92 -6.68 -23.49
C ILE B 120 -13.61 -5.38 -22.76
N LEU B 121 -13.41 -4.31 -23.51
CA LEU B 121 -13.03 -3.01 -22.97
C LEU B 121 -14.17 -2.02 -23.12
N GLY B 122 -14.37 -1.20 -22.09
CA GLY B 122 -15.39 -0.15 -22.16
C GLY B 122 -16.78 -0.69 -22.45
N MET B 123 -17.13 -1.80 -21.83
CA MET B 123 -18.39 -2.46 -22.14
C MET B 123 -19.57 -1.62 -21.65
N SER B 124 -20.64 -1.58 -22.45
CA SER B 124 -21.85 -0.82 -22.19
C SER B 124 -22.87 -1.04 -23.30
N LEU B 125 -24.04 -1.57 -22.98
CA LEU B 125 -25.02 -1.87 -24.03
C LEU B 125 -25.41 -0.63 -24.81
N SER B 126 -25.64 0.46 -24.13
CA SER B 126 -26.05 1.65 -24.83
C SER B 126 -24.98 2.22 -25.72
N HIS B 127 -23.76 2.24 -25.24
CA HIS B 127 -22.67 2.76 -26.02
C HIS B 127 -22.40 1.82 -27.20
N GLU B 128 -22.52 0.53 -26.96
CA GLU B 128 -22.37 -0.48 -27.96
C GLU B 128 -23.39 -0.35 -29.08
N VAL B 129 -24.66 -0.18 -28.72
CA VAL B 129 -25.71 -0.07 -29.73
C VAL B 129 -25.61 1.25 -30.47
N VAL B 130 -25.35 2.33 -29.74
CA VAL B 130 -25.20 3.63 -30.38
C VAL B 130 -24.10 3.57 -31.43
N GLY B 131 -22.97 2.96 -31.06
CA GLY B 131 -21.87 2.85 -32.01
C GLY B 131 -22.20 1.99 -33.21
N ILE B 132 -22.87 0.86 -32.99
CA ILE B 132 -23.25 0.01 -34.12
C ILE B 132 -24.19 0.75 -35.06
N PHE B 133 -25.14 1.52 -34.52
CA PHE B 133 -26.04 2.24 -35.42
C PHE B 133 -25.26 3.18 -36.31
N ASN B 134 -24.36 3.98 -35.71
CA ASN B 134 -23.60 4.95 -36.47
C ASN B 134 -22.66 4.29 -37.47
N LYS B 135 -22.19 3.07 -37.16
CA LYS B 135 -21.30 2.38 -38.10
C LYS B 135 -22.03 1.99 -39.37
N LEU B 136 -23.31 1.62 -39.23
CA LEU B 136 -24.07 1.09 -40.35
C LEU B 136 -25.11 2.06 -40.90
N ASN B 137 -25.35 3.18 -40.22
CA ASN B 137 -26.38 4.14 -40.65
C ASN B 137 -26.18 4.56 -42.10
N GLY B 138 -27.14 4.23 -42.95
CA GLY B 138 -27.08 4.61 -44.34
C GLY B 138 -26.14 3.77 -45.19
N LYS B 139 -25.52 2.73 -44.62
CA LYS B 139 -24.57 1.90 -45.33
C LYS B 139 -25.13 0.55 -45.73
N ILE B 140 -26.25 0.13 -45.15
CA ILE B 140 -26.89 -1.14 -45.53
C ILE B 140 -28.38 -0.92 -45.67
N PRO B 141 -29.03 -1.70 -46.53
CA PRO B 141 -30.49 -1.55 -46.67
C PRO B 141 -31.25 -1.97 -45.43
N GLU B 142 -30.86 -3.07 -44.79
CA GLU B 142 -31.56 -3.43 -43.57
C GLU B 142 -30.65 -4.20 -42.63
N MET B 143 -30.91 -4.00 -41.35
CA MET B 143 -30.25 -4.73 -40.30
C MET B 143 -30.86 -6.11 -40.18
N THR B 144 -29.99 -7.09 -40.01
CA THR B 144 -30.45 -8.42 -39.68
C THR B 144 -29.73 -8.84 -38.43
N GLU B 145 -30.26 -9.89 -37.89
CA GLU B 145 -29.76 -10.40 -36.63
C GLU B 145 -28.36 -11.02 -36.80
N GLU B 146 -28.12 -11.66 -37.96
CA GLU B 146 -26.80 -12.00 -38.44
C GLU B 146 -25.84 -10.81 -38.43
N ILE B 147 -26.27 -9.69 -39.02
CA ILE B 147 -25.41 -8.51 -39.13
C ILE B 147 -25.12 -7.94 -37.76
N LEU B 148 -26.12 -7.93 -36.88
CA LEU B 148 -25.90 -7.43 -35.53
C LEU B 148 -24.87 -8.27 -34.79
N ALA B 149 -24.98 -9.59 -34.89
CA ALA B 149 -24.05 -10.48 -34.21
C ALA B 149 -22.62 -10.26 -34.70
N GLU B 150 -22.45 -9.96 -35.99
CA GLU B 150 -21.13 -9.69 -36.55
C GLU B 150 -20.57 -8.39 -36.03
N ASN B 151 -21.42 -7.53 -35.47
CA ASN B 151 -20.98 -6.22 -35.02
C ASN B 151 -20.96 -6.07 -33.51
N ALA B 152 -21.45 -7.05 -32.75
CA ALA B 152 -21.51 -6.92 -31.31
C ALA B 152 -20.10 -7.01 -30.71
N TYR B 153 -19.95 -6.39 -29.53
CA TYR B 153 -18.68 -6.46 -28.81
C TYR B 153 -18.27 -7.90 -28.54
N VAL B 154 -19.18 -8.71 -28.00
CA VAL B 154 -18.89 -10.11 -27.71
C VAL B 154 -19.24 -10.91 -28.95
N PRO B 155 -18.26 -11.44 -29.69
CA PRO B 155 -18.53 -12.00 -31.01
C PRO B 155 -19.12 -13.39 -30.99
N THR B 156 -19.32 -13.96 -29.82
CA THR B 156 -19.80 -15.32 -29.66
C THR B 156 -20.89 -15.36 -28.59
N GLN B 157 -21.67 -16.44 -28.58
CA GLN B 157 -22.63 -16.63 -27.51
C GLN B 157 -21.94 -17.11 -26.25
N VAL B 158 -22.33 -16.53 -25.12
CA VAL B 158 -21.76 -16.83 -23.82
C VAL B 158 -22.66 -17.83 -23.11
N ASP B 159 -22.07 -18.94 -22.65
CA ASP B 159 -22.84 -19.95 -21.91
C ASP B 159 -23.00 -19.61 -20.43
N TYR B 160 -21.91 -19.17 -19.78
CA TYR B 160 -21.93 -18.91 -18.35
C TYR B 160 -21.33 -17.55 -18.06
N ILE B 161 -21.82 -16.92 -17.00
CA ILE B 161 -21.28 -15.66 -16.51
C ILE B 161 -21.03 -15.83 -15.03
N ILE B 162 -19.81 -15.52 -14.60
CA ILE B 162 -19.48 -15.52 -13.18
C ILE B 162 -19.13 -14.09 -12.81
N ARG B 163 -19.88 -13.53 -11.86
CA ARG B 163 -19.58 -12.21 -11.32
C ARG B 163 -19.19 -12.36 -9.86
N THR B 164 -17.95 -11.98 -9.56
CA THR B 164 -17.46 -11.97 -8.19
C THR B 164 -17.79 -10.63 -7.56
N GLY B 165 -17.45 -10.50 -6.28
CA GLY B 165 -17.61 -9.22 -5.61
C GLY B 165 -18.94 -8.99 -4.93
N GLY B 166 -19.85 -9.96 -4.96
CA GLY B 166 -21.05 -9.87 -4.14
C GLY B 166 -22.20 -9.08 -4.73
N ALA B 167 -21.95 -8.29 -5.76
CA ALA B 167 -23.04 -7.52 -6.36
C ALA B 167 -23.87 -8.47 -7.22
N ILE B 168 -25.18 -8.41 -7.07
CA ILE B 168 -26.06 -9.26 -7.86
C ILE B 168 -26.76 -8.38 -8.88
N ARG B 169 -26.03 -8.06 -9.94
CA ARG B 169 -26.46 -7.16 -11.00
C ARG B 169 -25.50 -7.35 -12.16
N MET B 170 -25.90 -6.90 -13.34
CA MET B 170 -25.06 -7.04 -14.51
C MET B 170 -24.27 -5.78 -14.84
N SER B 171 -24.63 -4.65 -14.26
CA SER B 171 -23.96 -3.36 -14.46
C SER B 171 -23.90 -3.10 -15.97
N SER B 172 -22.75 -2.73 -16.53
CA SER B 172 -22.67 -2.48 -17.95
C SER B 172 -22.32 -3.73 -18.74
N PHE B 173 -22.33 -4.91 -18.13
CA PHE B 173 -21.65 -6.05 -18.71
C PHE B 173 -22.56 -7.12 -19.32
N PHE B 174 -23.86 -6.87 -19.51
CA PHE B 174 -24.69 -7.90 -20.12
C PHE B 174 -24.31 -8.09 -21.59
N PRO B 175 -24.08 -9.31 -22.05
CA PRO B 175 -23.67 -9.54 -23.44
C PRO B 175 -24.86 -9.58 -24.39
N LEU B 176 -24.90 -8.59 -25.29
CA LEU B 176 -26.01 -8.34 -26.21
C LEU B 176 -26.65 -9.57 -26.86
N MET B 177 -25.83 -10.45 -27.45
CA MET B 177 -26.34 -11.58 -28.24
C MET B 177 -26.36 -12.88 -27.46
N SER B 178 -26.36 -12.86 -26.13
CA SER B 178 -26.28 -14.06 -25.32
C SER B 178 -27.48 -14.15 -24.37
N PRO B 179 -28.69 -14.32 -24.89
CA PRO B 179 -29.85 -14.35 -23.99
C PRO B 179 -29.75 -15.47 -22.96
N TYR B 180 -29.41 -16.68 -23.42
CA TYR B 180 -29.45 -17.88 -22.60
C TYR B 180 -28.33 -17.96 -21.58
N ALA B 181 -27.48 -16.95 -21.45
CA ALA B 181 -26.34 -17.07 -20.55
C ALA B 181 -26.80 -17.34 -19.14
N GLU B 182 -26.20 -18.33 -18.49
CA GLU B 182 -26.49 -18.65 -17.12
C GLU B 182 -25.61 -17.78 -16.22
N LEU B 183 -26.22 -17.21 -15.18
CA LEU B 183 -25.55 -16.27 -14.29
C LEU B 183 -25.21 -16.95 -12.97
N HIS B 184 -23.98 -16.72 -12.49
CA HIS B 184 -23.55 -17.16 -11.17
C HIS B 184 -22.91 -15.96 -10.46
N PHE B 185 -23.52 -15.56 -9.35
CA PHE B 185 -23.05 -14.43 -8.57
C PHE B 185 -22.36 -14.96 -7.31
N SER B 186 -21.09 -14.58 -7.10
CA SER B 186 -20.31 -14.98 -5.93
C SER B 186 -20.00 -13.80 -5.03
N PRO B 187 -20.07 -13.98 -3.72
CA PRO B 187 -19.76 -12.88 -2.79
C PRO B 187 -18.26 -12.63 -2.62
N VAL B 188 -17.41 -13.54 -3.08
CA VAL B 188 -15.98 -13.44 -2.81
C VAL B 188 -15.35 -12.28 -3.59
N LEU B 189 -14.53 -11.48 -2.91
CA LEU B 189 -13.76 -10.46 -3.62
C LEU B 189 -12.80 -11.17 -4.56
N PHE B 190 -12.71 -10.69 -5.79
CA PHE B 190 -12.00 -11.43 -6.83
C PHE B 190 -10.59 -11.85 -6.44
N PRO B 191 -9.74 -11.02 -5.84
CA PRO B 191 -8.39 -11.50 -5.52
C PRO B 191 -8.38 -12.58 -4.44
N ASP B 192 -9.51 -12.84 -3.77
CA ASP B 192 -9.62 -13.92 -2.80
C ASP B 192 -10.13 -15.23 -3.41
N THR B 193 -10.54 -15.24 -4.67
CA THR B 193 -11.16 -16.42 -5.26
C THR B 193 -10.18 -17.58 -5.27
N THR B 194 -10.65 -18.74 -4.82
CA THR B 194 -9.88 -19.99 -4.82
C THR B 194 -10.46 -20.97 -5.83
N ARG B 195 -9.72 -22.05 -6.09
CA ARG B 195 -10.22 -23.08 -6.97
C ARG B 195 -11.50 -23.68 -6.41
N ALA B 196 -11.63 -23.73 -5.09
CA ALA B 196 -12.87 -24.21 -4.50
C ALA B 196 -14.05 -23.36 -4.94
N ASP B 197 -13.85 -22.04 -5.01
CA ASP B 197 -14.90 -21.14 -5.48
C ASP B 197 -15.24 -21.41 -6.95
N PHE B 198 -14.22 -21.57 -7.78
CA PHE B 198 -14.45 -21.84 -9.21
C PHE B 198 -15.15 -23.16 -9.41
N ASP B 199 -14.73 -24.20 -8.68
CA ASP B 199 -15.38 -25.50 -8.82
C ASP B 199 -16.83 -25.43 -8.35
N ALA B 200 -17.10 -24.66 -7.28
CA ALA B 200 -18.48 -24.49 -6.82
C ALA B 200 -19.33 -23.73 -7.83
N ALA B 201 -18.75 -22.70 -8.48
CA ALA B 201 -19.48 -21.97 -9.51
C ALA B 201 -19.87 -22.87 -10.68
N LEU B 202 -18.92 -23.66 -11.17
CA LEU B 202 -19.20 -24.50 -12.33
C LEU B 202 -20.15 -25.64 -11.96
N LYS B 203 -20.03 -26.20 -10.76
CA LYS B 203 -20.99 -27.19 -10.30
C LYS B 203 -22.41 -26.63 -10.38
N ASP B 204 -22.64 -25.45 -9.80
CA ASP B 204 -23.92 -24.77 -9.95
C ASP B 204 -24.27 -24.54 -11.42
N LEU B 205 -23.34 -23.96 -12.19
CA LEU B 205 -23.65 -23.61 -13.57
C LEU B 205 -23.95 -24.84 -14.41
N ARG B 206 -23.17 -25.90 -14.24
CA ARG B 206 -23.36 -27.11 -15.03
C ARG B 206 -24.66 -27.82 -14.66
N ALA B 207 -25.18 -27.59 -13.45
CA ALA B 207 -26.44 -28.19 -13.01
C ALA B 207 -27.68 -27.49 -13.60
N ARG B 208 -27.52 -26.72 -14.67
CA ARG B 208 -28.64 -25.98 -15.24
C ARG B 208 -28.75 -26.14 -16.76
N MET C 1 8.57 -10.09 20.03
CA MET C 1 8.42 -9.85 21.48
C MET C 1 7.01 -10.12 21.98
N THR C 2 6.91 -10.78 23.14
CA THR C 2 5.62 -10.99 23.78
C THR C 2 5.53 -10.48 25.21
N THR C 3 6.63 -10.15 25.87
CA THR C 3 6.59 -9.70 27.26
C THR C 3 7.27 -8.36 27.40
N LEU C 4 6.50 -7.35 27.82
CA LEU C 4 6.95 -5.97 27.86
C LEU C 4 6.83 -5.42 29.27
N MET C 5 7.81 -4.61 29.69
CA MET C 5 7.75 -3.93 30.97
C MET C 5 7.74 -2.43 30.73
N LEU C 6 6.75 -1.75 31.28
CA LEU C 6 6.58 -0.31 31.13
C LEU C 6 6.83 0.37 32.45
N LEU C 7 7.67 1.40 32.43
CA LEU C 7 7.98 2.23 33.60
C LEU C 7 7.37 3.60 33.33
N PRO C 8 6.15 3.88 33.81
CA PRO C 8 5.53 5.19 33.54
C PRO C 8 6.06 6.24 34.50
N ASP C 9 6.77 7.20 33.95
CA ASP C 9 7.45 8.20 34.75
C ASP C 9 7.09 9.60 34.26
N GLY C 10 7.09 10.57 35.18
CA GLY C 10 6.91 11.96 34.83
C GLY C 10 5.56 12.60 35.14
N MET C 11 4.73 11.98 35.95
CA MET C 11 3.43 12.52 36.26
C MET C 11 3.47 13.87 36.96
N ARG C 12 4.44 14.07 37.81
CA ARG C 12 4.53 15.33 38.53
C ARG C 12 4.90 16.46 37.58
N ARG C 13 5.94 16.24 36.76
CA ARG C 13 6.33 17.24 35.77
C ARG C 13 5.19 17.55 34.81
N TRP C 14 4.43 16.53 34.42
CA TRP C 14 3.31 16.72 33.51
C TRP C 14 2.21 17.57 34.16
N SER C 15 1.92 17.31 35.42
CA SER C 15 0.91 18.10 36.14
C SER C 15 1.33 19.56 36.22
N GLU C 16 2.59 19.80 36.59
CA GLU C 16 3.10 21.17 36.69
C GLU C 16 3.07 21.86 35.35
N LYS C 17 3.48 21.16 34.30
CA LYS C 17 3.50 21.75 32.97
C LYS C 17 2.11 22.13 32.51
N ASN C 18 1.10 21.33 32.85
CA ASN C 18 -0.28 21.55 32.42
C ASN C 18 -1.13 22.31 33.42
N GLY C 19 -0.56 22.78 34.53
CA GLY C 19 -1.35 23.57 35.47
C GLY C 19 -2.51 22.83 36.10
N VAL C 20 -2.34 21.55 36.39
CA VAL C 20 -3.39 20.74 36.98
C VAL C 20 -2.86 20.13 38.27
N SER C 21 -3.77 19.53 39.04
CA SER C 21 -3.37 18.88 40.28
C SER C 21 -2.62 17.58 40.01
N LEU C 22 -1.86 17.14 41.01
CA LEU C 22 -1.16 15.87 40.85
C LEU C 22 -2.15 14.73 40.73
N ASP C 23 -3.29 14.84 41.41
CA ASP C 23 -4.38 13.88 41.24
C ASP C 23 -4.79 13.78 39.78
N ASP C 24 -4.84 14.92 39.07
CA ASP C 24 -5.20 14.91 37.65
C ASP C 24 -4.10 14.30 36.79
N GLY C 25 -2.84 14.50 37.17
CA GLY C 25 -1.76 13.85 36.45
C GLY C 25 -1.86 12.35 36.52
N TYR C 26 -2.11 11.82 37.73
CA TYR C 26 -2.30 10.40 37.90
C TYR C 26 -3.57 9.89 37.23
N ALA C 27 -4.61 10.72 37.13
CA ALA C 27 -5.78 10.30 36.35
C ALA C 27 -5.43 10.18 34.88
N ALA C 28 -4.66 11.13 34.36
CA ALA C 28 -4.18 11.03 32.98
C ALA C 28 -3.24 9.84 32.79
N MET C 29 -2.43 9.53 33.80
CA MET C 29 -1.61 8.32 33.72
C MET C 29 -2.51 7.09 33.56
N GLY C 30 -3.53 6.98 34.39
CA GLY C 30 -4.42 5.84 34.32
C GLY C 30 -5.06 5.67 32.95
N ASP C 31 -5.53 6.79 32.37
CA ASP C 31 -6.10 6.74 31.01
C ASP C 31 -5.06 6.30 29.98
N LYS C 32 -3.85 6.85 30.08
CA LYS C 32 -2.80 6.47 29.14
C LYS C 32 -2.46 5.00 29.27
N ILE C 33 -2.45 4.45 30.50
CA ILE C 33 -2.19 3.03 30.66
C ILE C 33 -3.23 2.21 29.90
N ILE C 34 -4.49 2.59 29.99
CA ILE C 34 -5.53 1.87 29.26
C ILE C 34 -5.31 1.99 27.75
N GLU C 35 -4.97 3.19 27.27
CA GLU C 35 -4.66 3.39 25.87
C GLU C 35 -3.43 2.58 25.46
N PHE C 36 -2.40 2.59 26.31
CA PHE C 36 -1.15 1.89 25.99
C PHE C 36 -1.37 0.39 25.94
N MET C 37 -2.18 -0.13 26.84
CA MET C 37 -2.48 -1.55 26.83
C MET C 37 -3.12 -1.97 25.52
N GLY C 38 -4.01 -1.13 24.98
CA GLY C 38 -4.59 -1.44 23.69
C GLY C 38 -3.55 -1.49 22.58
N TRP C 39 -2.63 -0.53 22.58
CA TRP C 39 -1.53 -0.57 21.62
C TRP C 39 -0.73 -1.86 21.76
N ALA C 40 -0.44 -2.28 22.99
CA ALA C 40 0.40 -3.47 23.20
C ALA C 40 -0.29 -4.73 22.69
N LYS C 41 -1.59 -4.87 22.96
CA LYS C 41 -2.35 -6.01 22.47
C LYS C 41 -2.33 -6.07 20.94
N GLU C 42 -2.46 -4.91 20.27
CA GLU C 42 -2.45 -4.90 18.81
C GLU C 42 -1.10 -5.32 18.27
N GLU C 43 -0.04 -5.08 19.02
CA GLU C 43 1.31 -5.36 18.55
C GLU C 43 1.76 -6.72 19.03
N GLY C 44 0.83 -7.51 19.57
CA GLY C 44 1.12 -8.88 19.94
C GLY C 44 1.77 -9.12 21.28
N VAL C 45 1.84 -8.16 22.19
CA VAL C 45 2.39 -8.54 23.49
C VAL C 45 1.30 -9.28 24.25
N LYS C 46 1.69 -10.34 24.95
CA LYS C 46 0.77 -11.17 25.71
C LYS C 46 0.82 -10.87 27.20
N THR C 47 1.96 -10.38 27.70
CA THR C 47 2.15 -10.05 29.11
C THR C 47 2.74 -8.66 29.21
N LEU C 48 2.04 -7.78 29.91
CA LEU C 48 2.49 -6.42 30.14
C LEU C 48 2.71 -6.23 31.63
N TYR C 49 3.97 -6.06 32.03
CA TYR C 49 4.32 -5.70 33.41
C TYR C 49 4.37 -4.19 33.47
N ILE C 50 3.75 -3.62 34.51
CA ILE C 50 3.85 -2.19 34.79
C ILE C 50 4.37 -2.01 36.20
N THR C 51 5.42 -1.22 36.33
CA THR C 51 5.96 -0.94 37.65
C THR C 51 5.12 0.17 38.29
N ALA C 52 4.21 -0.20 39.19
CA ALA C 52 3.42 0.81 39.87
C ALA C 52 4.27 1.63 40.84
N SER C 53 5.28 1.03 41.46
CA SER C 53 6.05 1.81 42.42
C SER C 53 7.36 1.12 42.75
N SER C 54 8.32 1.92 43.18
CA SER C 54 9.53 1.43 43.82
C SER C 54 9.30 1.36 45.33
N ALA C 55 10.18 0.65 46.03
CA ALA C 55 10.05 0.63 47.48
C ALA C 55 10.17 2.04 48.05
N ALA C 56 11.06 2.85 47.49
CA ALA C 56 11.24 4.20 48.00
C ALA C 56 10.00 5.04 47.81
N ASN C 57 9.24 4.82 46.73
CA ASN C 57 8.03 5.60 46.52
C ASN C 57 7.06 5.42 47.67
N HIS C 58 7.07 4.25 48.32
CA HIS C 58 6.14 4.02 49.42
C HIS C 58 6.61 4.64 50.72
N GLY C 59 7.79 5.24 50.72
CA GLY C 59 8.26 5.99 51.87
C GLY C 59 7.80 7.43 51.83
N ARG C 60 7.20 7.84 50.71
CA ARG C 60 6.51 9.11 50.60
C ARG C 60 5.40 9.18 51.64
N PRO C 61 4.77 10.33 51.84
CA PRO C 61 3.70 10.41 52.83
C PRO C 61 2.54 9.49 52.49
N GLU C 62 1.75 9.19 53.52
CA GLU C 62 0.67 8.22 53.38
C GLU C 62 -0.42 8.71 52.43
N ALA C 63 -0.65 10.02 52.35
CA ALA C 63 -1.65 10.54 51.42
C ALA C 63 -1.12 10.60 50.00
N ALA C 64 0.16 10.95 49.82
CA ALA C 64 0.75 10.93 48.48
C ALA C 64 0.83 9.50 47.93
N VAL C 65 1.08 8.51 48.80
CA VAL C 65 1.05 7.12 48.37
C VAL C 65 -0.36 6.73 47.96
N ASN C 66 -1.37 7.08 48.78
CA ASN C 66 -2.74 6.74 48.39
C ASN C 66 -3.09 7.36 47.04
N THR C 67 -2.52 8.51 46.73
CA THR C 67 -2.81 9.16 45.46
C THR C 67 -2.40 8.29 44.29
N PHE C 68 -1.16 7.80 44.28
CA PHE C 68 -0.79 6.97 43.13
C PHE C 68 -1.41 5.58 43.21
N MET C 69 -1.51 5.00 44.42
CA MET C 69 -2.16 3.69 44.54
C MET C 69 -3.61 3.74 44.06
N GLU C 70 -4.30 4.84 44.34
CA GLU C 70 -5.69 4.92 43.86
C GLU C 70 -5.75 4.98 42.34
N ALA C 71 -4.86 5.74 41.71
CA ALA C 71 -4.89 5.84 40.26
C ALA C 71 -4.59 4.49 39.60
N PHE C 72 -3.58 3.76 40.08
CA PHE C 72 -3.30 2.45 39.51
C PHE C 72 -4.45 1.50 39.75
N THR C 73 -5.05 1.53 40.94
CA THR C 73 -6.16 0.63 41.25
C THR C 73 -7.38 0.93 40.38
N GLU C 74 -7.66 2.21 40.15
CA GLU C 74 -8.82 2.58 39.33
C GLU C 74 -8.75 1.96 37.94
N VAL C 75 -7.55 1.89 37.36
CA VAL C 75 -7.39 1.26 36.05
C VAL C 75 -7.97 -0.14 36.07
N ILE C 76 -7.66 -0.90 37.14
CA ILE C 76 -8.09 -2.29 37.19
C ILE C 76 -9.58 -2.38 37.50
N ARG C 77 -10.11 -1.46 38.29
CA ARG C 77 -11.56 -1.46 38.52
C ARG C 77 -12.30 -1.35 37.19
N ARG C 78 -11.77 -0.54 36.28
CA ARG C 78 -12.45 -0.27 35.03
C ARG C 78 -12.27 -1.37 34.00
N CYS C 79 -11.13 -2.05 33.98
CA CYS C 79 -10.83 -2.93 32.86
C CYS C 79 -10.53 -4.38 33.23
N HIS C 80 -10.76 -4.81 34.48
CA HIS C 80 -10.32 -6.15 34.88
C HIS C 80 -11.01 -7.26 34.10
N SER C 81 -12.11 -6.99 33.41
CA SER C 81 -12.74 -8.05 32.64
C SER C 81 -12.05 -8.24 31.30
N GLN C 82 -11.18 -7.32 30.90
CA GLN C 82 -10.49 -7.33 29.62
C GLN C 82 -9.15 -8.07 29.64
N PHE C 83 -8.75 -8.64 30.78
CA PHE C 83 -7.44 -9.28 30.86
C PHE C 83 -7.36 -10.09 32.14
N LYS C 84 -6.28 -10.87 32.25
CA LYS C 84 -5.92 -11.54 33.48
C LYS C 84 -5.09 -10.56 34.31
N PHE C 85 -5.49 -10.32 35.55
CA PHE C 85 -4.75 -9.37 36.39
C PHE C 85 -4.02 -10.11 37.49
N ASP C 86 -2.79 -9.68 37.74
CA ASP C 86 -2.02 -10.19 38.88
C ASP C 86 -1.11 -9.06 39.33
N PHE C 87 -0.54 -9.24 40.51
CA PHE C 87 0.39 -8.26 41.04
C PHE C 87 1.35 -8.96 41.98
N SER C 88 2.50 -8.34 42.21
CA SER C 88 3.51 -8.91 43.10
C SER C 88 4.43 -7.78 43.55
N GLY C 89 5.38 -8.12 44.42
CA GLY C 89 6.37 -7.16 44.87
C GLY C 89 6.55 -7.15 46.38
N SER C 90 6.94 -5.99 46.93
CA SER C 90 7.17 -5.81 48.36
C SER C 90 5.83 -5.52 49.06
N LEU C 91 4.99 -6.54 49.11
CA LEU C 91 3.63 -6.33 49.63
C LEU C 91 3.64 -5.84 51.06
N ASP C 92 4.71 -6.11 51.80
CA ASP C 92 4.83 -5.59 53.15
C ASP C 92 4.84 -4.08 53.23
N LEU C 93 5.03 -3.37 52.10
CA LEU C 93 5.04 -1.91 52.10
C LEU C 93 3.70 -1.30 51.73
N VAL C 94 2.76 -2.11 51.30
CA VAL C 94 1.48 -1.64 50.75
C VAL C 94 0.41 -1.71 51.84
N SER C 95 -0.50 -0.76 51.84
CA SER C 95 -1.55 -0.74 52.85
C SER C 95 -2.52 -1.91 52.66
N GLU C 96 -3.18 -2.29 53.75
CA GLU C 96 -4.18 -3.36 53.70
C GLU C 96 -5.32 -3.02 52.73
N ASP C 97 -5.76 -1.78 52.72
CA ASP C 97 -6.88 -1.40 51.84
C ASP C 97 -6.57 -1.75 50.39
N TYR C 98 -5.37 -1.41 49.92
CA TYR C 98 -5.07 -1.67 48.51
C TYR C 98 -4.76 -3.13 48.25
N LEU C 99 -4.06 -3.82 49.16
CA LEU C 99 -3.79 -5.23 48.94
C LEU C 99 -5.10 -6.02 48.86
N THR C 100 -6.05 -5.69 49.73
CA THR C 100 -7.34 -6.37 49.71
C THR C 100 -8.10 -6.09 48.41
N GLU C 101 -8.14 -4.83 47.98
CA GLU C 101 -8.88 -4.53 46.77
C GLU C 101 -8.21 -5.12 45.54
N LEU C 102 -6.87 -5.06 45.48
CA LEU C 102 -6.18 -5.63 44.33
C LEU C 102 -6.36 -7.14 44.29
N SER C 103 -6.36 -7.81 45.44
CA SER C 103 -6.63 -9.24 45.47
C SER C 103 -8.05 -9.54 44.96
N ALA C 104 -9.03 -8.74 45.38
CA ALA C 104 -10.39 -8.94 44.89
C ALA C 104 -10.45 -8.74 43.38
N LEU C 105 -9.81 -7.68 42.87
CA LEU C 105 -9.83 -7.46 41.44
C LEU C 105 -9.08 -8.55 40.68
N ARG C 106 -8.03 -9.11 41.27
CA ARG C 106 -7.35 -10.24 40.63
C ARG C 106 -8.32 -11.42 40.50
N ASP C 107 -9.06 -11.70 41.57
CA ASP C 107 -9.98 -12.84 41.53
C ASP C 107 -11.10 -12.65 40.53
N LYS C 108 -11.56 -11.42 40.33
CA LYS C 108 -12.64 -11.20 39.39
C LYS C 108 -12.15 -10.94 37.97
N SER C 109 -10.84 -10.89 37.74
CA SER C 109 -10.35 -10.66 36.39
C SER C 109 -10.54 -11.92 35.56
N ASP C 110 -10.39 -11.77 34.27
CA ASP C 110 -10.63 -12.86 33.33
C ASP C 110 -9.48 -13.84 33.37
N SER C 111 -9.62 -14.91 34.17
CA SER C 111 -8.58 -15.92 34.28
C SER C 111 -8.27 -16.58 32.95
N GLU C 112 -9.19 -16.55 32.00
CA GLU C 112 -9.00 -17.21 30.73
C GLU C 112 -8.56 -16.24 29.63
N SER C 113 -8.24 -14.99 29.98
CA SER C 113 -7.82 -14.07 28.95
C SER C 113 -6.44 -14.44 28.43
N ASP C 114 -6.20 -14.08 27.17
CA ASP C 114 -4.92 -14.27 26.51
C ASP C 114 -3.90 -13.22 26.90
N PHE C 115 -4.33 -12.13 27.50
CA PHE C 115 -3.48 -10.99 27.83
C PHE C 115 -3.39 -10.85 29.35
N THR C 116 -2.17 -10.67 29.85
CA THR C 116 -1.92 -10.47 31.28
C THR C 116 -1.39 -9.07 31.50
N LEU C 117 -2.00 -8.36 32.44
CA LEU C 117 -1.51 -7.09 32.95
C LEU C 117 -1.09 -7.35 34.39
N HIS C 118 0.19 -7.10 34.70
CA HIS C 118 0.75 -7.50 35.99
C HIS C 118 1.42 -6.28 36.62
N TYR C 119 0.98 -5.92 37.82
CA TYR C 119 1.54 -4.79 38.54
C TYR C 119 2.68 -5.25 39.44
N ILE C 120 3.81 -4.55 39.42
CA ILE C 120 4.84 -4.75 40.43
C ILE C 120 4.82 -3.54 41.37
N LEU C 121 4.68 -3.80 42.66
CA LEU C 121 4.61 -2.78 43.71
C LEU C 121 5.87 -2.81 44.56
N GLY C 122 6.36 -1.63 44.93
CA GLY C 122 7.51 -1.53 45.83
C GLY C 122 8.73 -2.24 45.30
N MET C 123 9.00 -2.09 44.00
CA MET C 123 10.07 -2.85 43.38
C MET C 123 11.43 -2.34 43.85
N SER C 124 12.36 -3.27 44.08
CA SER C 124 13.69 -2.96 44.58
C SER C 124 14.50 -4.24 44.70
N LEU C 125 15.64 -4.33 44.00
CA LEU C 125 16.40 -5.57 44.04
C LEU C 125 16.79 -5.94 45.46
N SER C 126 17.27 -4.97 46.25
CA SER C 126 17.70 -5.31 47.60
C SER C 126 16.52 -5.78 48.45
N HIS C 127 15.38 -5.11 48.34
CA HIS C 127 14.20 -5.53 49.08
C HIS C 127 13.76 -6.91 48.66
N GLU C 128 13.75 -7.18 47.36
CA GLU C 128 13.34 -8.48 46.85
C GLU C 128 14.25 -9.59 47.38
N VAL C 129 15.56 -9.36 47.33
CA VAL C 129 16.50 -10.41 47.71
C VAL C 129 16.43 -10.69 49.22
N VAL C 130 16.41 -9.64 50.02
CA VAL C 130 16.29 -9.79 51.47
C VAL C 130 15.06 -10.62 51.81
N GLY C 131 13.92 -10.24 51.23
CA GLY C 131 12.68 -10.97 51.51
C GLY C 131 12.77 -12.42 51.11
N ILE C 132 13.34 -12.68 49.94
CA ILE C 132 13.52 -14.05 49.49
C ILE C 132 14.46 -14.80 50.43
N PHE C 133 15.54 -14.17 50.87
CA PHE C 133 16.44 -14.87 51.78
C PHE C 133 15.71 -15.23 53.07
N ASN C 134 15.05 -14.25 53.68
CA ASN C 134 14.41 -14.46 54.96
C ASN C 134 13.25 -15.44 54.85
N LYS C 135 12.65 -15.58 53.67
CA LYS C 135 11.64 -16.61 53.48
C LYS C 135 12.24 -18.00 53.55
N LEU C 136 13.37 -18.22 52.90
CA LEU C 136 13.91 -19.55 52.69
C LEU C 136 15.03 -19.91 53.66
N ASN C 137 15.51 -18.95 54.45
CA ASN C 137 16.62 -19.14 55.39
C ASN C 137 16.37 -20.31 56.31
N GLY C 138 17.25 -21.31 56.23
CA GLY C 138 17.16 -22.47 57.08
C GLY C 138 16.08 -23.46 56.71
N LYS C 139 15.32 -23.19 55.65
CA LYS C 139 14.24 -24.07 55.24
C LYS C 139 14.59 -24.88 54.02
N ILE C 140 15.65 -24.55 53.30
CA ILE C 140 15.98 -25.36 52.13
C ILE C 140 17.46 -25.70 52.17
N PRO C 141 17.88 -26.80 51.55
CA PRO C 141 19.31 -27.17 51.55
C PRO C 141 20.14 -26.21 50.73
N GLU C 142 19.68 -25.86 49.53
CA GLU C 142 20.45 -24.91 48.75
C GLU C 142 19.57 -24.19 47.74
N MET C 143 19.95 -22.96 47.45
CA MET C 143 19.29 -22.16 46.42
C MET C 143 19.78 -22.55 45.03
N THR C 144 18.86 -22.59 44.07
CA THR C 144 19.23 -22.77 42.69
C THR C 144 18.60 -21.65 41.89
N GLU C 145 19.03 -21.52 40.63
CA GLU C 145 18.42 -20.50 39.77
C GLU C 145 16.93 -20.74 39.59
N GLU C 146 16.54 -22.00 39.46
CA GLU C 146 15.12 -22.32 39.30
C GLU C 146 14.32 -21.91 40.53
N ILE C 147 14.88 -22.11 41.73
CA ILE C 147 14.18 -21.70 42.94
C ILE C 147 14.13 -20.19 43.06
N LEU C 148 15.23 -19.52 42.73
CA LEU C 148 15.22 -18.06 42.74
C LEU C 148 14.17 -17.52 41.77
N ALA C 149 14.07 -18.12 40.58
CA ALA C 149 13.11 -17.64 39.59
C ALA C 149 11.68 -17.77 40.09
N GLU C 150 11.39 -18.84 40.85
CA GLU C 150 10.06 -19.06 41.40
C GLU C 150 9.72 -18.07 42.49
N ASN C 151 10.72 -17.40 43.05
CA ASN C 151 10.49 -16.47 44.15
C ASN C 151 10.66 -15.01 43.74
N ALA C 152 11.11 -14.74 42.53
CA ALA C 152 11.33 -13.36 42.12
C ALA C 152 10.02 -12.62 41.92
N TYR C 153 10.07 -11.29 42.09
CA TYR C 153 8.91 -10.43 41.88
C TYR C 153 8.32 -10.61 40.49
N VAL C 154 9.17 -10.56 39.47
CA VAL C 154 8.73 -10.69 38.09
C VAL C 154 8.80 -12.17 37.73
N PRO C 155 7.67 -12.85 37.53
CA PRO C 155 7.71 -14.31 37.42
C PRO C 155 8.10 -14.85 36.05
N THR C 156 8.28 -14.02 35.03
CA THR C 156 8.66 -14.54 33.73
C THR C 156 9.78 -13.67 33.18
N GLN C 157 10.24 -14.03 31.98
CA GLN C 157 11.34 -13.33 31.33
C GLN C 157 10.80 -12.13 30.57
N VAL C 158 11.46 -10.98 30.75
CA VAL C 158 11.06 -9.72 30.12
C VAL C 158 11.87 -9.51 28.84
N ASP C 159 11.19 -9.29 27.73
CA ASP C 159 11.90 -9.07 26.47
C ASP C 159 12.37 -7.63 26.35
N TYR C 160 11.51 -6.68 26.70
CA TYR C 160 11.74 -5.28 26.37
C TYR C 160 11.29 -4.44 27.55
N ILE C 161 12.06 -3.40 27.86
CA ILE C 161 11.68 -2.45 28.88
C ILE C 161 11.61 -1.08 28.24
N ILE C 162 10.50 -0.39 28.45
CA ILE C 162 10.35 1.00 28.02
C ILE C 162 10.27 1.87 29.27
N ARG C 163 11.18 2.82 29.40
CA ARG C 163 11.14 3.80 30.47
C ARG C 163 10.83 5.18 29.89
N THR C 164 9.69 5.75 30.27
CA THR C 164 9.32 7.09 29.84
C THR C 164 9.90 8.10 30.82
N GLY C 165 9.71 9.38 30.53
CA GLY C 165 10.10 10.42 31.47
C GLY C 165 11.51 10.97 31.36
N GLY C 166 12.31 10.52 30.39
CA GLY C 166 13.60 11.13 30.10
C GLY C 166 14.80 10.65 30.91
N ALA C 167 14.60 9.93 32.00
CA ALA C 167 15.75 9.47 32.77
C ALA C 167 16.38 8.24 32.12
N ILE C 168 17.71 8.22 32.03
CA ILE C 168 18.43 7.08 31.47
C ILE C 168 19.11 6.35 32.62
N ARG C 169 18.31 5.59 33.35
CA ARG C 169 18.68 4.81 34.51
C ARG C 169 17.52 3.87 34.78
N MET C 170 17.78 2.81 35.55
CA MET C 170 16.78 1.82 35.86
C MET C 170 16.10 2.09 37.20
N SER C 171 16.65 2.98 38.00
CA SER C 171 16.12 3.26 39.33
C SER C 171 16.06 1.92 40.04
N SER C 172 14.97 1.55 40.69
CA SER C 172 14.93 0.23 41.34
C SER C 172 14.20 -0.82 40.53
N PHE C 173 14.02 -0.63 39.22
CA PHE C 173 13.10 -1.47 38.48
C PHE C 173 13.77 -2.52 37.61
N PHE C 174 15.08 -2.78 37.78
CA PHE C 174 15.69 -3.82 36.95
C PHE C 174 15.11 -5.16 37.33
N PRO C 175 14.67 -5.98 36.37
CA PRO C 175 14.04 -7.27 36.69
C PRO C 175 15.08 -8.35 36.94
N LEU C 176 15.13 -8.84 38.20
CA LEU C 176 16.17 -9.78 38.64
C LEU C 176 16.50 -10.88 37.63
N MET C 177 15.52 -11.60 37.12
CA MET C 177 15.80 -12.77 36.30
C MET C 177 15.76 -12.52 34.80
N SER C 178 15.81 -11.27 34.36
CA SER C 178 15.72 -10.94 32.93
C SER C 178 16.93 -10.13 32.50
N PRO C 179 18.14 -10.70 32.58
CA PRO C 179 19.32 -9.89 32.28
C PRO C 179 19.29 -9.32 30.87
N TYR C 180 18.81 -10.09 29.90
CA TYR C 180 18.93 -9.73 28.49
C TYR C 180 17.77 -8.89 27.98
N ALA C 181 16.99 -8.32 28.87
CA ALA C 181 15.96 -7.38 28.42
C ALA C 181 16.61 -6.22 27.67
N GLU C 182 16.05 -5.87 26.52
CA GLU C 182 16.49 -4.69 25.80
C GLU C 182 15.84 -3.46 26.41
N LEU C 183 16.61 -2.39 26.56
CA LEU C 183 16.10 -1.18 27.19
C LEU C 183 15.82 -0.10 26.14
N HIS C 184 14.67 0.58 26.27
CA HIS C 184 14.32 1.72 25.43
C HIS C 184 13.97 2.89 26.34
N PHE C 185 14.70 3.98 26.21
CA PHE C 185 14.48 5.17 27.03
C PHE C 185 13.80 6.24 26.17
N SER C 186 12.65 6.74 26.64
CA SER C 186 11.93 7.79 25.94
C SER C 186 11.91 9.08 26.75
N PRO C 187 12.15 10.22 26.10
CA PRO C 187 12.15 11.50 26.83
C PRO C 187 10.75 12.00 27.15
N VAL C 188 9.74 11.41 26.53
CA VAL C 188 8.36 11.87 26.66
C VAL C 188 7.85 11.61 28.06
N LEU C 189 7.18 12.61 28.64
CA LEU C 189 6.47 12.40 29.90
C LEU C 189 5.32 11.43 29.65
N PHE C 190 5.13 10.48 30.58
CA PHE C 190 4.20 9.39 30.31
C PHE C 190 2.80 9.84 29.87
N PRO C 191 2.13 10.81 30.50
CA PRO C 191 0.79 11.19 30.02
C PRO C 191 0.79 11.85 28.64
N ASP C 192 1.95 12.23 28.12
CA ASP C 192 2.10 12.77 26.77
C ASP C 192 2.38 11.69 25.73
N THR C 193 2.55 10.45 26.15
CA THR C 193 2.92 9.38 25.22
C THR C 193 1.85 9.22 24.14
N THR C 194 2.30 9.20 22.88
CA THR C 194 1.43 8.96 21.73
C THR C 194 1.73 7.59 21.13
N ARG C 195 0.85 7.13 20.24
CA ARG C 195 1.11 5.86 19.60
C ARG C 195 2.36 5.92 18.76
N ALA C 196 2.68 7.10 18.23
CA ALA C 196 3.94 7.26 17.50
C ALA C 196 5.14 7.00 18.42
N ASP C 197 5.07 7.42 19.69
CA ASP C 197 6.17 7.10 20.61
C ASP C 197 6.30 5.60 20.79
N PHE C 198 5.17 4.91 20.93
CA PHE C 198 5.20 3.46 21.09
C PHE C 198 5.74 2.79 19.82
N ASP C 199 5.33 3.28 18.65
CA ASP C 199 5.82 2.68 17.42
C ASP C 199 7.32 2.89 17.27
N ALA C 200 7.83 4.08 17.65
CA ALA C 200 9.27 4.29 17.60
C ALA C 200 9.99 3.34 18.54
N ALA C 201 9.40 3.08 19.71
CA ALA C 201 10.01 2.13 20.64
C ALA C 201 10.13 0.77 19.99
N LEU C 202 9.05 0.31 19.36
CA LEU C 202 9.07 -0.99 18.73
C LEU C 202 9.95 -1.01 17.47
N LYS C 203 9.99 0.09 16.71
CA LYS C 203 10.89 0.12 15.55
C LYS C 203 12.34 0.08 16.01
N ASP C 204 12.64 0.72 17.13
CA ASP C 204 13.96 0.58 17.71
C ASP C 204 14.25 -0.89 18.02
N LEU C 205 13.30 -1.58 18.65
CA LEU C 205 13.52 -2.99 18.96
C LEU C 205 13.58 -3.88 17.72
N ARG C 206 12.68 -3.74 16.79
CA ARG C 206 12.78 -4.62 15.66
C ARG C 206 14.15 -4.45 14.97
N ALA C 207 14.72 -3.26 14.98
CA ALA C 207 15.98 -3.06 14.27
C ALA C 207 17.12 -3.72 15.03
N ARG C 208 17.07 -3.68 16.35
CA ARG C 208 18.08 -4.37 17.15
C ARG C 208 18.08 -5.86 16.85
N ASP C 209 16.90 -6.46 16.68
CA ASP C 209 16.75 -7.90 16.45
C ASP C 209 17.03 -8.29 15.02
N ARG C 210 17.38 -7.34 14.18
CA ARG C 210 17.81 -7.65 12.84
C ARG C 210 19.28 -7.26 12.69
N ARG C 211 19.90 -6.76 13.77
CA ARG C 211 21.27 -6.31 13.79
C ARG C 211 21.58 -5.39 12.63
N PHE C 212 20.86 -4.27 12.52
CA PHE C 212 21.04 -3.36 11.38
C PHE C 212 22.42 -2.74 11.11
N GLY C 213 22.91 -1.96 12.05
CA GLY C 213 24.21 -1.34 11.93
C GLY C 213 25.17 -2.09 12.84
N GLY C 214 25.07 -3.41 12.80
CA GLY C 214 25.86 -4.29 13.61
C GLY C 214 25.42 -4.21 15.05
N TYR C 215 24.12 -3.97 15.31
CA TYR C 215 23.64 -3.91 16.69
C TYR C 215 23.93 -5.28 17.26
N PRO C 216 24.59 -5.33 18.41
CA PRO C 216 24.96 -6.63 18.98
C PRO C 216 23.79 -7.27 19.71
N ALA C 217 22.96 -8.00 18.96
CA ALA C 217 21.79 -8.65 19.54
C ALA C 217 22.19 -9.77 20.50
N MET D 1 26.22 7.28 -13.91
CA MET D 1 25.66 6.49 -15.01
C MET D 1 25.85 4.99 -14.78
N THR D 2 24.83 4.20 -15.15
CA THR D 2 24.95 2.76 -15.18
C THR D 2 25.09 2.28 -16.62
N THR D 3 26.00 1.34 -16.83
CA THR D 3 26.24 0.72 -18.12
C THR D 3 25.94 -0.77 -17.99
N LEU D 4 25.00 -1.25 -18.81
CA LEU D 4 24.53 -2.63 -18.75
C LEU D 4 24.76 -3.28 -20.12
N MET D 5 25.17 -4.54 -20.10
CA MET D 5 25.35 -5.31 -21.33
C MET D 5 24.38 -6.48 -21.28
N LEU D 6 23.55 -6.60 -22.31
CA LEU D 6 22.53 -7.64 -22.36
C LEU D 6 22.93 -8.69 -23.39
N LEU D 7 22.85 -9.96 -22.99
CA LEU D 7 23.14 -11.11 -23.84
C LEU D 7 21.82 -11.82 -24.15
N PRO D 8 21.19 -11.52 -25.28
CA PRO D 8 19.90 -12.14 -25.62
C PRO D 8 20.13 -13.52 -26.19
N ASP D 9 19.71 -14.54 -25.47
CA ASP D 9 19.93 -15.92 -25.87
C ASP D 9 18.61 -16.66 -25.81
N GLY D 10 18.49 -17.69 -26.66
CA GLY D 10 17.35 -18.60 -26.64
C GLY D 10 16.32 -18.47 -27.75
N MET D 11 16.60 -17.73 -28.83
CA MET D 11 15.57 -17.55 -29.84
C MET D 11 15.21 -18.84 -30.54
N ARG D 12 16.18 -19.76 -30.72
CA ARG D 12 15.88 -21.00 -31.43
C ARG D 12 14.99 -21.89 -30.59
N ARG D 13 15.34 -22.07 -29.32
CA ARG D 13 14.52 -22.90 -28.44
C ARG D 13 13.12 -22.31 -28.30
N TRP D 14 13.02 -20.99 -28.25
CA TRP D 14 11.72 -20.34 -28.13
C TRP D 14 10.86 -20.59 -29.35
N SER D 15 11.45 -20.54 -30.54
CA SER D 15 10.70 -20.80 -31.76
C SER D 15 10.15 -22.21 -31.80
N GLU D 16 11.00 -23.19 -31.50
CA GLU D 16 10.57 -24.58 -31.54
C GLU D 16 9.52 -24.87 -30.49
N LYS D 17 9.63 -24.23 -29.35
CA LYS D 17 8.70 -24.43 -28.27
C LYS D 17 7.36 -23.88 -28.65
N ASN D 18 7.33 -22.82 -29.40
CA ASN D 18 6.10 -22.20 -29.77
C ASN D 18 5.63 -22.54 -31.17
N GLY D 19 6.28 -23.47 -31.83
CA GLY D 19 5.92 -23.87 -33.17
C GLY D 19 5.95 -22.80 -34.24
N VAL D 20 6.88 -21.89 -34.18
CA VAL D 20 6.94 -20.85 -35.16
C VAL D 20 8.29 -20.82 -35.82
N SER D 21 8.47 -19.99 -36.83
CA SER D 21 9.72 -19.91 -37.55
C SER D 21 10.79 -19.20 -36.73
N LEU D 22 12.04 -19.42 -37.13
CA LEU D 22 13.14 -18.72 -36.46
C LEU D 22 13.07 -17.23 -36.77
N ASP D 23 12.56 -16.86 -37.95
CA ASP D 23 12.29 -15.46 -38.25
C ASP D 23 11.32 -14.87 -37.22
N ASP D 24 10.29 -15.63 -36.83
CA ASP D 24 9.36 -15.11 -35.84
C ASP D 24 10.02 -15.01 -34.47
N GLY D 25 10.94 -15.93 -34.17
CA GLY D 25 11.69 -15.82 -32.92
C GLY D 25 12.53 -14.57 -32.85
N TYR D 26 13.27 -14.28 -33.93
CA TYR D 26 14.08 -13.07 -33.93
C TYR D 26 13.21 -11.83 -33.96
N ALA D 27 12.02 -11.91 -34.55
CA ALA D 27 11.10 -10.78 -34.48
C ALA D 27 10.63 -10.53 -33.06
N ALA D 28 10.34 -11.61 -32.32
CA ALA D 28 9.99 -11.43 -30.91
C ALA D 28 11.17 -10.86 -30.13
N MET D 29 12.39 -11.29 -30.47
CA MET D 29 13.57 -10.72 -29.83
C MET D 29 13.63 -9.22 -30.06
N GLY D 30 13.43 -8.79 -31.30
CA GLY D 30 13.49 -7.37 -31.64
C GLY D 30 12.49 -6.55 -30.83
N ASP D 31 11.25 -7.04 -30.75
CA ASP D 31 10.24 -6.37 -29.93
C ASP D 31 10.66 -6.34 -28.48
N LYS D 32 11.12 -7.48 -27.96
CA LYS D 32 11.53 -7.56 -26.55
C LYS D 32 12.69 -6.62 -26.25
N ILE D 33 13.61 -6.44 -27.20
CA ILE D 33 14.69 -5.48 -26.99
C ILE D 33 14.12 -4.08 -26.77
N ILE D 34 13.17 -3.67 -27.60
CA ILE D 34 12.58 -2.34 -27.47
C ILE D 34 11.91 -2.18 -26.12
N GLU D 35 11.17 -3.21 -25.70
CA GLU D 35 10.55 -3.22 -24.39
C GLU D 35 11.61 -3.14 -23.29
N PHE D 36 12.71 -3.86 -23.48
CA PHE D 36 13.76 -3.90 -22.47
C PHE D 36 14.45 -2.56 -22.35
N MET D 37 14.64 -1.86 -23.48
CA MET D 37 15.20 -0.53 -23.45
C MET D 37 14.35 0.45 -22.65
N GLY D 38 13.02 0.33 -22.73
CA GLY D 38 12.17 1.19 -21.90
C GLY D 38 12.35 0.93 -20.42
N TRP D 39 12.40 -0.34 -20.02
CA TRP D 39 12.65 -0.67 -18.61
C TRP D 39 13.99 -0.13 -18.15
N ALA D 40 15.03 -0.33 -18.94
CA ALA D 40 16.37 0.13 -18.56
C ALA D 40 16.39 1.65 -18.43
N LYS D 41 15.73 2.34 -19.37
CA LYS D 41 15.67 3.80 -19.34
C LYS D 41 14.98 4.28 -18.07
N GLU D 42 13.92 3.59 -17.61
CA GLU D 42 13.33 3.97 -16.34
C GLU D 42 14.27 3.71 -15.17
N GLU D 43 15.18 2.76 -15.30
CA GLU D 43 15.99 2.37 -14.16
C GLU D 43 17.34 3.08 -14.14
N GLY D 44 17.47 4.13 -14.94
CA GLY D 44 18.65 4.96 -14.85
C GLY D 44 19.88 4.42 -15.55
N VAL D 45 19.76 3.38 -16.37
CA VAL D 45 20.93 2.99 -17.15
C VAL D 45 21.00 3.94 -18.32
N LYS D 46 22.18 4.47 -18.56
CA LYS D 46 22.38 5.41 -19.65
C LYS D 46 22.97 4.75 -20.89
N THR D 47 23.55 3.56 -20.74
CA THR D 47 24.17 2.85 -21.86
C THR D 47 23.78 1.39 -21.77
N LEU D 48 23.15 0.89 -22.82
CA LEU D 48 22.75 -0.50 -22.91
C LEU D 48 23.52 -1.09 -24.09
N TYR D 49 24.47 -1.98 -23.77
CA TYR D 49 25.18 -2.74 -24.78
C TYR D 49 24.41 -4.01 -25.03
N ILE D 50 24.19 -4.35 -26.30
CA ILE D 50 23.58 -5.61 -26.67
C ILE D 50 24.55 -6.37 -27.55
N THR D 51 24.81 -7.61 -27.19
CA THR D 51 25.71 -8.46 -27.96
C THR D 51 24.88 -8.99 -29.10
N ALA D 52 25.00 -8.37 -30.27
CA ALA D 52 24.22 -8.82 -31.42
C ALA D 52 24.69 -10.16 -31.93
N SER D 53 26.00 -10.42 -31.89
CA SER D 53 26.51 -11.66 -32.45
C SER D 53 27.91 -11.95 -31.93
N SER D 54 28.23 -13.21 -32.01
CA SER D 54 29.56 -13.65 -31.78
C SER D 54 30.24 -13.72 -33.13
N ALA D 55 31.54 -13.85 -33.13
CA ALA D 55 32.28 -14.00 -34.37
C ALA D 55 31.84 -15.28 -35.06
N ALA D 56 31.65 -16.36 -34.33
CA ALA D 56 31.21 -17.62 -34.87
C ALA D 56 29.87 -17.55 -35.56
N ASN D 57 28.95 -16.73 -35.09
CA ASN D 57 27.65 -16.53 -35.70
C ASN D 57 27.70 -16.04 -37.14
N HIS D 58 28.73 -15.31 -37.55
CA HIS D 58 28.87 -14.84 -38.90
C HIS D 58 29.48 -15.83 -39.88
N GLY D 59 29.73 -17.05 -39.42
CA GLY D 59 30.25 -18.10 -40.22
C GLY D 59 29.06 -18.86 -40.75
N ARG D 60 27.93 -18.76 -40.05
CA ARG D 60 26.72 -19.45 -40.47
C ARG D 60 26.39 -19.13 -41.93
N PRO D 61 25.45 -19.87 -42.55
CA PRO D 61 25.05 -19.53 -43.92
C PRO D 61 24.66 -18.06 -44.00
N GLU D 62 24.98 -17.47 -45.15
CA GLU D 62 24.56 -16.11 -45.42
C GLU D 62 23.07 -15.92 -45.14
N ALA D 63 22.27 -16.99 -45.21
CA ALA D 63 20.83 -16.84 -44.98
C ALA D 63 20.51 -16.74 -43.49
N ALA D 64 21.15 -17.57 -42.66
CA ALA D 64 20.93 -17.46 -41.22
C ALA D 64 21.50 -16.16 -40.67
N VAL D 65 22.62 -15.69 -41.24
CA VAL D 65 23.22 -14.44 -40.82
C VAL D 65 22.30 -13.27 -41.15
N ASN D 66 21.80 -13.20 -42.39
CA ASN D 66 20.90 -12.12 -42.73
C ASN D 66 19.66 -12.12 -41.86
N THR D 67 19.22 -13.30 -41.43
CA THR D 67 18.04 -13.38 -40.59
C THR D 67 18.23 -12.63 -39.27
N PHE D 68 19.29 -12.93 -38.53
CA PHE D 68 19.42 -12.22 -37.26
C PHE D 68 19.84 -10.76 -37.47
N MET D 69 20.65 -10.49 -38.49
CA MET D 69 21.03 -9.11 -38.77
C MET D 69 19.82 -8.26 -39.11
N GLU D 70 18.86 -8.83 -39.86
CA GLU D 70 17.68 -8.07 -40.21
C GLU D 70 16.88 -7.69 -38.99
N ALA D 71 16.72 -8.64 -38.05
CA ALA D 71 15.93 -8.37 -36.85
C ALA D 71 16.59 -7.29 -35.99
N PHE D 72 17.92 -7.36 -35.81
CA PHE D 72 18.58 -6.32 -35.03
C PHE D 72 18.49 -4.97 -35.73
N THR D 73 18.68 -4.94 -37.06
CA THR D 73 18.59 -3.68 -37.78
C THR D 73 17.17 -3.11 -37.72
N GLU D 74 16.17 -4.00 -37.77
CA GLU D 74 14.77 -3.56 -37.74
C GLU D 74 14.45 -2.76 -36.48
N VAL D 75 15.02 -3.17 -35.33
CA VAL D 75 14.82 -2.41 -34.10
C VAL D 75 15.27 -0.96 -34.28
N ILE D 76 16.44 -0.77 -34.88
CA ILE D 76 16.95 0.58 -34.97
C ILE D 76 16.12 1.37 -35.97
N ARG D 77 15.61 0.69 -36.97
CA ARG D 77 14.80 1.36 -37.96
C ARG D 77 13.58 2.02 -37.33
N ARG D 78 12.96 1.35 -36.39
CA ARG D 78 11.79 1.87 -35.77
C ARG D 78 12.09 2.87 -34.71
N CYS D 79 12.96 2.53 -33.77
CA CYS D 79 13.25 3.41 -32.65
C CYS D 79 14.47 4.24 -32.61
N HIS D 80 15.08 4.59 -33.72
CA HIS D 80 16.29 5.37 -33.66
C HIS D 80 16.22 6.81 -33.17
N SER D 81 15.02 7.38 -33.05
CA SER D 81 14.90 8.72 -32.57
C SER D 81 14.79 8.74 -31.08
N GLN D 82 14.54 7.61 -30.45
CA GLN D 82 14.35 7.60 -29.01
C GLN D 82 15.66 7.45 -28.25
N PHE D 83 16.77 7.41 -28.97
CA PHE D 83 18.05 7.21 -28.34
C PHE D 83 19.22 7.48 -29.22
N LYS D 84 20.41 7.41 -28.67
CA LYS D 84 21.59 7.59 -29.46
C LYS D 84 22.03 6.18 -29.86
N PHE D 85 22.28 5.95 -31.13
CA PHE D 85 22.71 4.63 -31.60
C PHE D 85 24.16 4.57 -32.04
N ASP D 86 24.83 3.48 -31.69
CA ASP D 86 26.19 3.24 -32.17
C ASP D 86 26.40 1.73 -32.23
N PHE D 87 27.47 1.31 -32.90
CA PHE D 87 27.80 -0.10 -32.97
C PHE D 87 29.30 -0.26 -33.16
N SER D 88 29.80 -1.45 -32.80
CA SER D 88 31.22 -1.73 -32.97
C SER D 88 31.44 -3.23 -33.00
N GLY D 89 32.70 -3.62 -33.27
CA GLY D 89 33.10 -5.01 -33.20
C GLY D 89 33.93 -5.47 -34.39
N SER D 90 33.80 -6.75 -34.73
CA SER D 90 34.53 -7.34 -35.85
C SER D 90 33.81 -6.99 -37.16
N LEU D 91 33.88 -5.72 -37.52
CA LEU D 91 33.14 -5.24 -38.67
C LEU D 91 33.60 -5.93 -39.94
N ASP D 92 34.84 -6.44 -39.94
CA ASP D 92 35.35 -7.19 -41.08
C ASP D 92 34.52 -8.42 -41.38
N LEU D 93 33.71 -8.88 -40.44
CA LEU D 93 32.86 -10.04 -40.61
C LEU D 93 31.44 -9.70 -41.05
N VAL D 94 31.08 -8.42 -41.11
CA VAL D 94 29.71 -8.01 -41.41
C VAL D 94 29.59 -7.61 -42.88
N SER D 95 28.42 -7.87 -43.46
CA SER D 95 28.18 -7.51 -44.85
C SER D 95 28.14 -5.99 -45.03
N GLU D 96 28.49 -5.55 -46.23
CA GLU D 96 28.42 -4.13 -46.56
C GLU D 96 27.00 -3.56 -46.40
N ASP D 97 25.98 -4.29 -46.86
CA ASP D 97 24.61 -3.81 -46.76
C ASP D 97 24.25 -3.42 -45.33
N TYR D 98 24.54 -4.30 -44.38
CA TYR D 98 24.16 -4.03 -43.00
C TYR D 98 25.06 -2.97 -42.37
N LEU D 99 26.36 -2.98 -42.70
CA LEU D 99 27.21 -1.91 -42.18
C LEU D 99 26.79 -0.55 -42.70
N THR D 100 26.43 -0.49 -43.99
CA THR D 100 25.99 0.77 -44.58
C THR D 100 24.69 1.26 -43.94
N GLU D 101 23.70 0.37 -43.77
CA GLU D 101 22.45 0.80 -43.14
C GLU D 101 22.64 1.14 -41.66
N LEU D 102 23.44 0.35 -40.93
CA LEU D 102 23.62 0.68 -39.52
C LEU D 102 24.33 2.02 -39.36
N SER D 103 25.31 2.31 -40.20
CA SER D 103 25.93 3.63 -40.12
C SER D 103 24.90 4.71 -40.44
N ALA D 104 24.04 4.45 -41.42
CA ALA D 104 23.00 5.43 -41.74
C ALA D 104 22.09 5.67 -40.54
N LEU D 105 21.67 4.58 -39.88
CA LEU D 105 20.79 4.74 -38.72
C LEU D 105 21.49 5.42 -37.56
N ARG D 106 22.81 5.21 -37.41
CA ARG D 106 23.53 5.95 -36.38
C ARG D 106 23.53 7.45 -36.68
N ASP D 107 23.79 7.83 -37.94
CA ASP D 107 23.79 9.24 -38.32
C ASP D 107 22.42 9.85 -38.12
N LYS D 108 21.38 9.05 -38.30
CA LYS D 108 19.99 9.47 -38.14
C LYS D 108 19.47 9.39 -36.72
N SER D 109 20.21 8.78 -35.79
CA SER D 109 19.75 8.62 -34.42
C SER D 109 19.87 9.94 -33.66
N ASP D 110 19.32 9.96 -32.45
CA ASP D 110 19.29 11.18 -31.65
C ASP D 110 20.66 11.43 -31.04
N SER D 111 21.48 12.21 -31.74
CA SER D 111 22.83 12.53 -31.29
C SER D 111 22.85 13.28 -29.96
N GLU D 112 21.70 13.74 -29.47
CA GLU D 112 21.63 14.50 -28.24
C GLU D 112 20.91 13.77 -27.12
N SER D 113 20.48 12.53 -27.33
CA SER D 113 19.87 11.76 -26.26
C SER D 113 20.88 11.45 -25.18
N ASP D 114 20.39 11.25 -23.95
CA ASP D 114 21.25 10.77 -22.89
C ASP D 114 21.16 9.26 -22.70
N PHE D 115 20.48 8.56 -23.60
CA PHE D 115 20.44 7.10 -23.55
C PHE D 115 21.08 6.56 -24.82
N THR D 116 22.02 5.63 -24.64
CA THR D 116 22.73 5.02 -25.74
C THR D 116 22.37 3.54 -25.83
N LEU D 117 22.02 3.11 -27.04
CA LEU D 117 21.85 1.70 -27.35
C LEU D 117 23.01 1.35 -28.27
N HIS D 118 23.83 0.38 -27.85
CA HIS D 118 25.07 0.09 -28.57
C HIS D 118 25.15 -1.40 -28.87
N TYR D 119 25.26 -1.73 -30.16
CA TYR D 119 25.36 -3.11 -30.63
C TYR D 119 26.83 -3.49 -30.75
N ILE D 120 27.21 -4.65 -30.23
CA ILE D 120 28.54 -5.19 -30.49
C ILE D 120 28.38 -6.37 -31.44
N LEU D 121 29.08 -6.31 -32.57
CA LEU D 121 28.97 -7.32 -33.60
C LEU D 121 30.23 -8.19 -33.66
N GLY D 122 30.02 -9.49 -33.85
CA GLY D 122 31.12 -10.42 -34.00
C GLY D 122 32.06 -10.53 -32.81
N MET D 123 31.50 -10.61 -31.62
CA MET D 123 32.33 -10.65 -30.42
C MET D 123 33.14 -11.92 -30.35
N SER D 124 34.39 -11.78 -29.93
CA SER D 124 35.33 -12.84 -29.75
C SER D 124 36.61 -12.25 -29.23
N LEU D 125 36.98 -12.62 -28.03
CA LEU D 125 38.17 -12.07 -27.44
C LEU D 125 39.43 -12.29 -28.26
N SER D 126 39.62 -13.50 -28.71
CA SER D 126 40.80 -13.82 -29.47
C SER D 126 40.79 -13.08 -30.76
N HIS D 127 39.65 -13.04 -31.40
CA HIS D 127 39.52 -12.33 -32.63
C HIS D 127 39.71 -10.83 -32.45
N GLU D 128 39.25 -10.28 -31.35
CA GLU D 128 39.40 -8.87 -31.10
C GLU D 128 40.86 -8.54 -30.84
N VAL D 129 41.51 -9.34 -30.03
CA VAL D 129 42.91 -9.13 -29.72
C VAL D 129 43.79 -9.28 -30.96
N VAL D 130 43.61 -10.35 -31.70
CA VAL D 130 44.37 -10.55 -32.94
C VAL D 130 44.17 -9.36 -33.86
N GLY D 131 42.92 -8.93 -34.06
CA GLY D 131 42.69 -7.78 -34.91
C GLY D 131 43.35 -6.53 -34.40
N ILE D 132 43.23 -6.26 -33.09
CA ILE D 132 43.88 -5.08 -32.54
C ILE D 132 45.39 -5.16 -32.76
N PHE D 133 46.00 -6.32 -32.54
CA PHE D 133 47.44 -6.42 -32.72
C PHE D 133 47.81 -6.11 -34.16
N ASN D 134 47.13 -6.74 -35.10
CA ASN D 134 47.47 -6.56 -36.50
C ASN D 134 47.23 -5.13 -36.95
N LYS D 135 46.35 -4.40 -36.26
CA LYS D 135 46.11 -3.01 -36.62
C LYS D 135 47.20 -2.08 -36.11
N LEU D 136 47.79 -2.39 -34.96
CA LEU D 136 48.77 -1.50 -34.38
C LEU D 136 50.22 -1.97 -34.53
N ASN D 137 50.43 -3.20 -35.01
CA ASN D 137 51.77 -3.78 -35.14
C ASN D 137 52.71 -2.85 -35.87
N GLY D 138 53.78 -2.42 -35.21
CA GLY D 138 54.76 -1.58 -35.85
C GLY D 138 54.33 -0.14 -36.06
N LYS D 139 53.13 0.24 -35.64
CA LYS D 139 52.62 1.58 -35.87
C LYS D 139 52.76 2.47 -34.64
N ILE D 140 53.00 1.88 -33.48
CA ILE D 140 53.22 2.64 -32.25
C ILE D 140 54.43 2.05 -31.55
N PRO D 141 55.12 2.85 -30.74
CA PRO D 141 56.28 2.33 -30.01
C PRO D 141 55.92 1.37 -28.89
N GLU D 142 54.83 1.64 -28.17
CA GLU D 142 54.43 0.83 -27.03
C GLU D 142 52.93 0.86 -26.86
N MET D 143 52.36 -0.28 -26.48
CA MET D 143 50.96 -0.31 -26.13
C MET D 143 50.82 0.02 -24.66
N THR D 144 49.79 0.78 -24.35
CA THR D 144 49.40 1.10 -22.98
C THR D 144 47.96 0.66 -22.79
N GLU D 145 47.53 0.65 -21.53
CA GLU D 145 46.16 0.28 -21.23
C GLU D 145 45.18 1.27 -21.83
N GLU D 146 45.56 2.55 -21.91
CA GLU D 146 44.65 3.52 -22.50
C GLU D 146 44.55 3.32 -24.00
N ILE D 147 45.66 3.04 -24.68
CA ILE D 147 45.59 2.70 -26.09
C ILE D 147 44.72 1.47 -26.30
N LEU D 148 44.84 0.47 -25.43
CA LEU D 148 44.00 -0.71 -25.55
C LEU D 148 42.53 -0.38 -25.36
N ALA D 149 42.19 0.42 -24.34
CA ALA D 149 40.78 0.77 -24.12
C ALA D 149 40.22 1.53 -25.31
N GLU D 150 41.04 2.38 -25.94
CA GLU D 150 40.62 3.11 -27.12
C GLU D 150 40.38 2.20 -28.32
N ASN D 151 40.93 0.99 -28.30
CA ASN D 151 40.79 0.08 -29.42
C ASN D 151 39.88 -1.10 -29.13
N ALA D 152 39.41 -1.24 -27.88
CA ALA D 152 38.56 -2.37 -27.56
C ALA D 152 37.18 -2.22 -28.21
N TYR D 153 36.52 -3.35 -28.45
CA TYR D 153 35.19 -3.34 -29.02
C TYR D 153 34.22 -2.54 -28.17
N VAL D 154 34.17 -2.86 -26.88
CA VAL D 154 33.27 -2.18 -25.94
C VAL D 154 34.01 -0.98 -25.40
N PRO D 155 33.63 0.25 -25.76
CA PRO D 155 34.47 1.42 -25.49
C PRO D 155 34.38 1.95 -24.07
N THR D 156 33.56 1.35 -23.23
CA THR D 156 33.31 1.79 -21.87
C THR D 156 33.35 0.57 -20.96
N GLN D 157 33.58 0.81 -19.66
CA GLN D 157 33.53 -0.27 -18.68
C GLN D 157 32.10 -0.67 -18.37
N VAL D 158 31.84 -1.97 -18.26
CA VAL D 158 30.50 -2.50 -18.08
C VAL D 158 30.27 -2.77 -16.60
N ASP D 159 29.19 -2.21 -16.06
CA ASP D 159 28.84 -2.42 -14.66
C ASP D 159 28.14 -3.75 -14.43
N TYR D 160 27.16 -4.07 -15.28
CA TYR D 160 26.31 -5.24 -15.11
C TYR D 160 26.22 -5.99 -16.43
N ILE D 161 26.15 -7.31 -16.35
CA ILE D 161 25.89 -8.14 -17.53
C ILE D 161 24.74 -9.09 -17.21
N ILE D 162 23.72 -9.11 -18.06
CA ILE D 162 22.62 -10.06 -17.92
C ILE D 162 22.67 -11.04 -19.10
N ARG D 163 22.75 -12.32 -18.81
CA ARG D 163 22.69 -13.35 -19.84
C ARG D 163 21.41 -14.15 -19.67
N THR D 164 20.54 -14.07 -20.68
CA THR D 164 19.32 -14.87 -20.68
C THR D 164 19.62 -16.23 -21.31
N GLY D 165 18.63 -17.08 -21.36
CA GLY D 165 18.78 -18.34 -22.09
C GLY D 165 19.35 -19.49 -21.32
N GLY D 166 19.70 -19.31 -20.05
CA GLY D 166 20.04 -20.43 -19.20
C GLY D 166 21.49 -20.87 -19.20
N ALA D 167 22.31 -20.39 -20.14
CA ALA D 167 23.70 -20.82 -20.15
C ALA D 167 24.49 -20.07 -19.08
N ILE D 168 25.29 -20.80 -18.31
CA ILE D 168 26.13 -20.18 -17.29
C ILE D 168 27.57 -20.20 -17.82
N ARG D 169 27.85 -19.29 -18.75
CA ARG D 169 29.14 -19.17 -19.39
C ARG D 169 29.14 -17.84 -20.09
N MET D 170 30.33 -17.36 -20.45
CA MET D 170 30.41 -16.09 -21.14
C MET D 170 30.50 -16.26 -22.65
N SER D 171 30.81 -17.46 -23.12
CA SER D 171 30.92 -17.75 -24.55
C SER D 171 31.88 -16.71 -25.14
N SER D 172 31.54 -16.05 -26.24
CA SER D 172 32.44 -15.10 -26.88
C SER D 172 32.27 -13.67 -26.36
N PHE D 173 31.49 -13.46 -25.32
CA PHE D 173 30.99 -12.12 -25.03
C PHE D 173 31.62 -11.45 -23.83
N PHE D 174 32.71 -11.96 -23.29
CA PHE D 174 33.30 -11.28 -22.14
C PHE D 174 33.88 -9.94 -22.57
N PRO D 175 33.56 -8.85 -21.87
CA PRO D 175 34.01 -7.51 -22.27
C PRO D 175 35.44 -7.26 -21.81
N LEU D 176 36.35 -7.15 -22.78
CA LEU D 176 37.80 -7.09 -22.55
C LEU D 176 38.22 -6.20 -21.38
N MET D 177 37.74 -4.95 -21.36
CA MET D 177 38.21 -3.93 -20.42
C MET D 177 37.33 -3.75 -19.20
N SER D 178 36.55 -4.77 -18.79
CA SER D 178 35.59 -4.62 -17.69
C SER D 178 35.82 -5.64 -16.58
N PRO D 179 36.93 -5.52 -15.85
CA PRO D 179 37.26 -6.48 -14.78
C PRO D 179 36.30 -6.46 -13.58
N TYR D 180 35.37 -5.54 -13.50
CA TYR D 180 34.50 -5.45 -12.34
C TYR D 180 33.06 -5.81 -12.66
N ALA D 181 32.76 -6.22 -13.89
CA ALA D 181 31.36 -6.40 -14.27
C ALA D 181 30.73 -7.48 -13.41
N GLU D 182 29.56 -7.15 -12.84
CA GLU D 182 28.79 -8.12 -12.09
C GLU D 182 27.90 -8.89 -13.05
N LEU D 183 27.83 -10.20 -12.89
CA LEU D 183 27.12 -11.08 -13.81
C LEU D 183 25.79 -11.54 -13.22
N HIS D 184 24.74 -11.52 -14.04
CA HIS D 184 23.45 -12.10 -13.68
C HIS D 184 22.99 -13.04 -14.78
N PHE D 185 22.80 -14.31 -14.43
CA PHE D 185 22.36 -15.34 -15.37
C PHE D 185 20.89 -15.67 -15.11
N SER D 186 20.07 -15.57 -16.15
CA SER D 186 18.66 -15.92 -16.04
C SER D 186 18.33 -17.11 -16.93
N PRO D 187 17.54 -18.07 -16.43
CA PRO D 187 17.19 -19.24 -17.26
C PRO D 187 16.10 -18.97 -18.29
N VAL D 188 15.45 -17.80 -18.22
CA VAL D 188 14.34 -17.47 -19.10
C VAL D 188 14.82 -17.30 -20.54
N LEU D 189 14.10 -17.89 -21.49
CA LEU D 189 14.40 -17.64 -22.89
C LEU D 189 14.14 -16.17 -23.20
N PHE D 190 15.06 -15.55 -23.94
CA PHE D 190 14.98 -14.10 -24.09
C PHE D 190 13.61 -13.58 -24.51
N PRO D 191 12.93 -14.15 -25.52
CA PRO D 191 11.61 -13.59 -25.87
C PRO D 191 10.55 -13.80 -24.78
N ASP D 192 10.84 -14.59 -23.75
CA ASP D 192 9.92 -14.76 -22.64
C ASP D 192 10.20 -13.79 -21.49
N THR D 193 11.24 -12.96 -21.61
CA THR D 193 11.64 -12.09 -20.52
C THR D 193 10.52 -11.11 -20.18
N THR D 194 10.14 -11.05 -18.92
CA THR D 194 9.12 -10.12 -18.44
C THR D 194 9.80 -9.03 -17.65
N ARG D 195 9.05 -7.95 -17.36
CA ARG D 195 9.67 -6.90 -16.56
C ARG D 195 10.03 -7.45 -15.18
N ALA D 196 9.27 -8.43 -14.70
CA ALA D 196 9.60 -9.07 -13.43
C ALA D 196 10.98 -9.70 -13.47
N ASP D 197 11.35 -10.30 -14.60
CA ASP D 197 12.70 -10.85 -14.73
C ASP D 197 13.74 -9.74 -14.67
N PHE D 198 13.47 -8.62 -15.34
CA PHE D 198 14.39 -7.50 -15.33
C PHE D 198 14.51 -6.91 -13.93
N ASP D 199 13.38 -6.78 -13.22
CA ASP D 199 13.45 -6.24 -11.86
C ASP D 199 14.22 -7.17 -10.94
N ALA D 200 13.99 -8.48 -11.05
CA ALA D 200 14.75 -9.42 -10.22
C ALA D 200 16.24 -9.36 -10.55
N ALA D 201 16.58 -9.22 -11.84
CA ALA D 201 17.98 -9.10 -12.22
C ALA D 201 18.62 -7.86 -11.61
N LEU D 202 17.94 -6.72 -11.76
CA LEU D 202 18.48 -5.46 -11.27
C LEU D 202 18.52 -5.45 -9.74
N LYS D 203 17.57 -6.14 -9.10
CA LYS D 203 17.59 -6.25 -7.65
C LYS D 203 18.85 -6.99 -7.19
N ASP D 204 19.16 -8.10 -7.86
CA ASP D 204 20.34 -8.88 -7.52
C ASP D 204 21.63 -8.09 -7.76
N LEU D 205 21.75 -7.47 -8.94
CA LEU D 205 22.94 -6.72 -9.31
C LEU D 205 23.18 -5.53 -8.39
N ARG D 206 22.12 -4.79 -8.05
CA ARG D 206 22.26 -3.65 -7.17
C ARG D 206 22.60 -4.06 -5.74
N ALA D 207 22.25 -5.28 -5.35
CA ALA D 207 22.55 -5.75 -3.99
C ALA D 207 24.01 -6.14 -3.82
N ARG D 208 24.88 -5.72 -4.74
CA ARG D 208 26.27 -6.11 -4.68
C ARG D 208 27.18 -4.90 -4.46
N MET E 1 -36.62 14.64 -18.04
CA MET E 1 -35.17 14.80 -17.96
C MET E 1 -34.78 15.68 -16.76
N THR E 2 -34.08 16.77 -17.03
CA THR E 2 -33.35 17.42 -15.96
C THR E 2 -34.16 18.53 -15.30
N THR E 3 -33.83 18.74 -14.03
CA THR E 3 -34.47 19.72 -13.18
C THR E 3 -33.44 20.79 -12.83
N LEU E 4 -33.75 22.02 -13.18
CA LEU E 4 -32.85 23.15 -13.01
C LEU E 4 -33.49 24.17 -12.09
N MET E 5 -32.68 24.73 -11.19
CA MET E 5 -33.12 25.82 -10.31
C MET E 5 -32.30 27.06 -10.64
N LEU E 6 -32.99 28.16 -10.89
CA LEU E 6 -32.34 29.40 -11.31
C LEU E 6 -32.46 30.43 -10.18
N LEU E 7 -31.33 31.06 -9.84
CA LEU E 7 -31.28 32.14 -8.86
C LEU E 7 -31.00 33.44 -9.63
N PRO E 8 -32.03 34.22 -9.99
CA PRO E 8 -31.82 35.47 -10.74
C PRO E 8 -31.39 36.59 -9.81
N ASP E 9 -30.14 37.04 -9.96
CA ASP E 9 -29.58 38.05 -9.09
C ASP E 9 -28.95 39.15 -9.93
N GLY E 10 -28.92 40.37 -9.38
CA GLY E 10 -28.27 41.50 -10.00
C GLY E 10 -29.16 42.58 -10.64
N MET E 11 -30.47 42.59 -10.33
CA MET E 11 -31.37 43.54 -10.97
C MET E 11 -31.06 44.99 -10.59
N ARG E 12 -30.69 45.21 -9.34
CA ARG E 12 -30.40 46.54 -8.82
C ARG E 12 -29.20 47.13 -9.53
N ARG E 13 -28.08 46.42 -9.48
CA ARG E 13 -26.87 46.78 -10.18
C ARG E 13 -27.13 46.97 -11.66
N TRP E 14 -27.95 46.09 -12.27
CA TRP E 14 -28.23 46.25 -13.69
C TRP E 14 -28.97 47.54 -13.95
N SER E 15 -29.93 47.87 -13.08
CA SER E 15 -30.70 49.10 -13.22
C SER E 15 -29.80 50.32 -13.11
N GLU E 16 -28.91 50.32 -12.11
CA GLU E 16 -28.01 51.46 -11.95
C GLU E 16 -27.03 51.57 -13.11
N LYS E 17 -26.49 50.44 -13.56
CA LYS E 17 -25.55 50.45 -14.66
C LYS E 17 -26.18 50.99 -15.94
N ASN E 18 -27.47 50.71 -16.16
CA ASN E 18 -28.15 51.15 -17.37
C ASN E 18 -28.94 52.43 -17.15
N GLY E 19 -28.83 53.02 -15.97
CA GLY E 19 -29.49 54.30 -15.69
C GLY E 19 -31.00 54.28 -15.79
N VAL E 20 -31.65 53.19 -15.35
CA VAL E 20 -33.09 53.08 -15.43
C VAL E 20 -33.64 52.80 -14.03
N SER E 21 -34.97 52.87 -13.91
CA SER E 21 -35.60 52.62 -12.61
C SER E 21 -35.50 51.14 -12.26
N LEU E 22 -35.70 50.86 -10.97
CA LEU E 22 -35.68 49.48 -10.51
C LEU E 22 -36.81 48.68 -11.13
N ASP E 23 -37.95 49.33 -11.39
CA ASP E 23 -39.03 48.69 -12.11
C ASP E 23 -38.54 48.23 -13.49
N ASP E 24 -37.75 49.07 -14.17
CA ASP E 24 -37.25 48.72 -15.48
C ASP E 24 -36.28 47.55 -15.41
N GLY E 25 -35.48 47.49 -14.35
CA GLY E 25 -34.62 46.33 -14.19
C GLY E 25 -35.43 45.06 -14.01
N TYR E 26 -36.45 45.12 -13.16
CA TYR E 26 -37.33 43.97 -12.97
C TYR E 26 -38.12 43.64 -14.22
N ALA E 27 -38.45 44.63 -15.04
CA ALA E 27 -39.09 44.33 -16.30
C ALA E 27 -38.13 43.58 -17.21
N ALA E 28 -36.87 44.01 -17.23
CA ALA E 28 -35.87 43.31 -18.03
C ALA E 28 -35.67 41.88 -17.53
N MET E 29 -35.71 41.69 -16.21
CA MET E 29 -35.63 40.34 -15.66
C MET E 29 -36.77 39.47 -16.19
N GLY E 30 -37.99 40.02 -16.16
CA GLY E 30 -39.14 39.24 -16.61
C GLY E 30 -39.00 38.77 -18.05
N ASP E 31 -38.57 39.68 -18.93
CA ASP E 31 -38.32 39.33 -20.32
C ASP E 31 -37.24 38.27 -20.42
N LYS E 32 -36.16 38.45 -19.64
CA LYS E 32 -35.08 37.46 -19.63
C LYS E 32 -35.55 36.09 -19.14
N ILE E 33 -36.41 36.06 -18.12
CA ILE E 33 -36.93 34.78 -17.63
C ILE E 33 -37.68 34.05 -18.76
N ILE E 34 -38.52 34.77 -19.49
CA ILE E 34 -39.25 34.15 -20.60
C ILE E 34 -38.27 33.63 -21.65
N GLU E 35 -37.26 34.43 -21.96
CA GLU E 35 -36.23 33.99 -22.91
C GLU E 35 -35.50 32.77 -22.39
N PHE E 36 -35.15 32.78 -21.10
CA PHE E 36 -34.40 31.70 -20.49
C PHE E 36 -35.22 30.41 -20.48
N MET E 37 -36.53 30.52 -20.23
CA MET E 37 -37.36 29.33 -20.29
C MET E 37 -37.31 28.69 -21.67
N GLY E 38 -37.28 29.51 -22.72
CA GLY E 38 -37.15 28.95 -24.07
C GLY E 38 -35.85 28.21 -24.27
N TRP E 39 -34.73 28.79 -23.82
CA TRP E 39 -33.46 28.08 -23.88
C TRP E 39 -33.54 26.78 -23.11
N ALA E 40 -34.11 26.83 -21.89
CA ALA E 40 -34.18 25.65 -21.04
C ALA E 40 -35.02 24.58 -21.72
N LYS E 41 -36.15 24.98 -22.28
CA LYS E 41 -37.02 24.04 -22.96
C LYS E 41 -36.28 23.38 -24.12
N GLU E 42 -35.54 24.17 -24.90
CA GLU E 42 -34.79 23.61 -26.01
C GLU E 42 -33.67 22.68 -25.55
N GLU E 43 -33.18 22.86 -24.34
CA GLU E 43 -32.02 22.10 -23.91
C GLU E 43 -32.42 20.89 -23.07
N GLY E 44 -33.69 20.55 -23.06
CA GLY E 44 -34.21 19.36 -22.42
C GLY E 44 -34.47 19.42 -20.92
N VAL E 45 -34.45 20.60 -20.30
CA VAL E 45 -34.87 20.63 -18.90
C VAL E 45 -36.38 20.63 -18.85
N LYS E 46 -36.95 19.81 -17.98
CA LYS E 46 -38.37 19.64 -17.88
C LYS E 46 -38.99 20.39 -16.71
N THR E 47 -38.21 20.67 -15.68
CA THR E 47 -38.69 21.44 -14.54
C THR E 47 -37.70 22.56 -14.28
N LEU E 48 -38.20 23.78 -14.32
CA LEU E 48 -37.39 24.96 -14.04
C LEU E 48 -37.95 25.61 -12.79
N TYR E 49 -37.20 25.51 -11.70
CA TYR E 49 -37.52 26.21 -10.46
C TYR E 49 -36.86 27.58 -10.51
N ILE E 50 -37.59 28.63 -10.13
CA ILE E 50 -37.01 29.96 -10.03
C ILE E 50 -37.23 30.50 -8.62
N THR E 51 -36.15 30.96 -7.99
CA THR E 51 -36.24 31.55 -6.66
C THR E 51 -36.69 32.99 -6.85
N ALA E 52 -37.98 33.22 -6.65
CA ALA E 52 -38.51 34.57 -6.80
C ALA E 52 -38.03 35.48 -5.68
N SER E 53 -37.88 34.96 -4.46
CA SER E 53 -37.48 35.82 -3.34
C SER E 53 -37.01 34.96 -2.17
N SER E 54 -36.18 35.57 -1.33
CA SER E 54 -35.87 35.05 0.00
C SER E 54 -36.92 35.55 0.98
N ALA E 55 -36.96 34.91 2.15
CA ALA E 55 -37.83 35.40 3.21
C ALA E 55 -37.44 36.83 3.59
N ALA E 56 -36.13 37.12 3.62
CA ALA E 56 -35.68 38.45 3.99
C ALA E 56 -36.16 39.50 3.00
N ASN E 57 -36.24 39.16 1.70
CA ASN E 57 -36.67 40.13 0.67
C ASN E 57 -38.05 40.66 0.95
N HIS E 58 -38.91 39.90 1.61
CA HIS E 58 -40.24 40.39 1.88
C HIS E 58 -40.27 41.36 3.06
N GLY E 59 -39.11 41.62 3.69
CA GLY E 59 -38.95 42.66 4.68
C GLY E 59 -38.51 44.00 4.11
N ARG E 60 -38.25 44.07 2.82
CA ARG E 60 -37.86 45.31 2.17
C ARG E 60 -39.05 46.26 2.17
N PRO E 61 -38.81 47.56 1.94
CA PRO E 61 -39.92 48.51 1.87
C PRO E 61 -41.01 48.02 0.92
N GLU E 62 -42.26 48.28 1.27
CA GLU E 62 -43.38 47.52 0.70
C GLU E 62 -43.61 47.82 -0.78
N ALA E 63 -43.30 49.04 -1.22
CA ALA E 63 -43.35 49.34 -2.65
C ALA E 63 -42.32 48.51 -3.42
N ALA E 64 -41.15 48.31 -2.82
CA ALA E 64 -40.15 47.47 -3.45
C ALA E 64 -40.62 46.02 -3.53
N VAL E 65 -41.35 45.56 -2.52
CA VAL E 65 -41.88 44.20 -2.54
C VAL E 65 -42.88 44.05 -3.68
N ASN E 66 -43.81 45.01 -3.81
CA ASN E 66 -44.75 44.97 -4.92
C ASN E 66 -44.05 45.01 -6.27
N THR E 67 -42.95 45.75 -6.37
CA THR E 67 -42.19 45.79 -7.61
C THR E 67 -41.70 44.41 -8.03
N PHE E 68 -41.05 43.66 -7.12
CA PHE E 68 -40.62 42.35 -7.61
C PHE E 68 -41.79 41.38 -7.72
N MET E 69 -42.74 41.42 -6.79
CA MET E 69 -43.88 40.52 -6.93
C MET E 69 -44.62 40.77 -8.24
N GLU E 70 -44.79 42.04 -8.62
CA GLU E 70 -45.48 42.33 -9.86
C GLU E 70 -44.71 41.82 -11.06
N ALA E 71 -43.38 42.03 -11.08
CA ALA E 71 -42.59 41.62 -12.23
C ALA E 71 -42.61 40.10 -12.40
N PHE E 72 -42.47 39.35 -11.31
CA PHE E 72 -42.55 37.90 -11.43
C PHE E 72 -43.95 37.46 -11.82
N THR E 73 -44.98 38.08 -11.24
CA THR E 73 -46.35 37.67 -11.58
C THR E 73 -46.65 37.92 -13.05
N GLU E 74 -46.14 39.03 -13.59
CA GLU E 74 -46.42 39.39 -14.98
C GLU E 74 -45.94 38.30 -15.93
N VAL E 75 -44.78 37.70 -15.64
CA VAL E 75 -44.29 36.58 -16.46
C VAL E 75 -45.36 35.50 -16.57
N ILE E 76 -45.99 35.14 -15.45
CA ILE E 76 -46.93 34.03 -15.48
C ILE E 76 -48.26 34.44 -16.15
N ARG E 77 -48.68 35.70 -16.01
CA ARG E 77 -49.81 36.17 -16.81
C ARG E 77 -49.52 35.98 -18.27
N ARG E 78 -48.28 36.21 -18.68
CA ARG E 78 -47.99 36.21 -20.10
C ARG E 78 -47.84 34.81 -20.66
N CYS E 79 -47.28 33.86 -19.90
CA CYS E 79 -46.90 32.57 -20.49
C CYS E 79 -47.54 31.34 -19.85
N HIS E 80 -48.58 31.48 -19.03
CA HIS E 80 -49.06 30.29 -18.30
C HIS E 80 -49.67 29.19 -19.16
N SER E 81 -49.89 29.46 -20.43
CA SER E 81 -50.44 28.46 -21.29
C SER E 81 -49.33 27.67 -21.97
N GLN E 82 -48.09 28.13 -21.85
CA GLN E 82 -46.92 27.45 -22.44
C GLN E 82 -46.30 26.43 -21.48
N PHE E 83 -46.84 26.23 -20.27
CA PHE E 83 -46.25 25.32 -19.30
C PHE E 83 -47.24 25.06 -18.17
N LYS E 84 -46.89 24.11 -17.31
CA LYS E 84 -47.60 23.92 -16.06
C LYS E 84 -46.94 24.82 -15.01
N PHE E 85 -47.74 25.62 -14.33
CA PHE E 85 -47.22 26.56 -13.34
C PHE E 85 -47.58 26.15 -11.94
N ASP E 86 -46.63 26.26 -11.01
CA ASP E 86 -46.93 26.07 -9.59
C ASP E 86 -45.99 26.96 -8.79
N PHE E 87 -46.29 27.10 -7.50
CA PHE E 87 -45.49 27.92 -6.63
C PHE E 87 -45.59 27.39 -5.22
N SER E 88 -44.60 27.76 -4.42
CA SER E 88 -44.56 27.32 -3.04
C SER E 88 -43.64 28.28 -2.30
N GLY E 89 -43.55 28.07 -0.99
CA GLY E 89 -42.62 28.77 -0.14
C GLY E 89 -43.26 29.31 1.13
N SER E 90 -42.69 30.38 1.67
CA SER E 90 -43.18 30.97 2.92
C SER E 90 -44.34 31.90 2.59
N LEU E 91 -45.44 31.27 2.13
CA LEU E 91 -46.61 32.01 1.70
C LEU E 91 -47.21 32.86 2.82
N ASP E 92 -46.89 32.57 4.09
CA ASP E 92 -47.33 33.44 5.17
C ASP E 92 -46.74 34.84 5.05
N LEU E 93 -45.70 35.01 4.23
CA LEU E 93 -45.07 36.31 4.05
C LEU E 93 -45.58 37.07 2.82
N VAL E 94 -46.38 36.43 1.98
CA VAL E 94 -46.80 36.99 0.71
C VAL E 94 -48.18 37.63 0.87
N SER E 95 -48.41 38.72 0.14
CA SER E 95 -49.70 39.39 0.23
C SER E 95 -50.78 38.49 -0.33
N GLU E 96 -51.92 38.44 0.37
CA GLU E 96 -53.01 37.60 -0.09
C GLU E 96 -53.51 38.00 -1.47
N ASP E 97 -53.26 39.25 -1.91
CA ASP E 97 -53.62 39.64 -3.27
C ASP E 97 -52.83 38.85 -4.31
N TYR E 98 -51.51 38.77 -4.14
CA TYR E 98 -50.71 38.00 -5.09
C TYR E 98 -50.94 36.51 -4.92
N LEU E 99 -51.11 36.07 -3.67
CA LEU E 99 -51.40 34.65 -3.43
C LEU E 99 -52.70 34.23 -4.10
N THR E 100 -53.71 35.10 -4.06
CA THR E 100 -54.96 34.78 -4.75
C THR E 100 -54.72 34.68 -6.26
N GLU E 101 -54.03 35.66 -6.84
CA GLU E 101 -53.83 35.64 -8.28
C GLU E 101 -52.91 34.50 -8.71
N LEU E 102 -51.85 34.24 -7.95
CA LEU E 102 -50.98 33.14 -8.33
C LEU E 102 -51.70 31.81 -8.18
N SER E 103 -52.53 31.67 -7.14
CA SER E 103 -53.31 30.44 -6.99
C SER E 103 -54.24 30.26 -8.19
N ALA E 104 -54.86 31.35 -8.64
CA ALA E 104 -55.70 31.26 -9.84
C ALA E 104 -54.85 30.90 -11.05
N LEU E 105 -53.69 31.55 -11.21
CA LEU E 105 -52.82 31.29 -12.36
C LEU E 105 -52.29 29.86 -12.39
N ARG E 106 -52.08 29.26 -11.22
CA ARG E 106 -51.68 27.86 -11.20
C ARG E 106 -52.79 27.01 -11.82
N ASP E 107 -54.04 27.21 -11.36
CA ASP E 107 -55.19 26.42 -11.84
C ASP E 107 -55.44 26.66 -13.33
N LYS E 108 -55.01 27.81 -13.81
CA LYS E 108 -55.10 28.33 -15.17
C LYS E 108 -54.13 27.73 -16.15
N SER E 109 -52.98 27.27 -15.68
CA SER E 109 -51.93 26.89 -16.60
C SER E 109 -52.20 25.54 -17.24
N ASP E 110 -51.38 25.24 -18.25
CA ASP E 110 -51.50 24.02 -19.02
C ASP E 110 -51.04 22.81 -18.22
N SER E 111 -51.99 22.16 -17.56
CA SER E 111 -51.79 20.96 -16.76
C SER E 111 -51.17 19.81 -17.57
N GLU E 112 -51.30 19.84 -18.87
CA GLU E 112 -50.79 18.73 -19.68
C GLU E 112 -49.39 19.00 -20.22
N SER E 113 -48.86 20.20 -20.00
CA SER E 113 -47.53 20.49 -20.53
C SER E 113 -46.49 19.55 -19.92
N ASP E 114 -45.46 19.24 -20.70
CA ASP E 114 -44.35 18.46 -20.16
C ASP E 114 -43.24 19.34 -19.61
N PHE E 115 -43.47 20.65 -19.53
CA PHE E 115 -42.53 21.59 -18.93
C PHE E 115 -43.20 22.30 -17.77
N THR E 116 -42.51 22.36 -16.62
CA THR E 116 -42.99 23.01 -15.41
C THR E 116 -42.14 24.22 -15.07
N LEU E 117 -42.80 25.35 -14.82
CA LEU E 117 -42.18 26.54 -14.26
C LEU E 117 -42.73 26.73 -12.85
N HIS E 118 -41.84 26.70 -11.86
CA HIS E 118 -42.26 26.68 -10.47
C HIS E 118 -41.55 27.80 -9.70
N TYR E 119 -42.31 28.70 -9.08
CA TYR E 119 -41.75 29.79 -8.29
C TYR E 119 -41.63 29.35 -6.83
N ILE E 120 -40.48 29.64 -6.21
CA ILE E 120 -40.35 29.53 -4.76
C ILE E 120 -40.28 30.94 -4.20
N LEU E 121 -41.18 31.26 -3.28
CA LEU E 121 -41.31 32.57 -2.67
C LEU E 121 -40.87 32.51 -1.21
N GLY E 122 -40.14 33.54 -0.79
CA GLY E 122 -39.74 33.65 0.61
C GLY E 122 -38.91 32.48 1.09
N MET E 123 -37.99 32.02 0.27
CA MET E 123 -37.15 30.92 0.60
C MET E 123 -36.25 31.23 1.78
N SER E 124 -36.08 30.25 2.65
CA SER E 124 -35.27 30.25 3.88
C SER E 124 -35.37 28.90 4.55
N LEU E 125 -34.25 28.23 4.68
CA LEU E 125 -34.24 26.94 5.31
C LEU E 125 -34.83 26.94 6.70
N SER E 126 -34.41 27.86 7.55
CA SER E 126 -34.94 27.88 8.88
C SER E 126 -36.43 28.15 8.87
N HIS E 127 -36.89 29.10 8.10
CA HIS E 127 -38.31 29.39 8.05
C HIS E 127 -39.08 28.17 7.52
N GLU E 128 -38.53 27.52 6.49
CA GLU E 128 -39.15 26.31 5.92
C GLU E 128 -39.29 25.21 6.97
N VAL E 129 -38.22 24.94 7.72
CA VAL E 129 -38.24 23.85 8.70
C VAL E 129 -39.15 24.18 9.88
N VAL E 130 -39.09 25.42 10.35
CA VAL E 130 -39.98 25.86 11.43
C VAL E 130 -41.43 25.66 11.01
N GLY E 131 -41.77 26.08 9.79
CA GLY E 131 -43.12 25.94 9.30
C GLY E 131 -43.56 24.50 9.19
N ILE E 132 -42.69 23.65 8.63
CA ILE E 132 -43.04 22.23 8.49
C ILE E 132 -43.26 21.61 9.86
N PHE E 133 -42.38 21.90 10.80
CA PHE E 133 -42.56 21.37 12.15
C PHE E 133 -43.88 21.84 12.72
N ASN E 134 -44.14 23.14 12.67
CA ASN E 134 -45.36 23.65 13.28
C ASN E 134 -46.61 23.16 12.59
N LYS E 135 -46.51 22.78 11.31
CA LYS E 135 -47.66 22.24 10.61
C LYS E 135 -47.98 20.81 11.02
N LEU E 136 -46.97 20.00 11.36
CA LEU E 136 -47.19 18.58 11.63
C LEU E 136 -47.05 18.20 13.10
N ASN E 137 -46.60 19.12 13.94
CA ASN E 137 -46.33 18.86 15.35
C ASN E 137 -47.54 18.22 16.04
N GLY E 138 -47.36 17.00 16.54
CA GLY E 138 -48.39 16.31 17.30
C GLY E 138 -49.48 15.70 16.46
N LYS E 139 -49.39 15.79 15.14
CA LYS E 139 -50.40 15.26 14.23
C LYS E 139 -49.97 14.01 13.50
N ILE E 140 -48.69 13.66 13.54
CA ILE E 140 -48.25 12.44 12.86
C ILE E 140 -47.42 11.65 13.88
N PRO E 141 -47.35 10.33 13.75
CA PRO E 141 -46.52 9.57 14.70
C PRO E 141 -45.04 9.85 14.54
N GLU E 142 -44.53 9.95 13.32
CA GLU E 142 -43.12 10.29 13.16
C GLU E 142 -42.86 10.86 11.77
N MET E 143 -41.83 11.70 11.68
CA MET E 143 -41.40 12.24 10.41
C MET E 143 -40.53 11.21 9.69
N THR E 144 -40.71 11.11 8.38
CA THR E 144 -39.84 10.28 7.55
C THR E 144 -39.28 11.16 6.43
N GLU E 145 -38.27 10.64 5.73
CA GLU E 145 -37.71 11.40 4.59
C GLU E 145 -38.79 11.64 3.56
N GLU E 146 -39.66 10.65 3.34
CA GLU E 146 -40.73 10.79 2.35
C GLU E 146 -41.75 11.85 2.76
N ILE E 147 -42.11 11.91 4.05
CA ILE E 147 -43.03 12.96 4.50
C ILE E 147 -42.35 14.33 4.42
N LEU E 148 -41.07 14.41 4.80
CA LEU E 148 -40.37 15.68 4.68
C LEU E 148 -40.35 16.16 3.22
N ALA E 149 -40.03 15.25 2.31
CA ALA E 149 -39.98 15.61 0.89
C ALA E 149 -41.33 16.10 0.39
N GLU E 150 -42.43 15.51 0.89
CA GLU E 150 -43.77 15.93 0.51
C GLU E 150 -44.12 17.30 1.07
N ASN E 151 -43.39 17.78 2.06
CA ASN E 151 -43.70 19.07 2.67
C ASN E 151 -42.67 20.14 2.36
N ALA E 152 -41.58 19.79 1.71
CA ALA E 152 -40.53 20.76 1.43
C ALA E 152 -40.98 21.77 0.37
N TYR E 153 -40.40 22.97 0.45
CA TYR E 153 -40.70 24.01 -0.53
C TYR E 153 -40.44 23.51 -1.95
N VAL E 154 -39.27 22.93 -2.20
CA VAL E 154 -38.91 22.43 -3.53
C VAL E 154 -39.36 20.98 -3.59
N PRO E 155 -40.41 20.66 -4.35
CA PRO E 155 -41.04 19.35 -4.20
C PRO E 155 -40.34 18.21 -4.89
N THR E 156 -39.29 18.47 -5.67
CA THR E 156 -38.54 17.39 -6.32
C THR E 156 -37.05 17.66 -6.13
N GLN E 157 -36.24 16.69 -6.53
CA GLN E 157 -34.80 16.85 -6.41
C GLN E 157 -34.26 17.70 -7.56
N VAL E 158 -33.30 18.56 -7.24
CA VAL E 158 -32.76 19.53 -8.19
C VAL E 158 -31.44 18.97 -8.73
N ASP E 159 -31.31 18.89 -10.05
CA ASP E 159 -30.07 18.40 -10.64
C ASP E 159 -29.00 19.50 -10.69
N TYR E 160 -29.40 20.69 -11.15
CA TYR E 160 -28.49 21.79 -11.41
C TYR E 160 -29.02 23.05 -10.75
N ILE E 161 -28.10 23.88 -10.25
CA ILE E 161 -28.44 25.22 -9.77
C ILE E 161 -27.54 26.22 -10.50
N ILE E 162 -28.15 27.25 -11.06
CA ILE E 162 -27.40 28.35 -11.66
C ILE E 162 -27.69 29.61 -10.88
N ARG E 163 -26.66 30.22 -10.33
CA ARG E 163 -26.79 31.50 -9.66
C ARG E 163 -26.03 32.55 -10.47
N THR E 164 -26.75 33.56 -10.95
CA THR E 164 -26.17 34.68 -11.67
C THR E 164 -25.84 35.78 -10.67
N GLY E 165 -25.23 36.86 -11.13
CA GLY E 165 -25.05 38.02 -10.28
C GLY E 165 -23.77 38.08 -9.47
N GLY E 166 -22.88 37.10 -9.61
CA GLY E 166 -21.55 37.16 -9.02
C GLY E 166 -21.38 36.63 -7.61
N ALA E 167 -22.44 36.34 -6.87
CA ALA E 167 -22.24 35.84 -5.51
C ALA E 167 -21.91 34.34 -5.53
N ILE E 168 -20.89 33.94 -4.76
CA ILE E 168 -20.55 32.53 -4.68
C ILE E 168 -20.98 32.02 -3.31
N ARG E 169 -22.29 31.85 -3.17
CA ARG E 169 -22.90 31.45 -1.92
C ARG E 169 -24.33 31.08 -2.27
N MET E 170 -24.98 30.35 -1.39
CA MET E 170 -26.35 29.92 -1.66
C MET E 170 -27.38 30.80 -0.93
N SER E 171 -26.94 31.63 0.00
CA SER E 171 -27.81 32.58 0.71
C SER E 171 -29.00 31.80 1.27
N SER E 172 -30.23 32.23 1.05
CA SER E 172 -31.40 31.58 1.62
C SER E 172 -31.93 30.47 0.74
N PHE E 173 -31.20 30.07 -0.31
CA PHE E 173 -31.81 29.33 -1.39
C PHE E 173 -31.41 27.88 -1.52
N PHE E 174 -30.72 27.31 -0.55
CA PHE E 174 -30.31 25.94 -0.71
C PHE E 174 -31.54 25.03 -0.68
N PRO E 175 -31.68 24.08 -1.60
CA PRO E 175 -32.87 23.22 -1.64
C PRO E 175 -32.74 22.05 -0.68
N LEU E 176 -33.59 22.04 0.36
CA LEU E 176 -33.53 21.08 1.47
C LEU E 176 -33.26 19.64 1.07
N MET E 177 -34.03 19.11 0.10
CA MET E 177 -33.96 17.69 -0.22
C MET E 177 -33.07 17.37 -1.42
N SER E 178 -32.16 18.26 -1.79
CA SER E 178 -31.35 18.06 -2.99
C SER E 178 -29.87 18.13 -2.65
N PRO E 179 -29.35 17.17 -1.89
CA PRO E 179 -27.93 17.28 -1.48
C PRO E 179 -27.00 17.35 -2.68
N TYR E 180 -27.25 16.54 -3.71
CA TYR E 180 -26.36 16.36 -4.85
C TYR E 180 -26.58 17.37 -5.98
N ALA E 181 -27.26 18.48 -5.74
CA ALA E 181 -27.37 19.48 -6.80
C ALA E 181 -25.99 20.00 -7.17
N GLU E 182 -25.70 20.08 -8.48
CA GLU E 182 -24.45 20.66 -8.96
C GLU E 182 -24.63 22.17 -9.09
N LEU E 183 -23.65 22.93 -8.61
CA LEU E 183 -23.75 24.38 -8.55
C LEU E 183 -22.91 25.01 -9.65
N HIS E 184 -23.48 26.02 -10.30
CA HIS E 184 -22.76 26.84 -11.28
C HIS E 184 -22.99 28.30 -10.94
N PHE E 185 -21.92 29.03 -10.70
CA PHE E 185 -21.98 30.44 -10.36
C PHE E 185 -21.53 31.26 -11.56
N SER E 186 -22.37 32.18 -11.99
CA SER E 186 -22.00 33.07 -13.09
C SER E 186 -21.87 34.50 -12.60
N PRO E 187 -20.84 35.23 -13.04
CA PRO E 187 -20.70 36.62 -12.61
C PRO E 187 -21.65 37.58 -13.32
N VAL E 188 -22.31 37.14 -14.38
CA VAL E 188 -23.15 38.02 -15.19
C VAL E 188 -24.38 38.46 -14.41
N LEU E 189 -24.71 39.74 -14.48
CA LEU E 189 -25.97 40.20 -13.92
C LEU E 189 -27.11 39.57 -14.69
N PHE E 190 -28.14 39.11 -13.97
CA PHE E 190 -29.15 38.30 -14.65
C PHE E 190 -29.73 38.94 -15.91
N PRO E 191 -30.12 40.22 -15.93
CA PRO E 191 -30.71 40.77 -17.17
C PRO E 191 -29.70 40.88 -18.31
N ASP E 192 -28.41 40.68 -18.04
CA ASP E 192 -27.39 40.60 -19.06
C ASP E 192 -27.16 39.19 -19.57
N THR E 193 -27.83 38.19 -18.99
CA THR E 193 -27.58 36.82 -19.42
C THR E 193 -27.88 36.62 -20.89
N THR E 194 -26.94 36.02 -21.60
CA THR E 194 -27.12 35.67 -23.02
C THR E 194 -27.23 34.16 -23.16
N ARG E 195 -27.63 33.74 -24.36
CA ARG E 195 -27.70 32.30 -24.62
C ARG E 195 -26.34 31.65 -24.49
N ALA E 196 -25.27 32.37 -24.81
CA ALA E 196 -23.93 31.85 -24.62
C ALA E 196 -23.64 31.58 -23.16
N ASP E 197 -24.12 32.47 -22.28
CA ASP E 197 -23.95 32.24 -20.85
C ASP E 197 -24.66 30.96 -20.43
N PHE E 198 -25.90 30.76 -20.90
CA PHE E 198 -26.65 29.56 -20.56
C PHE E 198 -25.95 28.30 -21.10
N ASP E 199 -25.47 28.35 -22.35
CA ASP E 199 -24.80 27.18 -22.92
C ASP E 199 -23.51 26.85 -22.18
N ALA E 200 -22.74 27.87 -21.81
CA ALA E 200 -21.53 27.62 -21.02
C ALA E 200 -21.88 27.02 -19.66
N ALA E 201 -22.97 27.50 -19.04
CA ALA E 201 -23.37 26.94 -17.75
C ALA E 201 -23.70 25.46 -17.86
N LEU E 202 -24.50 25.09 -18.87
CA LEU E 202 -24.92 23.71 -19.01
C LEU E 202 -23.75 22.82 -19.37
N LYS E 203 -22.83 23.31 -20.20
CA LYS E 203 -21.67 22.51 -20.56
C LYS E 203 -20.87 22.16 -19.31
N ASP E 204 -20.59 23.13 -18.48
CA ASP E 204 -19.91 22.89 -17.24
C ASP E 204 -20.74 21.90 -16.42
N LEU E 205 -22.02 22.17 -16.25
CA LEU E 205 -22.87 21.28 -15.47
C LEU E 205 -22.93 19.87 -16.00
N ARG E 206 -22.95 19.68 -17.30
CA ARG E 206 -23.03 18.35 -17.89
C ARG E 206 -21.76 17.55 -17.79
N ALA E 207 -20.65 18.21 -17.62
CA ALA E 207 -19.44 17.50 -17.58
C ALA E 207 -19.14 17.09 -16.20
N ARG E 208 -19.35 18.02 -15.28
CA ARG E 208 -19.06 17.90 -13.86
C ARG E 208 -18.09 16.83 -13.34
N THR F 2 -40.01 4.86 -7.59
CA THR F 2 -39.21 3.66 -7.80
C THR F 2 -39.86 2.80 -8.91
N THR F 3 -39.04 2.24 -9.78
CA THR F 3 -39.49 1.57 -11.00
C THR F 3 -39.11 0.10 -10.92
N LEU F 4 -40.10 -0.78 -11.03
CA LEU F 4 -39.91 -2.21 -10.82
C LEU F 4 -40.28 -3.01 -12.06
N MET F 5 -39.47 -4.02 -12.36
CA MET F 5 -39.71 -4.94 -13.46
C MET F 5 -39.98 -6.34 -12.91
N LEU F 6 -41.09 -6.93 -13.31
CA LEU F 6 -41.49 -8.26 -12.87
C LEU F 6 -41.40 -9.26 -14.03
N LEU F 7 -40.73 -10.38 -13.80
CA LEU F 7 -40.63 -11.46 -14.77
C LEU F 7 -41.45 -12.63 -14.25
N PRO F 8 -42.72 -12.77 -14.65
CA PRO F 8 -43.56 -13.86 -14.16
C PRO F 8 -43.26 -15.13 -14.91
N ASP F 9 -42.69 -16.11 -14.22
CA ASP F 9 -42.23 -17.33 -14.86
C ASP F 9 -42.73 -18.55 -14.11
N GLY F 10 -43.02 -19.61 -14.87
CA GLY F 10 -43.37 -20.89 -14.29
C GLY F 10 -44.82 -21.36 -14.35
N MET F 11 -45.66 -20.78 -15.23
CA MET F 11 -47.06 -21.18 -15.25
C MET F 11 -47.21 -22.66 -15.61
N ARG F 12 -46.50 -23.10 -16.65
CA ARG F 12 -46.61 -24.49 -17.09
C ARG F 12 -46.23 -25.46 -15.98
N ARG F 13 -45.18 -25.16 -15.21
CA ARG F 13 -44.84 -26.00 -14.07
C ARG F 13 -45.94 -25.96 -13.02
N TRP F 14 -46.50 -24.78 -12.76
CA TRP F 14 -47.57 -24.68 -11.77
C TRP F 14 -48.81 -25.43 -12.24
N SER F 15 -49.18 -25.27 -13.51
CA SER F 15 -50.34 -25.99 -14.04
C SER F 15 -50.12 -27.49 -13.96
N GLU F 16 -48.93 -27.94 -14.30
CA GLU F 16 -48.60 -29.34 -14.26
C GLU F 16 -48.54 -29.86 -12.85
N LYS F 17 -48.02 -29.06 -11.94
CA LYS F 17 -47.92 -29.47 -10.56
C LYS F 17 -49.26 -29.68 -9.99
N ASN F 18 -50.18 -28.77 -10.27
CA ASN F 18 -51.54 -28.85 -9.77
C ASN F 18 -52.48 -29.61 -10.66
N GLY F 19 -51.96 -30.25 -11.69
CA GLY F 19 -52.75 -31.04 -12.62
C GLY F 19 -53.91 -30.29 -13.22
N VAL F 20 -53.65 -29.06 -13.61
CA VAL F 20 -54.66 -28.21 -14.15
C VAL F 20 -54.30 -27.86 -15.56
N SER F 21 -55.21 -27.26 -16.27
CA SER F 21 -54.88 -26.94 -17.64
C SER F 21 -53.92 -25.76 -17.69
N LEU F 22 -53.26 -25.61 -18.84
CA LEU F 22 -52.37 -24.47 -19.01
C LEU F 22 -53.16 -23.17 -18.97
N ASP F 23 -54.39 -23.19 -19.48
CA ASP F 23 -55.23 -22.01 -19.45
C ASP F 23 -55.51 -21.53 -18.03
N ASP F 24 -55.77 -22.46 -17.11
CA ASP F 24 -56.02 -22.04 -15.73
C ASP F 24 -54.77 -21.52 -15.05
N GLY F 25 -53.59 -22.05 -15.41
CA GLY F 25 -52.36 -21.52 -14.85
C GLY F 25 -52.15 -20.05 -15.19
N TYR F 26 -52.35 -19.70 -16.47
CA TYR F 26 -52.23 -18.30 -16.85
C TYR F 26 -53.32 -17.48 -16.16
N ALA F 27 -54.48 -18.10 -15.89
CA ALA F 27 -55.51 -17.42 -15.12
C ALA F 27 -55.07 -17.18 -13.68
N ALA F 28 -54.41 -18.17 -13.07
CA ALA F 28 -53.83 -17.95 -11.75
C ALA F 28 -52.74 -16.88 -11.81
N MET F 29 -52.01 -16.84 -12.93
CA MET F 29 -51.04 -15.77 -13.12
C MET F 29 -51.71 -14.41 -13.10
N GLY F 30 -52.83 -14.28 -13.82
CA GLY F 30 -53.54 -13.01 -13.89
C GLY F 30 -53.95 -12.50 -12.52
N ASP F 31 -54.50 -13.39 -11.68
CA ASP F 31 -54.91 -13.00 -10.34
C ASP F 31 -53.72 -12.49 -9.52
N LYS F 32 -52.59 -13.20 -9.57
CA LYS F 32 -51.46 -12.70 -8.81
C LYS F 32 -50.93 -11.38 -9.33
N ILE F 33 -50.96 -11.16 -10.64
CA ILE F 33 -50.49 -9.87 -11.14
C ILE F 33 -51.33 -8.74 -10.51
N ILE F 34 -52.65 -8.91 -10.46
CA ILE F 34 -53.51 -7.93 -9.79
C ILE F 34 -53.17 -7.86 -8.30
N GLU F 35 -53.02 -9.03 -7.68
CA GLU F 35 -52.62 -9.08 -6.28
C GLU F 35 -51.26 -8.44 -6.05
N PHE F 36 -50.32 -8.70 -6.96
CA PHE F 36 -48.96 -8.17 -6.84
C PHE F 36 -48.94 -6.66 -7.01
N MET F 37 -49.78 -6.14 -7.90
CA MET F 37 -49.80 -4.70 -8.13
C MET F 37 -50.19 -3.93 -6.88
N GLY F 38 -51.16 -4.44 -6.11
CA GLY F 38 -51.56 -3.78 -4.88
C GLY F 38 -50.40 -3.68 -3.91
N TRP F 39 -49.65 -4.77 -3.78
CA TRP F 39 -48.45 -4.73 -2.94
C TRP F 39 -47.49 -3.67 -3.45
N ALA F 40 -47.36 -3.56 -4.77
CA ALA F 40 -46.38 -2.67 -5.37
C ALA F 40 -46.65 -1.20 -5.00
N LYS F 41 -47.91 -0.81 -5.02
CA LYS F 41 -48.20 0.52 -4.60
C LYS F 41 -47.89 0.55 -3.12
N GLU F 42 -48.31 -0.44 -2.39
CA GLU F 42 -48.13 -0.35 -0.97
C GLU F 42 -46.70 -0.03 -0.66
N GLU F 43 -45.78 -0.37 -1.55
CA GLU F 43 -44.39 -0.19 -1.29
C GLU F 43 -43.82 1.02 -1.98
N GLY F 44 -44.66 1.86 -2.59
CA GLY F 44 -44.18 3.09 -3.15
C GLY F 44 -43.55 2.99 -4.53
N VAL F 45 -43.70 1.88 -5.22
CA VAL F 45 -43.23 1.84 -6.60
C VAL F 45 -44.29 2.51 -7.48
N LYS F 46 -43.83 3.35 -8.40
CA LYS F 46 -44.75 4.12 -9.23
C LYS F 46 -44.90 3.55 -10.62
N THR F 47 -43.93 2.76 -11.08
CA THR F 47 -43.99 2.17 -12.40
C THR F 47 -43.69 0.69 -12.23
N LEU F 48 -44.61 -0.16 -12.66
CA LEU F 48 -44.43 -1.61 -12.63
C LEU F 48 -44.42 -2.13 -14.06
N TYR F 49 -43.27 -2.58 -14.51
CA TYR F 49 -43.12 -3.23 -15.80
C TYR F 49 -43.31 -4.73 -15.64
N ILE F 50 -44.08 -5.33 -16.54
CA ILE F 50 -44.20 -6.78 -16.58
C ILE F 50 -43.84 -7.26 -17.97
N THR F 51 -42.92 -8.22 -18.04
CA THR F 51 -42.52 -8.83 -19.30
C THR F 51 -43.57 -9.86 -19.64
N ALA F 52 -44.49 -9.49 -20.53
CA ALA F 52 -45.58 -10.39 -20.90
C ALA F 52 -45.07 -11.57 -21.74
N SER F 53 -44.07 -11.35 -22.59
CA SER F 53 -43.59 -12.43 -23.42
C SER F 53 -42.22 -12.09 -23.99
N SER F 54 -41.49 -13.13 -24.32
CA SER F 54 -40.29 -13.02 -25.12
C SER F 54 -40.69 -13.07 -26.59
N ALA F 55 -39.76 -12.65 -27.45
CA ALA F 55 -40.03 -12.74 -28.88
C ALA F 55 -40.30 -14.19 -29.26
N ALA F 56 -39.53 -15.11 -28.67
CA ALA F 56 -39.70 -16.52 -28.97
C ALA F 56 -41.06 -17.05 -28.54
N ASN F 57 -41.62 -16.51 -27.45
CA ASN F 57 -42.92 -17.01 -26.98
C ASN F 57 -44.00 -16.89 -28.04
N HIS F 58 -43.87 -15.92 -28.94
CA HIS F 58 -44.85 -15.72 -30.00
C HIS F 58 -44.64 -16.65 -31.19
N GLY F 59 -43.61 -17.50 -31.17
CA GLY F 59 -43.47 -18.53 -32.17
C GLY F 59 -44.18 -19.81 -31.81
N ARG F 60 -44.77 -19.87 -30.61
CA ARG F 60 -45.55 -21.02 -30.18
C ARG F 60 -46.77 -21.20 -31.07
N PRO F 61 -47.43 -22.37 -30.99
CA PRO F 61 -48.73 -22.53 -31.66
C PRO F 61 -49.70 -21.42 -31.30
N GLU F 62 -50.59 -21.10 -32.23
CA GLU F 62 -51.43 -19.92 -32.13
C GLU F 62 -52.33 -19.94 -30.89
N ALA F 63 -52.72 -21.14 -30.44
CA ALA F 63 -53.57 -21.24 -29.26
C ALA F 63 -52.79 -21.02 -27.98
N ALA F 64 -51.55 -21.51 -27.92
CA ALA F 64 -50.71 -21.25 -26.75
C ALA F 64 -50.40 -19.77 -26.64
N VAL F 65 -50.21 -19.09 -27.77
CA VAL F 65 -50.02 -17.64 -27.77
C VAL F 65 -51.28 -16.94 -27.30
N ASN F 66 -52.43 -17.31 -27.88
CA ASN F 66 -53.69 -16.70 -27.49
C ASN F 66 -53.98 -16.96 -26.01
N THR F 67 -53.55 -18.12 -25.50
CA THR F 67 -53.79 -18.43 -24.10
C THR F 67 -53.15 -17.40 -23.19
N PHE F 68 -51.85 -17.11 -23.39
CA PHE F 68 -51.24 -16.14 -22.50
C PHE F 68 -51.64 -14.70 -22.86
N MET F 69 -51.78 -14.39 -24.15
CA MET F 69 -52.19 -13.04 -24.50
C MET F 69 -53.54 -12.70 -23.88
N GLU F 70 -54.48 -13.65 -23.92
CA GLU F 70 -55.79 -13.38 -23.35
C GLU F 70 -55.68 -13.17 -21.84
N ALA F 71 -54.84 -13.96 -21.18
CA ALA F 71 -54.72 -13.86 -19.73
C ALA F 71 -54.18 -12.51 -19.31
N PHE F 72 -53.12 -12.03 -19.99
CA PHE F 72 -52.57 -10.71 -19.64
C PHE F 72 -53.56 -9.60 -19.96
N THR F 73 -54.22 -9.70 -21.12
CA THR F 73 -55.15 -8.65 -21.51
C THR F 73 -56.30 -8.56 -20.51
N GLU F 74 -56.78 -9.71 -20.02
CA GLU F 74 -57.90 -9.71 -19.10
C GLU F 74 -57.60 -8.89 -17.85
N VAL F 75 -56.34 -8.93 -17.38
CA VAL F 75 -55.96 -8.12 -16.22
C VAL F 75 -56.29 -6.65 -16.47
N ILE F 76 -55.96 -6.16 -17.66
CA ILE F 76 -56.16 -4.74 -17.94
C ILE F 76 -57.63 -4.42 -18.17
N ARG F 77 -58.36 -5.35 -18.79
CA ARG F 77 -59.80 -5.17 -18.93
C ARG F 77 -60.45 -4.97 -17.56
N ARG F 78 -59.92 -5.63 -16.55
CA ARG F 78 -60.51 -5.57 -15.24
C ARG F 78 -60.15 -4.32 -14.48
N CYS F 79 -58.88 -3.99 -14.52
CA CYS F 79 -58.36 -2.94 -13.71
C CYS F 79 -57.88 -1.72 -14.42
N HIS F 80 -58.27 -1.50 -15.64
CA HIS F 80 -57.77 -0.33 -16.35
C HIS F 80 -57.99 1.07 -15.76
N SER F 81 -58.98 1.26 -14.89
CA SER F 81 -59.23 2.53 -14.25
C SER F 81 -58.39 2.70 -13.02
N GLN F 82 -57.70 1.67 -12.57
CA GLN F 82 -56.93 1.77 -11.34
C GLN F 82 -55.51 2.29 -11.56
N PHE F 83 -55.13 2.54 -12.81
CA PHE F 83 -53.75 2.92 -13.12
C PHE F 83 -53.69 3.42 -14.56
N LYS F 84 -52.51 3.95 -14.91
CA LYS F 84 -52.19 4.29 -16.30
C LYS F 84 -51.57 3.06 -16.95
N PHE F 85 -52.08 2.67 -18.11
CA PHE F 85 -51.62 1.48 -18.80
C PHE F 85 -50.92 1.84 -20.10
N ASP F 86 -49.80 1.18 -20.38
CA ASP F 86 -49.14 1.33 -21.66
C ASP F 86 -48.44 0.01 -22.00
N PHE F 87 -48.05 -0.13 -23.27
CA PHE F 87 -47.40 -1.34 -23.69
C PHE F 87 -46.45 -1.03 -24.83
N SER F 88 -45.47 -1.90 -25.00
CA SER F 88 -44.44 -1.73 -26.01
C SER F 88 -43.78 -3.08 -26.28
N GLY F 89 -42.89 -3.09 -27.26
CA GLY F 89 -42.10 -4.28 -27.53
C GLY F 89 -42.07 -4.64 -28.99
N SER F 90 -41.94 -5.93 -29.32
CA SER F 90 -41.91 -6.38 -30.70
C SER F 90 -43.35 -6.55 -31.22
N LEU F 91 -44.06 -5.42 -31.32
CA LEU F 91 -45.46 -5.44 -31.70
C LEU F 91 -45.70 -6.04 -33.07
N ASP F 92 -44.67 -6.09 -33.92
CA ASP F 92 -44.79 -6.74 -35.23
C ASP F 92 -45.10 -8.22 -35.09
N LEU F 93 -44.92 -8.80 -33.90
CA LEU F 93 -45.19 -10.19 -33.65
C LEU F 93 -46.57 -10.44 -33.05
N VAL F 94 -47.26 -9.38 -32.64
CA VAL F 94 -48.52 -9.48 -31.92
C VAL F 94 -49.68 -9.33 -32.90
N SER F 95 -50.76 -10.06 -32.63
CA SER F 95 -51.92 -10.04 -33.50
C SER F 95 -52.60 -8.67 -33.52
N GLU F 96 -53.13 -8.29 -34.69
CA GLU F 96 -53.88 -7.05 -34.83
C GLU F 96 -54.93 -6.91 -33.73
N ASP F 97 -55.61 -8.01 -33.42
CA ASP F 97 -56.73 -7.97 -32.50
C ASP F 97 -56.27 -7.57 -31.11
N TYR F 98 -55.18 -8.17 -30.63
CA TYR F 98 -54.68 -7.80 -29.32
C TYR F 98 -54.10 -6.41 -29.34
N LEU F 99 -53.44 -6.04 -30.45
CA LEU F 99 -52.95 -4.68 -30.57
C LEU F 99 -54.11 -3.70 -30.52
N THR F 100 -55.23 -4.02 -31.17
CA THR F 100 -56.40 -3.15 -31.13
C THR F 100 -56.97 -3.05 -29.72
N GLU F 101 -57.12 -4.20 -29.04
CA GLU F 101 -57.71 -4.14 -27.72
C GLU F 101 -56.80 -3.47 -26.70
N LEU F 102 -55.50 -3.76 -26.75
CA LEU F 102 -54.58 -3.12 -25.81
C LEU F 102 -54.49 -1.63 -26.06
N SER F 103 -54.51 -1.21 -27.32
CA SER F 103 -54.55 0.22 -27.63
C SER F 103 -55.82 0.86 -27.07
N ALA F 104 -56.96 0.19 -27.20
CA ALA F 104 -58.20 0.72 -26.65
C ALA F 104 -58.11 0.81 -25.12
N LEU F 105 -57.64 -0.26 -24.48
CA LEU F 105 -57.53 -0.27 -23.02
C LEU F 105 -56.52 0.75 -22.52
N ARG F 106 -55.48 1.02 -23.31
CA ARG F 106 -54.53 2.05 -22.92
C ARG F 106 -55.19 3.43 -22.83
N ASP F 107 -55.89 3.82 -23.91
CA ASP F 107 -56.54 5.12 -23.95
C ASP F 107 -57.61 5.23 -22.86
N LYS F 108 -58.20 4.11 -22.47
CA LYS F 108 -59.24 4.11 -21.46
C LYS F 108 -58.70 4.08 -20.04
N SER F 109 -57.39 3.91 -19.88
CA SER F 109 -56.85 3.86 -18.53
C SER F 109 -56.78 5.27 -17.95
N ASP F 110 -56.52 5.35 -16.64
CA ASP F 110 -56.47 6.62 -15.93
C ASP F 110 -55.16 7.35 -16.27
N SER F 111 -55.25 8.31 -17.19
CA SER F 111 -54.08 9.03 -17.69
C SER F 111 -53.31 9.78 -16.61
N GLU F 112 -53.96 10.23 -15.54
CA GLU F 112 -53.23 10.94 -14.49
C GLU F 112 -53.11 10.13 -13.20
N SER F 113 -53.27 8.80 -13.30
CA SER F 113 -52.95 7.95 -12.17
C SER F 113 -51.50 8.12 -11.75
N ASP F 114 -51.24 7.85 -10.47
CA ASP F 114 -49.90 7.96 -9.89
C ASP F 114 -49.07 6.70 -10.07
N PHE F 115 -49.58 5.71 -10.83
CA PHE F 115 -49.01 4.38 -10.92
C PHE F 115 -49.19 3.92 -12.38
N THR F 116 -48.12 3.40 -12.99
CA THR F 116 -48.16 2.96 -14.39
C THR F 116 -47.96 1.47 -14.36
N LEU F 117 -48.80 0.76 -15.09
CA LEU F 117 -48.65 -0.67 -15.32
C LEU F 117 -48.30 -0.79 -16.79
N HIS F 118 -47.11 -1.33 -17.09
CA HIS F 118 -46.59 -1.30 -18.45
C HIS F 118 -46.19 -2.70 -18.88
N TYR F 119 -46.76 -3.17 -19.99
CA TYR F 119 -46.47 -4.47 -20.56
C TYR F 119 -45.39 -4.35 -21.64
N ILE F 120 -44.40 -5.23 -21.60
CA ILE F 120 -43.45 -5.36 -22.68
C ILE F 120 -43.72 -6.69 -23.38
N LEU F 121 -43.97 -6.63 -24.68
CA LEU F 121 -44.34 -7.80 -25.48
C LEU F 121 -43.22 -8.16 -26.46
N GLY F 122 -42.98 -9.46 -26.61
CA GLY F 122 -41.98 -9.93 -27.55
C GLY F 122 -40.61 -9.37 -27.24
N MET F 123 -40.24 -9.36 -25.97
CA MET F 123 -39.00 -8.75 -25.56
C MET F 123 -37.80 -9.60 -26.01
N SER F 124 -36.76 -8.92 -26.49
CA SER F 124 -35.52 -9.54 -26.96
C SER F 124 -34.56 -8.45 -27.41
N LEU F 125 -33.38 -8.38 -26.77
CA LEU F 125 -32.45 -7.31 -27.10
C LEU F 125 -32.10 -7.31 -28.59
N SER F 126 -31.85 -8.48 -29.16
CA SER F 126 -31.50 -8.51 -30.58
C SER F 126 -32.67 -8.07 -31.44
N HIS F 127 -33.88 -8.54 -31.13
CA HIS F 127 -35.01 -8.09 -31.94
C HIS F 127 -35.25 -6.60 -31.74
N GLU F 128 -35.11 -6.13 -30.50
CA GLU F 128 -35.27 -4.71 -30.21
C GLU F 128 -34.27 -3.86 -30.99
N VAL F 129 -32.99 -4.25 -30.96
CA VAL F 129 -31.96 -3.44 -31.61
C VAL F 129 -32.14 -3.46 -33.12
N VAL F 130 -32.40 -4.64 -33.69
CA VAL F 130 -32.67 -4.72 -35.12
C VAL F 130 -33.83 -3.80 -35.49
N GLY F 131 -34.91 -3.84 -34.70
CA GLY F 131 -36.06 -3.01 -34.96
C GLY F 131 -35.77 -1.53 -34.88
N ILE F 132 -35.06 -1.10 -33.84
CA ILE F 132 -34.73 0.32 -33.74
C ILE F 132 -33.88 0.76 -34.92
N PHE F 133 -32.90 -0.06 -35.30
CA PHE F 133 -32.04 0.30 -36.43
C PHE F 133 -32.86 0.42 -37.69
N ASN F 134 -33.69 -0.58 -37.99
CA ASN F 134 -34.46 -0.53 -39.21
C ASN F 134 -35.45 0.63 -39.21
N LYS F 135 -35.86 1.09 -38.02
CA LYS F 135 -36.79 2.22 -37.95
C LYS F 135 -36.11 3.53 -38.34
N LEU F 136 -34.84 3.71 -37.94
CA LEU F 136 -34.18 5.01 -38.05
C LEU F 136 -33.09 5.05 -39.12
N ASN F 137 -32.75 3.91 -39.72
CA ASN F 137 -31.69 3.78 -40.70
C ASN F 137 -31.82 4.79 -41.83
N GLY F 138 -30.84 5.67 -41.96
CA GLY F 138 -30.84 6.63 -43.03
C GLY F 138 -31.81 7.77 -42.85
N LYS F 139 -32.52 7.79 -41.73
CA LYS F 139 -33.49 8.85 -41.45
C LYS F 139 -33.04 9.85 -40.41
N ILE F 140 -31.97 9.56 -39.64
CA ILE F 140 -31.44 10.49 -38.64
C ILE F 140 -29.93 10.63 -38.84
N PRO F 141 -29.32 11.76 -38.50
CA PRO F 141 -27.87 11.91 -38.75
C PRO F 141 -27.01 11.00 -37.88
N GLU F 142 -27.32 10.87 -36.60
CA GLU F 142 -26.57 9.93 -35.79
C GLU F 142 -27.42 9.53 -34.59
N MET F 143 -27.20 8.32 -34.13
CA MET F 143 -27.85 7.84 -32.94
C MET F 143 -27.13 8.41 -31.72
N THR F 144 -27.92 8.78 -30.71
CA THR F 144 -27.40 9.23 -29.43
C THR F 144 -28.03 8.42 -28.32
N GLU F 145 -27.47 8.54 -27.13
CA GLU F 145 -28.03 7.83 -25.99
C GLU F 145 -29.44 8.29 -25.71
N GLU F 146 -29.73 9.58 -25.91
CA GLU F 146 -31.07 10.08 -25.67
C GLU F 146 -32.07 9.49 -26.66
N ILE F 147 -31.70 9.44 -27.95
CA ILE F 147 -32.59 8.87 -28.95
C ILE F 147 -32.81 7.38 -28.69
N LEU F 148 -31.76 6.65 -28.31
CA LEU F 148 -31.90 5.23 -28.02
C LEU F 148 -32.89 5.01 -26.88
N ALA F 149 -32.77 5.81 -25.82
CA ALA F 149 -33.67 5.66 -24.68
C ALA F 149 -35.12 5.96 -25.09
N GLU F 150 -35.31 6.90 -26.02
CA GLU F 150 -36.65 7.22 -26.50
C GLU F 150 -37.24 6.13 -27.37
N ASN F 151 -36.42 5.22 -27.88
CA ASN F 151 -36.90 4.17 -28.77
C ASN F 151 -36.84 2.79 -28.13
N ALA F 152 -36.28 2.67 -26.94
CA ALA F 152 -36.15 1.37 -26.30
C ALA F 152 -37.52 0.86 -25.86
N TYR F 153 -37.65 -0.46 -25.78
CA TYR F 153 -38.90 -1.07 -25.33
C TYR F 153 -39.29 -0.55 -23.95
N VAL F 154 -38.34 -0.56 -23.02
CA VAL F 154 -38.57 -0.06 -21.66
C VAL F 154 -38.19 1.42 -21.65
N PRO F 155 -39.16 2.34 -21.53
CA PRO F 155 -38.87 3.77 -21.76
C PRO F 155 -38.23 4.50 -20.57
N THR F 156 -38.05 3.86 -19.43
CA THR F 156 -37.39 4.48 -18.30
C THR F 156 -36.33 3.57 -17.70
N GLN F 157 -35.53 4.08 -16.79
CA GLN F 157 -34.52 3.27 -16.15
C GLN F 157 -35.22 2.44 -15.12
N VAL F 158 -34.76 1.23 -14.93
CA VAL F 158 -35.34 0.31 -13.99
C VAL F 158 -34.48 0.18 -12.78
N ASP F 159 -35.06 0.24 -11.60
CA ASP F 159 -34.31 0.13 -10.37
C ASP F 159 -34.14 -1.33 -9.94
N TYR F 160 -35.25 -2.06 -9.79
CA TYR F 160 -35.18 -3.44 -9.34
C TYR F 160 -35.86 -4.35 -10.35
N ILE F 161 -35.37 -5.58 -10.42
CA ILE F 161 -35.93 -6.62 -11.29
C ILE F 161 -36.13 -7.86 -10.43
N ILE F 162 -37.34 -8.42 -10.46
CA ILE F 162 -37.64 -9.67 -9.78
C ILE F 162 -38.04 -10.72 -10.81
N ARG F 163 -37.33 -11.84 -10.84
CA ARG F 163 -37.65 -12.97 -11.69
C ARG F 163 -38.07 -14.13 -10.80
N THR F 164 -39.30 -14.61 -11.01
CA THR F 164 -39.81 -15.80 -10.35
C THR F 164 -39.47 -17.03 -11.19
N GLY F 165 -39.81 -18.21 -10.68
CA GLY F 165 -39.67 -19.43 -11.46
C GLY F 165 -38.35 -20.17 -11.34
N GLY F 166 -37.41 -19.69 -10.54
CA GLY F 166 -36.21 -20.44 -10.19
C GLY F 166 -35.01 -20.33 -11.11
N ALA F 167 -35.17 -19.78 -12.32
CA ALA F 167 -34.02 -19.65 -13.21
C ALA F 167 -33.18 -18.46 -12.80
N ILE F 168 -31.85 -18.65 -12.78
CA ILE F 168 -30.94 -17.54 -12.48
C ILE F 168 -30.29 -17.10 -13.78
N ARG F 169 -31.05 -16.35 -14.57
CA ARG F 169 -30.64 -15.86 -15.88
C ARG F 169 -31.65 -14.80 -16.28
N MET F 170 -31.28 -13.96 -17.25
CA MET F 170 -32.18 -12.91 -17.70
C MET F 170 -32.92 -13.26 -18.98
N SER F 171 -32.51 -14.32 -19.69
CA SER F 171 -33.16 -14.79 -20.90
C SER F 171 -33.28 -13.62 -21.88
N SER F 172 -34.46 -13.35 -22.44
CA SER F 172 -34.64 -12.27 -23.41
C SER F 172 -34.97 -10.94 -22.77
N PHE F 173 -34.88 -10.82 -21.44
CA PHE F 173 -35.57 -9.73 -20.73
C PHE F 173 -34.67 -8.65 -20.14
N PHE F 174 -33.38 -8.61 -20.46
CA PHE F 174 -32.55 -7.56 -19.87
C PHE F 174 -32.99 -6.20 -20.41
N PRO F 175 -33.18 -5.19 -19.55
CA PRO F 175 -33.62 -3.88 -20.04
C PRO F 175 -32.44 -3.09 -20.57
N LEU F 176 -32.45 -2.86 -21.89
CA LEU F 176 -31.37 -2.22 -22.63
C LEU F 176 -30.75 -1.02 -21.93
N MET F 177 -31.58 -0.08 -21.45
CA MET F 177 -31.10 1.19 -20.92
C MET F 177 -31.04 1.24 -19.40
N SER F 178 -31.04 0.09 -18.73
CA SER F 178 -31.06 0.04 -17.27
C SER F 178 -29.90 -0.80 -16.78
N PRO F 179 -28.66 -0.35 -16.99
CA PRO F 179 -27.52 -1.17 -16.62
C PRO F 179 -27.50 -1.53 -15.15
N TYR F 180 -27.93 -0.59 -14.29
CA TYR F 180 -27.71 -0.68 -12.85
C TYR F 180 -28.92 -1.17 -12.10
N ALA F 181 -29.85 -1.83 -12.79
CA ALA F 181 -30.91 -2.55 -12.12
C ALA F 181 -30.32 -3.61 -11.19
N GLU F 182 -30.86 -3.67 -9.98
CA GLU F 182 -30.48 -4.71 -9.04
C GLU F 182 -31.35 -5.93 -9.32
N LEU F 183 -30.74 -7.10 -9.33
CA LEU F 183 -31.46 -8.32 -9.68
C LEU F 183 -31.80 -9.12 -8.43
N HIS F 184 -33.04 -9.61 -8.38
CA HIS F 184 -33.46 -10.52 -7.33
C HIS F 184 -34.12 -11.74 -7.97
N PHE F 185 -33.54 -12.92 -7.72
CA PHE F 185 -34.03 -14.17 -8.27
C PHE F 185 -34.76 -14.96 -7.19
N SER F 186 -36.01 -15.33 -7.47
CA SER F 186 -36.82 -16.12 -6.56
C SER F 186 -37.04 -17.51 -7.13
N PRO F 187 -36.96 -18.54 -6.29
CA PRO F 187 -37.24 -19.91 -6.76
C PRO F 187 -38.73 -20.20 -6.90
N VAL F 188 -39.59 -19.35 -6.34
CA VAL F 188 -41.02 -19.60 -6.29
C VAL F 188 -41.65 -19.48 -7.67
N LEU F 189 -42.49 -20.45 -8.04
CA LEU F 189 -43.28 -20.29 -9.25
C LEU F 189 -44.21 -19.11 -9.06
N PHE F 190 -44.33 -18.28 -10.10
CA PHE F 190 -45.06 -17.02 -9.95
C PHE F 190 -46.47 -17.15 -9.36
N PRO F 191 -47.31 -18.11 -9.78
CA PRO F 191 -48.65 -18.18 -9.19
C PRO F 191 -48.63 -18.59 -7.72
N ASP F 192 -47.51 -19.06 -7.20
CA ASP F 192 -47.34 -19.40 -5.79
C ASP F 192 -46.70 -18.26 -5.01
N THR F 193 -46.34 -17.17 -5.68
CA THR F 193 -45.65 -16.05 -5.05
C THR F 193 -46.46 -15.50 -3.89
N THR F 194 -45.83 -15.27 -2.74
CA THR F 194 -46.58 -14.73 -1.61
C THR F 194 -46.18 -13.30 -1.31
N ARG F 195 -46.98 -12.67 -0.46
CA ARG F 195 -46.64 -11.34 0.00
C ARG F 195 -45.33 -11.35 0.79
N ALA F 196 -45.08 -12.43 1.53
CA ALA F 196 -43.81 -12.54 2.24
C ALA F 196 -42.66 -12.60 1.25
N ASP F 197 -42.85 -13.32 0.15
CA ASP F 197 -41.82 -13.42 -0.87
C ASP F 197 -41.50 -12.04 -1.45
N PHE F 198 -42.53 -11.21 -1.66
CA PHE F 198 -42.35 -9.88 -2.25
C PHE F 198 -41.50 -8.99 -1.37
N ASP F 199 -41.80 -8.95 -0.08
CA ASP F 199 -41.08 -8.08 0.85
C ASP F 199 -39.65 -8.56 1.05
N ALA F 200 -39.45 -9.89 1.06
CA ALA F 200 -38.11 -10.42 1.14
C ALA F 200 -37.29 -9.94 -0.05
N ALA F 201 -37.93 -9.87 -1.22
CA ALA F 201 -37.26 -9.33 -2.40
C ALA F 201 -36.90 -7.86 -2.19
N LEU F 202 -37.85 -7.05 -1.72
CA LEU F 202 -37.58 -5.62 -1.56
C LEU F 202 -36.56 -5.35 -0.47
N LYS F 203 -36.66 -6.07 0.65
CA LYS F 203 -35.63 -5.96 1.68
C LYS F 203 -34.25 -6.26 1.10
N ASP F 204 -34.17 -7.31 0.28
CA ASP F 204 -32.91 -7.71 -0.32
C ASP F 204 -32.43 -6.66 -1.31
N LEU F 205 -33.33 -6.22 -2.19
CA LEU F 205 -32.97 -5.26 -3.23
C LEU F 205 -32.52 -3.93 -2.63
N ARG F 206 -33.25 -3.46 -1.61
CA ARG F 206 -32.95 -2.16 -1.02
C ARG F 206 -31.67 -2.16 -0.21
N ALA F 207 -31.26 -3.32 0.31
CA ALA F 207 -30.07 -3.38 1.15
C ALA F 207 -28.76 -3.35 0.37
N ARG F 208 -28.78 -3.09 -0.94
CA ARG F 208 -27.56 -3.22 -1.72
C ARG F 208 -26.88 -1.87 -1.94
N ASP F 209 -25.58 -1.95 -2.21
CA ASP F 209 -24.74 -0.78 -2.39
C ASP F 209 -24.78 -0.37 -3.87
N THR G 2 40.67 -33.72 -18.55
CA THR G 2 39.76 -32.58 -18.46
C THR G 2 40.45 -31.45 -17.66
N THR G 3 40.18 -30.19 -18.01
CA THR G 3 40.97 -29.06 -17.53
C THR G 3 40.07 -28.10 -16.74
N LEU G 4 40.43 -27.88 -15.48
CA LEU G 4 39.64 -27.12 -14.51
C LEU G 4 40.42 -25.92 -13.98
N MET G 5 39.75 -24.78 -13.83
CA MET G 5 40.37 -23.58 -13.26
C MET G 5 39.66 -23.24 -11.95
N LEU G 6 40.43 -23.13 -10.88
CA LEU G 6 39.90 -22.85 -9.55
C LEU G 6 40.27 -21.43 -9.13
N LEU G 7 39.27 -20.69 -8.65
CA LEU G 7 39.44 -19.34 -8.13
C LEU G 7 39.17 -19.39 -6.64
N PRO G 8 40.21 -19.52 -5.80
CA PRO G 8 39.98 -19.62 -4.35
C PRO G 8 39.73 -18.23 -3.78
N ASP G 9 38.52 -18.01 -3.29
CA ASP G 9 38.12 -16.69 -2.82
C ASP G 9 37.50 -16.81 -1.43
N GLY G 10 37.65 -15.76 -0.63
CA GLY G 10 37.02 -15.67 0.67
C GLY G 10 37.89 -15.83 1.90
N MET G 11 39.19 -15.78 1.75
CA MET G 11 40.08 -15.96 2.88
C MET G 11 39.99 -14.88 3.95
N ARG G 12 39.85 -13.62 3.57
CA ARG G 12 39.74 -12.58 4.59
C ARG G 12 38.47 -12.76 5.41
N ARG G 13 37.38 -13.13 4.75
CA ARG G 13 36.14 -13.38 5.49
C ARG G 13 36.27 -14.61 6.36
N TRP G 14 36.97 -15.64 5.89
CA TRP G 14 37.15 -16.83 6.70
C TRP G 14 37.98 -16.52 7.93
N SER G 15 39.01 -15.69 7.78
CA SER G 15 39.83 -15.29 8.93
C SER G 15 39.00 -14.49 9.93
N GLU G 16 38.24 -13.52 9.43
CA GLU G 16 37.41 -12.65 10.25
C GLU G 16 36.45 -13.47 11.03
N LYS G 17 35.87 -14.43 10.36
CA LYS G 17 34.91 -15.32 10.93
C LYS G 17 35.48 -16.23 11.96
N ASN G 18 36.75 -16.58 11.85
CA ASN G 18 37.36 -17.45 12.82
C ASN G 18 38.20 -16.64 13.82
N GLY G 19 38.13 -15.33 13.73
CA GLY G 19 38.84 -14.44 14.60
C GLY G 19 40.33 -14.67 14.66
N VAL G 20 40.92 -14.96 13.52
CA VAL G 20 42.34 -15.25 13.41
C VAL G 20 42.96 -14.25 12.44
N SER G 21 44.28 -14.27 12.37
CA SER G 21 44.99 -13.38 11.47
C SER G 21 44.73 -13.78 10.01
N LEU G 22 45.01 -12.84 9.12
CA LEU G 22 44.88 -13.16 7.70
C LEU G 22 45.92 -14.21 7.30
N ASP G 23 47.08 -14.20 7.96
CA ASP G 23 48.07 -15.23 7.73
C ASP G 23 47.48 -16.62 7.97
N ASP G 24 46.67 -16.77 9.01
CA ASP G 24 46.08 -18.07 9.31
C ASP G 24 45.06 -18.50 8.26
N GLY G 25 44.35 -17.54 7.67
CA GLY G 25 43.45 -17.88 6.58
C GLY G 25 44.18 -18.44 5.38
N TYR G 26 45.27 -17.79 4.99
CA TYR G 26 46.03 -18.28 3.84
C TYR G 26 46.68 -19.63 4.14
N ALA G 27 47.09 -19.88 5.38
CA ALA G 27 47.58 -21.22 5.70
C ALA G 27 46.46 -22.24 5.61
N ALA G 28 45.27 -21.87 6.09
CA ALA G 28 44.12 -22.75 5.89
C ALA G 28 43.82 -22.91 4.41
N MET G 29 44.01 -21.85 3.62
CA MET G 29 43.82 -21.96 2.17
C MET G 29 44.78 -22.99 1.58
N GLY G 30 46.05 -22.95 1.98
CA GLY G 30 47.01 -23.91 1.46
C GLY G 30 46.58 -25.35 1.72
N ASP G 31 46.15 -25.64 2.94
CA ASP G 31 45.71 -27.00 3.28
C ASP G 31 44.56 -27.43 2.37
N LYS G 32 43.60 -26.55 2.17
CA LYS G 32 42.46 -26.87 1.33
C LYS G 32 42.89 -27.14 -0.11
N ILE G 33 43.86 -26.39 -0.63
CA ILE G 33 44.34 -26.61 -2.00
C ILE G 33 44.89 -28.02 -2.15
N ILE G 34 45.69 -28.46 -1.18
CA ILE G 34 46.22 -29.82 -1.22
C ILE G 34 45.08 -30.83 -1.19
N GLU G 35 44.11 -30.59 -0.31
CA GLU G 35 42.93 -31.45 -0.23
C GLU G 35 42.13 -31.42 -1.54
N PHE G 36 41.98 -30.24 -2.14
CA PHE G 36 41.18 -30.06 -3.35
C PHE G 36 41.83 -30.74 -4.55
N MET G 37 43.14 -30.65 -4.70
CA MET G 37 43.77 -31.30 -5.83
C MET G 37 43.57 -32.82 -5.76
N GLY G 38 43.59 -33.40 -4.56
CA GLY G 38 43.31 -34.82 -4.44
C GLY G 38 41.93 -35.18 -4.96
N TRP G 39 40.92 -34.40 -4.60
CA TRP G 39 39.59 -34.61 -5.16
C TRP G 39 39.62 -34.49 -6.68
N ALA G 40 40.35 -33.51 -7.17
CA ALA G 40 40.42 -33.27 -8.61
C ALA G 40 41.03 -34.47 -9.33
N LYS G 41 42.10 -35.05 -8.78
CA LYS G 41 42.69 -36.25 -9.38
C LYS G 41 41.69 -37.39 -9.34
N GLU G 42 41.03 -37.60 -8.20
CA GLU G 42 39.99 -38.62 -8.09
C GLU G 42 38.85 -38.42 -9.03
N GLU G 43 38.62 -37.19 -9.47
CA GLU G 43 37.48 -36.95 -10.29
C GLU G 43 37.85 -36.80 -11.76
N GLY G 44 39.08 -37.16 -12.11
CA GLY G 44 39.47 -37.18 -13.50
C GLY G 44 39.94 -35.88 -14.12
N VAL G 45 40.23 -34.85 -13.33
CA VAL G 45 40.83 -33.68 -13.94
C VAL G 45 42.31 -33.98 -14.16
N LYS G 46 42.86 -33.49 -15.25
CA LYS G 46 44.28 -33.72 -15.48
C LYS G 46 45.10 -32.45 -15.42
N THR G 47 44.52 -31.30 -15.72
CA THR G 47 45.18 -30.02 -15.56
C THR G 47 44.36 -29.16 -14.61
N LEU G 48 44.98 -28.73 -13.51
CA LEU G 48 44.30 -27.89 -12.54
C LEU G 48 44.98 -26.52 -12.53
N TYR G 49 44.30 -25.52 -13.07
CA TYR G 49 44.78 -24.15 -13.00
C TYR G 49 44.22 -23.52 -11.74
N ILE G 50 45.08 -22.80 -11.00
CA ILE G 50 44.65 -22.04 -9.82
C ILE G 50 45.07 -20.59 -10.03
N THR G 51 44.12 -19.68 -9.87
CA THR G 51 44.42 -18.26 -9.96
C THR G 51 45.00 -17.84 -8.62
N ALA G 52 46.32 -17.72 -8.53
CA ALA G 52 46.93 -17.34 -7.28
C ALA G 52 46.65 -15.88 -6.97
N SER G 53 46.56 -15.02 -7.98
CA SER G 53 46.37 -13.60 -7.72
C SER G 53 45.91 -12.89 -8.98
N SER G 54 45.23 -11.77 -8.76
CA SER G 54 44.99 -10.78 -9.80
C SER G 54 46.19 -9.84 -9.88
N ALA G 55 46.28 -9.08 -10.96
CA ALA G 55 47.30 -8.05 -11.00
C ALA G 55 47.12 -7.07 -9.83
N ALA G 56 45.87 -6.74 -9.49
CA ALA G 56 45.60 -5.80 -8.41
C ALA G 56 46.09 -6.31 -7.07
N ASN G 57 46.02 -7.61 -6.83
CA ASN G 57 46.46 -8.13 -5.53
C ASN G 57 47.92 -7.78 -5.27
N HIS G 58 48.71 -7.62 -6.31
CA HIS G 58 50.10 -7.30 -6.14
C HIS G 58 50.35 -5.83 -5.83
N GLY G 59 49.30 -5.02 -5.79
CA GLY G 59 49.36 -3.65 -5.32
C GLY G 59 49.05 -3.47 -3.85
N ARG G 60 48.68 -4.55 -3.17
CA ARG G 60 48.50 -4.59 -1.72
C ARG G 60 49.79 -4.24 -1.00
N PRO G 61 49.74 -3.97 0.32
CA PRO G 61 50.98 -3.81 1.09
C PRO G 61 51.88 -5.01 0.91
N GLU G 62 53.17 -4.74 0.95
CA GLU G 62 54.13 -5.77 0.58
C GLU G 62 54.12 -6.93 1.55
N ALA G 63 53.84 -6.67 2.83
CA ALA G 63 53.67 -7.75 3.79
C ALA G 63 52.48 -8.64 3.45
N ALA G 64 51.39 -8.03 2.99
CA ALA G 64 50.24 -8.82 2.55
C ALA G 64 50.55 -9.62 1.29
N VAL G 65 51.32 -9.03 0.37
CA VAL G 65 51.71 -9.78 -0.83
C VAL G 65 52.56 -10.97 -0.42
N ASN G 66 53.53 -10.74 0.47
CA ASN G 66 54.37 -11.85 0.93
C ASN G 66 53.53 -12.93 1.59
N THR G 67 52.50 -12.54 2.32
CA THR G 67 51.68 -13.53 3.00
C THR G 67 50.99 -14.47 2.00
N PHE G 68 50.35 -13.93 0.97
CA PHE G 68 49.71 -14.90 0.08
C PHE G 68 50.73 -15.59 -0.82
N MET G 69 51.78 -14.90 -1.27
CA MET G 69 52.80 -15.59 -2.06
C MET G 69 53.39 -16.73 -1.26
N GLU G 70 53.63 -16.50 0.04
CA GLU G 70 54.23 -17.52 0.88
C GLU G 70 53.33 -18.73 1.02
N ALA G 71 52.03 -18.50 1.20
CA ALA G 71 51.10 -19.61 1.34
C ALA G 71 51.02 -20.43 0.05
N PHE G 72 50.91 -19.76 -1.10
CA PHE G 72 50.83 -20.52 -2.34
C PHE G 72 52.10 -21.32 -2.60
N THR G 73 53.25 -20.71 -2.36
CA THR G 73 54.51 -21.41 -2.58
C THR G 73 54.66 -22.60 -1.63
N GLU G 74 54.21 -22.43 -0.37
CA GLU G 74 54.31 -23.51 0.61
C GLU G 74 53.59 -24.78 0.13
N VAL G 75 52.46 -24.61 -0.55
CA VAL G 75 51.74 -25.75 -1.12
C VAL G 75 52.66 -26.55 -2.03
N ILE G 76 53.43 -25.87 -2.88
CA ILE G 76 54.24 -26.56 -3.86
C ILE G 76 55.46 -27.16 -3.19
N ARG G 77 55.99 -26.51 -2.16
CA ARG G 77 57.11 -27.08 -1.42
C ARG G 77 56.77 -28.46 -0.89
N ARG G 78 55.53 -28.65 -0.44
CA ARG G 78 55.15 -29.92 0.16
C ARG G 78 54.76 -30.96 -0.87
N CYS G 79 54.16 -30.58 -2.00
CA CYS G 79 53.53 -31.56 -2.89
C CYS G 79 54.09 -31.61 -4.30
N HIS G 80 55.22 -30.97 -4.59
CA HIS G 80 55.69 -30.93 -5.97
C HIS G 80 56.04 -32.32 -6.53
N SER G 81 56.15 -33.35 -5.68
CA SER G 81 56.47 -34.67 -6.19
C SER G 81 55.23 -35.40 -6.71
N GLN G 82 54.05 -34.88 -6.39
CA GLN G 82 52.79 -35.51 -6.74
C GLN G 82 52.23 -35.04 -8.07
N PHE G 83 52.93 -34.15 -8.79
CA PHE G 83 52.41 -33.60 -10.04
C PHE G 83 53.51 -32.84 -10.78
N LYS G 84 53.19 -32.46 -12.01
CA LYS G 84 54.00 -31.53 -12.77
C LYS G 84 53.56 -30.12 -12.42
N PHE G 85 54.50 -29.27 -12.04
CA PHE G 85 54.18 -27.91 -11.63
C PHE G 85 54.67 -26.91 -12.65
N ASP G 86 53.85 -25.90 -12.93
CA ASP G 86 54.26 -24.78 -13.75
C ASP G 86 53.48 -23.55 -13.28
N PHE G 87 53.91 -22.38 -13.75
CA PHE G 87 53.26 -21.14 -13.40
C PHE G 87 53.47 -20.16 -14.54
N SER G 88 52.60 -19.15 -14.60
CA SER G 88 52.64 -18.12 -15.63
C SER G 88 51.90 -16.90 -15.12
N GLY G 89 51.89 -15.84 -15.93
CA GLY G 89 51.12 -14.67 -15.59
C GLY G 89 51.87 -13.37 -15.74
N SER G 90 51.51 -12.38 -14.93
CA SER G 90 52.16 -11.06 -14.95
C SER G 90 53.43 -11.13 -14.09
N LEU G 91 54.39 -11.92 -14.57
CA LEU G 91 55.59 -12.18 -13.77
C LEU G 91 56.38 -10.90 -13.44
N ASP G 92 56.24 -9.85 -14.25
CA ASP G 92 56.88 -8.57 -13.97
C ASP G 92 56.41 -7.94 -12.66
N LEU G 93 55.30 -8.40 -12.11
CA LEU G 93 54.77 -7.88 -10.85
C LEU G 93 55.19 -8.70 -9.64
N VAL G 94 55.80 -9.84 -9.85
CA VAL G 94 56.14 -10.78 -8.78
C VAL G 94 57.56 -10.50 -8.33
N SER G 95 57.82 -10.64 -7.02
CA SER G 95 59.16 -10.38 -6.52
C SER G 95 60.12 -11.41 -7.06
N GLU G 96 61.37 -10.99 -7.27
CA GLU G 96 62.29 -11.90 -7.93
C GLU G 96 62.68 -13.06 -7.03
N ASP G 97 62.58 -12.88 -5.70
CA ASP G 97 62.80 -14.00 -4.81
C ASP G 97 61.77 -15.10 -5.04
N TYR G 98 60.50 -14.75 -5.19
CA TYR G 98 59.50 -15.78 -5.42
C TYR G 98 59.62 -16.38 -6.82
N LEU G 99 59.96 -15.58 -7.82
CA LEU G 99 60.11 -16.14 -9.16
C LEU G 99 61.22 -17.18 -9.17
N THR G 100 62.31 -16.91 -8.45
CA THR G 100 63.42 -17.86 -8.39
C THR G 100 62.98 -19.16 -7.72
N GLU G 101 62.28 -19.06 -6.59
CA GLU G 101 61.87 -20.26 -5.88
C GLU G 101 60.84 -21.06 -6.68
N LEU G 102 59.92 -20.38 -7.34
CA LEU G 102 58.93 -21.11 -8.13
C LEU G 102 59.56 -21.81 -9.31
N SER G 103 60.56 -21.18 -9.95
CA SER G 103 61.26 -21.84 -11.04
C SER G 103 61.95 -23.11 -10.57
N ALA G 104 62.60 -23.05 -9.40
CA ALA G 104 63.27 -24.23 -8.85
C ALA G 104 62.25 -25.32 -8.54
N LEU G 105 61.12 -24.93 -7.94
CA LEU G 105 60.11 -25.94 -7.62
C LEU G 105 59.54 -26.55 -8.88
N ARG G 106 59.40 -25.75 -9.95
CA ARG G 106 58.96 -26.34 -11.22
C ARG G 106 59.99 -27.33 -11.73
N ASP G 107 61.26 -26.93 -11.71
CA ASP G 107 62.33 -27.81 -12.19
C ASP G 107 62.39 -29.08 -11.35
N LYS G 108 61.98 -28.99 -10.11
CA LYS G 108 61.97 -30.09 -9.23
C LYS G 108 60.74 -30.91 -9.36
N SER G 109 59.71 -30.45 -10.04
CA SER G 109 58.51 -31.26 -10.01
C SER G 109 58.64 -32.44 -10.96
N ASP G 110 57.69 -33.35 -10.83
CA ASP G 110 57.64 -34.61 -11.58
C ASP G 110 57.22 -34.33 -13.02
N SER G 111 58.24 -34.25 -13.88
CA SER G 111 58.00 -34.01 -15.30
C SER G 111 57.16 -35.11 -15.95
N GLU G 112 57.09 -36.29 -15.33
CA GLU G 112 56.39 -37.41 -15.96
C GLU G 112 54.94 -37.53 -15.51
N SER G 113 54.50 -36.74 -14.54
CA SER G 113 53.18 -36.93 -13.95
C SER G 113 52.07 -36.70 -14.98
N ASP G 114 50.95 -37.37 -14.73
CA ASP G 114 49.74 -37.18 -15.54
C ASP G 114 48.92 -35.99 -15.08
N PHE G 115 49.29 -35.38 -13.98
CA PHE G 115 48.53 -34.28 -13.39
C PHE G 115 49.40 -33.03 -13.39
N THR G 116 48.83 -31.92 -13.84
CA THR G 116 49.53 -30.64 -13.80
C THR G 116 48.85 -29.71 -12.83
N LEU G 117 49.64 -29.11 -11.94
CA LEU G 117 49.18 -28.04 -11.08
C LEU G 117 49.89 -26.77 -11.55
N HIS G 118 49.10 -25.78 -11.98
CA HIS G 118 49.63 -24.61 -12.66
C HIS G 118 49.09 -23.33 -12.01
N TYR G 119 49.99 -22.47 -11.54
CA TYR G 119 49.58 -21.21 -10.92
C TYR G 119 49.56 -20.10 -11.95
N ILE G 120 48.49 -19.29 -11.95
CA ILE G 120 48.47 -18.05 -12.73
C ILE G 120 48.62 -16.90 -11.74
N LEU G 121 49.64 -16.07 -11.94
CA LEU G 121 49.97 -14.98 -11.03
C LEU G 121 49.67 -13.64 -11.68
N GLY G 122 49.13 -12.71 -10.89
CA GLY G 122 48.86 -11.36 -11.39
C GLY G 122 47.95 -11.32 -12.58
N MET G 123 46.89 -12.13 -12.57
CA MET G 123 46.04 -12.29 -13.74
C MET G 123 45.21 -11.04 -13.98
N SER G 124 45.06 -10.69 -15.26
CA SER G 124 44.38 -9.48 -15.75
C SER G 124 44.42 -9.43 -17.27
N LEU G 125 43.27 -9.40 -17.93
CA LEU G 125 43.23 -9.41 -19.39
C LEU G 125 43.99 -8.23 -19.99
N SER G 126 43.79 -7.02 -19.45
CA SER G 126 44.48 -5.88 -20.05
C SER G 126 45.99 -5.98 -19.88
N HIS G 127 46.44 -6.38 -18.70
CA HIS G 127 47.88 -6.53 -18.52
C HIS G 127 48.43 -7.62 -19.42
N GLU G 128 47.70 -8.73 -19.54
CA GLU G 128 48.09 -9.84 -20.41
C GLU G 128 48.20 -9.39 -21.87
N VAL G 129 47.16 -8.72 -22.37
CA VAL G 129 47.15 -8.28 -23.76
C VAL G 129 48.20 -7.22 -24.01
N VAL G 130 48.30 -6.24 -23.11
CA VAL G 130 49.33 -5.21 -23.26
C VAL G 130 50.71 -5.85 -23.30
N GLY G 131 50.96 -6.78 -22.39
CA GLY G 131 52.26 -7.45 -22.33
C GLY G 131 52.55 -8.21 -23.60
N ILE G 132 51.55 -8.95 -24.10
CA ILE G 132 51.73 -9.70 -25.34
C ILE G 132 52.04 -8.76 -26.50
N PHE G 133 51.31 -7.66 -26.60
CA PHE G 133 51.57 -6.74 -27.69
C PHE G 133 52.99 -6.20 -27.60
N ASN G 134 53.38 -5.72 -26.44
CA ASN G 134 54.70 -5.13 -26.33
C ASN G 134 55.79 -6.18 -26.55
N LYS G 135 55.53 -7.45 -26.21
CA LYS G 135 56.50 -8.50 -26.49
C LYS G 135 56.73 -8.65 -27.99
N LEU G 136 55.66 -8.65 -28.80
CA LEU G 136 55.75 -9.05 -30.20
C LEU G 136 55.67 -7.89 -31.20
N ASN G 137 55.37 -6.68 -30.73
CA ASN G 137 55.20 -5.52 -31.59
C ASN G 137 56.37 -5.31 -32.52
N GLY G 138 56.11 -5.35 -33.82
CA GLY G 138 57.14 -5.09 -34.81
C GLY G 138 58.11 -6.23 -35.02
N LYS G 139 57.94 -7.34 -34.32
CA LYS G 139 58.82 -8.47 -34.45
C LYS G 139 58.23 -9.63 -35.23
N ILE G 140 56.93 -9.65 -35.48
CA ILE G 140 56.32 -10.72 -36.28
C ILE G 140 55.48 -10.05 -37.36
N PRO G 141 55.27 -10.71 -38.51
CA PRO G 141 54.50 -10.07 -39.56
C PRO G 141 53.05 -9.87 -39.18
N GLU G 142 52.42 -10.87 -38.56
CA GLU G 142 51.02 -10.70 -38.18
C GLU G 142 50.64 -11.69 -37.07
N MET G 143 49.71 -11.27 -36.22
CA MET G 143 49.20 -12.13 -35.16
C MET G 143 48.13 -13.08 -35.67
N THR G 144 48.14 -14.33 -35.19
CA THR G 144 47.08 -15.32 -35.45
C THR G 144 46.60 -15.89 -34.12
N GLU G 145 45.47 -16.63 -34.17
CA GLU G 145 45.02 -17.33 -32.96
C GLU G 145 46.11 -18.22 -32.42
N GLU G 146 46.79 -18.96 -33.31
CA GLU G 146 47.82 -19.87 -32.83
C GLU G 146 48.89 -19.11 -32.06
N ILE G 147 49.31 -17.97 -32.60
CA ILE G 147 50.36 -17.22 -31.91
C ILE G 147 49.83 -16.64 -30.61
N LEU G 148 48.60 -16.13 -30.60
CA LEU G 148 48.03 -15.60 -29.37
C LEU G 148 47.92 -16.70 -28.31
N ALA G 149 47.46 -17.88 -28.71
CA ALA G 149 47.33 -18.99 -27.77
C ALA G 149 48.70 -19.41 -27.21
N GLU G 150 49.74 -19.30 -28.02
CA GLU G 150 51.09 -19.64 -27.60
C GLU G 150 51.60 -18.66 -26.55
N ASN G 151 51.03 -17.47 -26.50
CA ASN G 151 51.52 -16.42 -25.61
C ASN G 151 50.57 -16.09 -24.47
N ALA G 152 49.37 -16.67 -24.44
CA ALA G 152 48.41 -16.35 -23.41
C ALA G 152 48.86 -16.89 -22.06
N TYR G 153 48.40 -16.25 -20.99
CA TYR G 153 48.73 -16.69 -19.63
C TYR G 153 48.34 -18.13 -19.40
N VAL G 154 47.12 -18.48 -19.77
CA VAL G 154 46.63 -19.85 -19.62
C VAL G 154 46.92 -20.60 -20.92
N PRO G 155 47.84 -21.56 -20.92
CA PRO G 155 48.35 -22.11 -22.19
C PRO G 155 47.47 -23.16 -22.84
N THR G 156 46.38 -23.60 -22.21
CA THR G 156 45.50 -24.60 -22.80
C THR G 156 44.08 -24.11 -22.62
N GLN G 157 43.14 -24.76 -23.27
CA GLN G 157 41.76 -24.33 -23.12
C GLN G 157 41.15 -24.99 -21.89
N VAL G 158 40.37 -24.21 -21.15
CA VAL G 158 39.83 -24.60 -19.86
C VAL G 158 38.42 -25.11 -20.06
N ASP G 159 38.12 -26.29 -19.52
CA ASP G 159 36.77 -26.83 -19.60
C ASP G 159 35.84 -26.20 -18.58
N TYR G 160 36.23 -26.21 -17.29
CA TYR G 160 35.39 -25.78 -16.18
C TYR G 160 36.12 -24.75 -15.33
N ILE G 161 35.35 -23.81 -14.78
CA ILE G 161 35.86 -22.81 -13.84
C ILE G 161 35.00 -22.86 -12.59
N ILE G 162 35.64 -22.98 -11.43
CA ILE G 162 34.95 -22.91 -10.15
C ILE G 162 35.44 -21.68 -9.39
N ARG G 163 34.52 -20.79 -9.04
CA ARG G 163 34.82 -19.64 -8.19
C ARG G 163 34.09 -19.83 -6.86
N THR G 164 34.84 -19.87 -5.76
CA THR G 164 34.27 -19.91 -4.42
C THR G 164 34.08 -18.48 -3.89
N GLY G 165 33.53 -18.37 -2.68
CA GLY G 165 33.45 -17.08 -2.05
C GLY G 165 32.21 -16.26 -2.36
N GLY G 166 31.27 -16.79 -3.13
CA GLY G 166 29.98 -16.16 -3.28
C GLY G 166 29.87 -15.07 -4.32
N ALA G 167 30.98 -14.57 -4.84
CA ALA G 167 30.90 -13.53 -5.85
C ALA G 167 30.56 -14.17 -7.19
N ILE G 168 29.58 -13.60 -7.89
CA ILE G 168 29.17 -14.08 -9.20
C ILE G 168 29.68 -13.08 -10.24
N ARG G 169 30.97 -13.19 -10.55
CA ARG G 169 31.68 -12.32 -11.46
C ARG G 169 33.01 -12.99 -11.77
N MET G 170 33.64 -12.56 -12.85
CA MET G 170 34.91 -13.18 -13.22
C MET G 170 36.12 -12.35 -12.80
N SER G 171 35.91 -11.09 -12.39
CA SER G 171 36.97 -10.22 -11.90
C SER G 171 38.07 -10.20 -12.96
N SER G 172 39.34 -10.38 -12.58
CA SER G 172 40.48 -10.34 -13.49
C SER G 172 40.80 -11.69 -14.10
N PHE G 173 39.95 -12.69 -13.90
CA PHE G 173 40.37 -14.06 -14.10
C PHE G 173 39.78 -14.74 -15.33
N PHE G 174 39.15 -14.01 -16.24
CA PHE G 174 38.58 -14.71 -17.41
C PHE G 174 39.70 -15.22 -18.31
N PRO G 175 39.66 -16.50 -18.70
CA PRO G 175 40.77 -17.08 -19.50
C PRO G 175 40.62 -16.70 -20.97
N LEU G 176 41.57 -15.89 -21.44
CA LEU G 176 41.55 -15.32 -22.79
C LEU G 176 41.10 -16.24 -23.93
N MET G 177 41.68 -17.43 -24.04
CA MET G 177 41.42 -18.33 -25.17
C MET G 177 40.39 -19.41 -24.85
N SER G 178 39.60 -19.26 -23.79
CA SER G 178 38.68 -20.33 -23.40
C SER G 178 37.26 -19.80 -23.32
N PRO G 179 36.70 -19.32 -24.43
CA PRO G 179 35.37 -18.69 -24.36
C PRO G 179 34.31 -19.63 -23.82
N TYR G 180 34.36 -20.91 -24.18
CA TYR G 180 33.30 -21.83 -23.81
C TYR G 180 33.58 -22.58 -22.51
N ALA G 181 34.45 -22.04 -21.67
CA ALA G 181 34.56 -22.56 -20.32
C ALA G 181 33.22 -22.43 -19.61
N GLU G 182 32.81 -23.50 -18.93
CA GLU G 182 31.58 -23.50 -18.14
C GLU G 182 31.86 -22.95 -16.75
N LEU G 183 31.01 -22.04 -16.29
CA LEU G 183 31.24 -21.39 -15.00
C LEU G 183 30.35 -21.97 -13.91
N HIS G 184 30.95 -22.22 -12.74
CA HIS G 184 30.20 -22.63 -11.56
C HIS G 184 30.59 -21.74 -10.39
N PHE G 185 29.61 -21.05 -9.83
CA PHE G 185 29.85 -20.15 -8.71
C PHE G 185 29.34 -20.82 -7.44
N SER G 186 30.22 -20.96 -6.48
CA SER G 186 29.85 -21.55 -5.21
C SER G 186 29.87 -20.49 -4.12
N PRO G 187 28.85 -20.47 -3.24
CA PRO G 187 28.86 -19.47 -2.16
C PRO G 187 29.80 -19.79 -1.01
N VAL G 188 30.37 -21.00 -0.96
CA VAL G 188 31.23 -21.43 0.15
C VAL G 188 32.54 -20.67 0.14
N LEU G 189 32.96 -20.19 1.32
CA LEU G 189 34.29 -19.61 1.48
C LEU G 189 35.33 -20.69 1.22
N PHE G 190 36.38 -20.35 0.48
CA PHE G 190 37.29 -21.40 0.03
C PHE G 190 37.83 -22.30 1.14
N PRO G 191 38.33 -21.79 2.27
CA PRO G 191 38.87 -22.72 3.28
C PRO G 191 37.81 -23.59 3.92
N ASP G 192 36.53 -23.31 3.67
CA ASP G 192 35.42 -24.14 4.12
C ASP G 192 34.99 -25.18 3.09
N THR G 193 35.56 -25.17 1.89
CA THR G 193 35.11 -26.07 0.84
C THR G 193 35.27 -27.53 1.24
N THR G 194 34.21 -28.31 1.03
CA THR G 194 34.17 -29.74 1.31
C THR G 194 34.11 -30.55 0.02
N ARG G 195 34.32 -31.86 0.15
CA ARG G 195 34.22 -32.75 -1.00
C ARG G 195 32.81 -32.76 -1.57
N ALA G 196 31.80 -32.60 -0.71
CA ALA G 196 30.45 -32.48 -1.21
C ALA G 196 30.28 -31.24 -2.06
N ASP G 197 30.88 -30.11 -1.64
CA ASP G 197 30.80 -28.88 -2.42
C ASP G 197 31.40 -29.09 -3.80
N PHE G 198 32.53 -29.79 -3.85
CA PHE G 198 33.21 -30.07 -5.11
C PHE G 198 32.34 -30.93 -6.02
N ASP G 199 31.70 -31.94 -5.46
CA ASP G 199 30.87 -32.82 -6.26
C ASP G 199 29.66 -32.09 -6.82
N ALA G 200 29.06 -31.21 -6.03
CA ALA G 200 27.97 -30.41 -6.55
C ALA G 200 28.45 -29.54 -7.70
N ALA G 201 29.67 -29.04 -7.60
CA ALA G 201 30.26 -28.27 -8.70
C ALA G 201 30.39 -29.12 -9.95
N LEU G 202 30.95 -30.32 -9.81
CA LEU G 202 31.20 -31.15 -10.99
C LEU G 202 29.91 -31.66 -11.60
N LYS G 203 28.95 -32.06 -10.75
CA LYS G 203 27.63 -32.43 -11.24
C LYS G 203 27.06 -31.32 -12.12
N ASP G 204 27.04 -30.09 -11.60
CA ASP G 204 26.53 -28.96 -12.39
C ASP G 204 27.30 -28.82 -13.70
N LEU G 205 28.64 -28.84 -13.62
CA LEU G 205 29.47 -28.63 -14.80
C LEU G 205 29.32 -29.75 -15.82
N ARG G 206 29.24 -31.01 -15.37
CA ARG G 206 29.14 -32.13 -16.29
C ARG G 206 27.81 -32.20 -17.01
N ALA G 207 26.75 -31.69 -16.39
CA ALA G 207 25.40 -31.74 -16.93
C ALA G 207 25.11 -30.66 -17.97
N ARG G 208 26.12 -30.04 -18.56
CA ARG G 208 25.87 -28.90 -19.43
C ARG G 208 26.13 -29.27 -20.89
N ASP G 209 25.67 -28.36 -21.76
CA ASP G 209 25.29 -28.69 -23.14
C ASP G 209 26.42 -28.61 -24.17
N THR H 2 33.91 9.96 43.41
CA THR H 2 32.92 9.46 42.45
C THR H 2 33.29 8.08 41.88
N THR H 3 32.27 7.24 41.69
CA THR H 3 32.44 5.81 41.46
C THR H 3 31.85 5.46 40.10
N LEU H 4 32.70 4.95 39.22
CA LEU H 4 32.33 4.69 37.83
C LEU H 4 32.51 3.22 37.50
N MET H 5 31.56 2.66 36.78
CA MET H 5 31.62 1.27 36.33
C MET H 5 31.70 1.25 34.80
N LEU H 6 32.73 0.60 34.27
CA LEU H 6 32.96 0.53 32.83
C LEU H 6 32.69 -0.88 32.32
N LEU H 7 31.90 -0.97 31.25
CA LEU H 7 31.58 -2.23 30.59
C LEU H 7 32.29 -2.22 29.24
N PRO H 8 33.47 -2.81 29.11
CA PRO H 8 34.20 -2.80 27.83
C PRO H 8 33.66 -3.88 26.90
N ASP H 9 33.05 -3.46 25.81
CA ASP H 9 32.41 -4.39 24.89
C ASP H 9 32.84 -4.09 23.46
N GLY H 10 32.91 -5.13 22.63
CA GLY H 10 33.20 -4.99 21.22
C GLY H 10 34.60 -5.39 20.72
N MET H 11 35.39 -6.14 21.50
CA MET H 11 36.74 -6.47 21.04
C MET H 11 36.70 -7.36 19.81
N ARG H 12 35.70 -8.23 19.71
CA ARG H 12 35.60 -9.11 18.56
C ARG H 12 35.32 -8.33 17.28
N ARG H 13 34.29 -7.48 17.32
CA ARG H 13 34.00 -6.65 16.17
C ARG H 13 35.18 -5.77 15.80
N TRP H 14 35.89 -5.25 16.81
CA TRP H 14 37.08 -4.43 16.54
C TRP H 14 38.16 -5.24 15.85
N SER H 15 38.34 -6.49 16.29
CA SER H 15 39.34 -7.37 15.70
C SER H 15 39.03 -7.60 14.22
N GLU H 16 37.77 -7.89 13.91
CA GLU H 16 37.41 -8.14 12.52
C GLU H 16 37.61 -6.89 11.68
N LYS H 17 37.22 -5.72 12.20
CA LYS H 17 37.36 -4.46 11.47
C LYS H 17 38.83 -4.11 11.19
N ASN H 18 39.73 -4.44 12.11
CA ASN H 18 41.13 -4.12 11.93
C ASN H 18 41.93 -5.30 11.39
N GLY H 19 41.25 -6.41 11.08
CA GLY H 19 41.88 -7.58 10.49
C GLY H 19 42.94 -8.26 11.33
N VAL H 20 42.73 -8.36 12.64
CA VAL H 20 43.71 -8.96 13.53
C VAL H 20 43.05 -10.12 14.27
N SER H 21 43.88 -10.89 14.97
CA SER H 21 43.36 -11.99 15.76
C SER H 21 42.56 -11.46 16.95
N LEU H 22 41.73 -12.32 17.49
CA LEU H 22 40.93 -11.87 18.61
C LEU H 22 41.80 -11.62 19.84
N ASP H 23 42.91 -12.36 19.98
CA ASP H 23 43.89 -12.07 21.02
C ASP H 23 44.40 -10.63 20.90
N ASP H 24 44.65 -10.16 19.68
CA ASP H 24 45.11 -8.80 19.48
C ASP H 24 44.05 -7.78 19.84
N GLY H 25 42.76 -8.11 19.65
CA GLY H 25 41.71 -7.20 20.10
C GLY H 25 41.73 -6.99 21.60
N TYR H 26 41.85 -8.09 22.35
CA TYR H 26 41.91 -7.99 23.81
C TYR H 26 43.17 -7.30 24.29
N ALA H 27 44.29 -7.44 23.55
CA ALA H 27 45.47 -6.68 23.92
C ALA H 27 45.24 -5.20 23.70
N ALA H 28 44.58 -4.84 22.61
CA ALA H 28 44.19 -3.45 22.41
C ALA H 28 43.24 -2.99 23.50
N MET H 29 42.38 -3.89 23.96
CA MET H 29 41.51 -3.56 25.10
C MET H 29 42.35 -3.22 26.34
N GLY H 30 43.36 -4.04 26.63
CA GLY H 30 44.20 -3.79 27.80
C GLY H 30 44.90 -2.44 27.75
N ASP H 31 45.50 -2.12 26.59
CA ASP H 31 46.13 -0.82 26.42
C ASP H 31 45.12 0.31 26.61
N LYS H 32 43.91 0.16 26.06
CA LYS H 32 42.90 1.18 26.24
C LYS H 32 42.47 1.32 27.70
N ILE H 33 42.39 0.21 28.44
CA ILE H 33 42.04 0.29 29.86
C ILE H 33 43.06 1.13 30.62
N ILE H 34 44.34 0.91 30.32
CA ILE H 34 45.39 1.68 30.97
C ILE H 34 45.21 3.16 30.66
N GLU H 35 44.97 3.48 29.40
CA GLU H 35 44.72 4.86 29.01
C GLU H 35 43.45 5.38 29.68
N PHE H 36 42.43 4.53 29.77
CA PHE H 36 41.14 4.96 30.30
C PHE H 36 41.24 5.28 31.80
N MET H 37 41.99 4.48 32.56
CA MET H 37 42.11 4.79 33.99
C MET H 37 42.84 6.11 34.21
N GLY H 38 43.82 6.42 33.38
CA GLY H 38 44.47 7.72 33.48
C GLY H 38 43.49 8.86 33.27
N TRP H 39 42.61 8.73 32.26
CA TRP H 39 41.54 9.72 32.07
C TRP H 39 40.66 9.79 33.32
N ALA H 40 40.31 8.62 33.88
CA ALA H 40 39.43 8.62 35.03
C ALA H 40 40.06 9.33 36.23
N LYS H 41 41.35 9.08 36.48
CA LYS H 41 42.02 9.76 37.58
C LYS H 41 41.97 11.26 37.40
N GLU H 42 42.27 11.72 36.19
CA GLU H 42 42.30 13.14 35.89
C GLU H 42 40.94 13.77 36.02
N GLU H 43 39.88 12.98 35.85
CA GLU H 43 38.53 13.49 35.85
C GLU H 43 37.85 13.32 37.20
N GLY H 44 38.61 13.01 38.24
CA GLY H 44 38.05 12.93 39.58
C GLY H 44 37.40 11.61 39.95
N VAL H 45 37.58 10.57 39.17
CA VAL H 45 37.06 9.27 39.53
C VAL H 45 37.99 8.67 40.58
N LYS H 46 37.40 8.18 41.66
CA LYS H 46 38.17 7.59 42.72
C LYS H 46 38.11 6.07 42.73
N THR H 47 37.02 5.50 42.22
CA THR H 47 36.86 4.06 42.15
C THR H 47 36.39 3.72 40.75
N LEU H 48 37.14 2.86 40.08
CA LEU H 48 36.80 2.42 38.74
C LEU H 48 36.54 0.92 38.79
N TYR H 49 35.28 0.53 38.66
CA TYR H 49 34.91 -0.87 38.53
C TYR H 49 34.91 -1.19 37.04
N ILE H 50 35.50 -2.31 36.68
CA ILE H 50 35.47 -2.79 35.31
C ILE H 50 34.91 -4.19 35.34
N THR H 51 33.87 -4.42 34.53
CA THR H 51 33.26 -5.74 34.41
C THR H 51 34.14 -6.55 33.48
N ALA H 52 34.97 -7.43 34.05
CA ALA H 52 35.88 -8.21 33.22
C ALA H 52 35.13 -9.27 32.42
N SER H 53 34.07 -9.84 33.01
CA SER H 53 33.36 -10.93 32.35
C SER H 53 31.98 -11.11 32.95
N SER H 54 31.08 -11.69 32.15
CA SER H 54 29.83 -12.23 32.64
C SER H 54 30.06 -13.68 33.08
N ALA H 55 29.12 -14.20 33.85
CA ALA H 55 29.21 -15.61 34.21
C ALA H 55 29.21 -16.49 32.95
N ALA H 56 28.39 -16.13 31.96
CA ALA H 56 28.33 -16.92 30.74
C ALA H 56 29.66 -16.94 29.99
N ASN H 57 30.43 -15.84 30.04
CA ASN H 57 31.70 -15.80 29.31
C ASN H 57 32.63 -16.92 29.77
N HIS H 58 32.50 -17.36 31.02
CA HIS H 58 33.39 -18.39 31.53
C HIS H 58 32.96 -19.79 31.11
N GLY H 59 31.87 -19.90 30.35
CA GLY H 59 31.46 -21.12 29.70
C GLY H 59 32.02 -21.27 28.29
N ARG H 60 32.80 -20.29 27.83
CA ARG H 60 33.53 -20.42 26.58
C ARG H 60 34.59 -21.50 26.73
N PRO H 61 35.22 -21.97 25.66
CA PRO H 61 36.32 -22.92 25.82
C PRO H 61 37.49 -22.25 26.50
N GLU H 62 38.25 -23.04 27.24
CA GLU H 62 39.35 -22.54 28.00
C GLU H 62 40.28 -21.60 27.29
N ALA H 63 40.59 -21.91 26.04
CA ALA H 63 41.48 -21.06 25.28
C ALA H 63 40.89 -19.66 25.12
N ALA H 64 39.59 -19.58 24.85
CA ALA H 64 38.94 -18.27 24.74
C ALA H 64 38.90 -17.56 26.10
N VAL H 65 38.66 -18.31 27.17
CA VAL H 65 38.66 -17.70 28.50
C VAL H 65 40.05 -17.19 28.84
N ASN H 66 41.08 -18.01 28.58
CA ASN H 66 42.45 -17.59 28.87
C ASN H 66 42.82 -16.32 28.11
N THR H 67 42.31 -16.17 26.90
CA THR H 67 42.63 -14.98 26.12
C THR H 67 42.19 -13.71 26.84
N PHE H 68 40.93 -13.64 27.26
CA PHE H 68 40.54 -12.40 27.90
C PHE H 68 41.11 -12.30 29.31
N MET H 69 41.17 -13.42 30.05
CA MET H 69 41.73 -13.35 31.41
C MET H 69 43.19 -12.89 31.37
N GLU H 70 43.93 -13.34 30.37
CA GLU H 70 45.32 -12.94 30.25
C GLU H 70 45.42 -11.44 29.99
N ALA H 71 44.56 -10.92 29.12
CA ALA H 71 44.58 -9.49 28.79
C ALA H 71 44.23 -8.63 30.02
N PHE H 72 43.16 -8.99 30.74
CA PHE H 72 42.80 -8.18 31.90
C PHE H 72 43.91 -8.23 32.93
N THR H 73 44.49 -9.41 33.14
CA THR H 73 45.53 -9.53 34.15
C THR H 73 46.75 -8.71 33.78
N GLU H 74 47.10 -8.68 32.48
CA GLU H 74 48.28 -7.93 32.04
C GLU H 74 48.16 -6.46 32.39
N VAL H 75 46.95 -5.90 32.29
CA VAL H 75 46.76 -4.51 32.72
C VAL H 75 47.30 -4.35 34.13
N ILE H 76 46.99 -5.31 34.99
CA ILE H 76 47.33 -5.21 36.40
C ILE H 76 48.80 -5.48 36.63
N ARG H 77 49.37 -6.42 35.89
CA ARG H 77 50.81 -6.65 36.00
C ARG H 77 51.57 -5.35 35.72
N ARG H 78 51.07 -4.55 34.80
CA ARG H 78 51.79 -3.37 34.34
C ARG H 78 51.59 -2.17 35.24
N CYS H 79 50.40 -2.00 35.82
CA CYS H 79 50.07 -0.75 36.49
C CYS H 79 49.70 -0.92 37.95
N HIS H 80 49.93 -2.08 38.55
CA HIS H 80 49.47 -2.29 39.92
C HIS H 80 50.11 -1.32 40.89
N SER H 81 51.21 -0.66 40.52
CA SER H 81 51.80 0.30 41.44
C SER H 81 51.08 1.64 41.40
N GLN H 82 50.19 1.84 40.43
CA GLN H 82 49.51 3.12 40.26
C GLN H 82 48.17 3.20 40.98
N PHE H 83 47.74 2.16 41.68
CA PHE H 83 46.42 2.17 42.30
C PHE H 83 46.30 1.00 43.27
N LYS H 84 45.21 1.02 44.01
CA LYS H 84 44.80 -0.11 44.83
C LYS H 84 43.99 -1.02 43.94
N PHE H 85 44.36 -2.30 43.90
CA PHE H 85 43.68 -3.26 43.05
C PHE H 85 42.86 -4.23 43.89
N ASP H 86 41.64 -4.53 43.43
CA ASP H 86 40.87 -5.59 44.07
C ASP H 86 39.99 -6.22 42.99
N PHE H 87 39.43 -7.39 43.32
CA PHE H 87 38.56 -8.08 42.38
C PHE H 87 37.57 -8.89 43.20
N SER H 88 36.44 -9.21 42.57
CA SER H 88 35.38 -9.98 43.22
C SER H 88 34.50 -10.58 42.13
N GLY H 89 33.51 -11.37 42.54
CA GLY H 89 32.56 -11.90 41.58
C GLY H 89 32.32 -13.39 41.73
N SER H 90 31.99 -14.07 40.64
CA SER H 90 31.73 -15.51 40.68
C SER H 90 33.06 -16.26 40.62
N LEU H 91 33.84 -16.10 41.70
CA LEU H 91 35.19 -16.65 41.74
C LEU H 91 35.20 -18.17 41.60
N ASP H 92 34.08 -18.83 41.90
CA ASP H 92 33.98 -20.27 41.66
C ASP H 92 34.11 -20.61 40.18
N LEU H 93 33.95 -19.66 39.26
CA LEU H 93 34.07 -19.94 37.85
C LEU H 93 35.45 -19.67 37.27
N VAL H 94 36.36 -19.07 38.05
CA VAL H 94 37.68 -18.62 37.60
C VAL H 94 38.72 -19.67 37.94
N SER H 95 39.71 -19.85 37.07
CA SER H 95 40.74 -20.87 37.28
C SER H 95 41.63 -20.52 38.47
N GLU H 96 42.11 -21.55 39.16
CA GLU H 96 42.88 -21.34 40.38
C GLU H 96 44.15 -20.56 40.11
N ASP H 97 44.74 -20.72 38.92
CA ASP H 97 45.96 -19.99 38.61
C ASP H 97 45.69 -18.50 38.53
N TYR H 98 44.58 -18.11 37.89
CA TYR H 98 44.29 -16.68 37.80
C TYR H 98 43.90 -16.13 39.16
N LEU H 99 43.16 -16.89 39.96
CA LEU H 99 42.82 -16.41 41.29
C LEU H 99 44.09 -16.19 42.13
N THR H 100 45.06 -17.10 42.01
CA THR H 100 46.28 -16.91 42.77
C THR H 100 47.03 -15.68 42.29
N GLU H 101 47.16 -15.50 40.98
CA GLU H 101 47.90 -14.36 40.46
C GLU H 101 47.19 -13.05 40.74
N LEU H 102 45.85 -13.02 40.61
CA LEU H 102 45.13 -11.79 40.92
C LEU H 102 45.24 -11.45 42.41
N SER H 103 45.19 -12.47 43.26
CA SER H 103 45.41 -12.23 44.69
C SER H 103 46.80 -11.66 44.96
N ALA H 104 47.81 -12.21 44.28
CA ALA H 104 49.17 -11.69 44.46
C ALA H 104 49.26 -10.24 44.04
N LEU H 105 48.67 -9.92 42.88
CA LEU H 105 48.70 -8.55 42.38
C LEU H 105 47.91 -7.63 43.27
N ARG H 106 46.81 -8.12 43.84
CA ARG H 106 46.10 -7.29 44.81
C ARG H 106 47.01 -7.00 46.01
N ASP H 107 47.69 -8.03 46.50
CA ASP H 107 48.58 -7.84 47.64
C ASP H 107 49.70 -6.86 47.33
N LYS H 108 50.23 -6.88 46.12
CA LYS H 108 51.34 -5.98 45.83
C LYS H 108 50.91 -4.62 45.30
N SER H 109 49.62 -4.40 45.08
CA SER H 109 49.23 -3.11 44.54
C SER H 109 49.38 -2.04 45.62
N ASP H 110 49.27 -0.77 45.19
CA ASP H 110 49.47 0.33 46.12
C ASP H 110 48.29 0.48 47.06
N SER H 111 48.39 -0.16 48.23
CA SER H 111 47.32 -0.13 49.21
C SER H 111 47.01 1.27 49.74
N GLU H 112 47.88 2.25 49.50
CA GLU H 112 47.64 3.60 50.01
C GLU H 112 47.24 4.60 48.95
N SER H 113 47.02 4.15 47.71
CA SER H 113 46.52 5.02 46.65
C SER H 113 45.09 5.46 46.92
N ASP H 114 44.80 6.68 46.52
CA ASP H 114 43.44 7.21 46.54
C ASP H 114 42.56 6.63 45.43
N PHE H 115 43.13 5.95 44.45
CA PHE H 115 42.41 5.46 43.29
C PHE H 115 42.34 3.94 43.34
N THR H 116 41.14 3.40 43.11
CA THR H 116 40.92 1.96 43.11
C THR H 116 40.48 1.48 41.72
N LEU H 117 41.13 0.45 41.23
CA LEU H 117 40.71 -0.28 40.03
C LEU H 117 40.26 -1.65 40.51
N HIS H 118 38.99 -1.98 40.26
CA HIS H 118 38.38 -3.18 40.81
C HIS H 118 37.72 -3.98 39.70
N TYR H 119 38.13 -5.23 39.53
CA TYR H 119 37.57 -6.11 38.50
C TYR H 119 36.41 -6.93 39.06
N ILE H 120 35.30 -7.00 38.31
CA ILE H 120 34.22 -7.93 38.62
C ILE H 120 34.27 -9.05 37.58
N LEU H 121 34.40 -10.28 38.05
CA LEU H 121 34.53 -11.47 37.22
C LEU H 121 33.27 -12.31 37.34
N GLY H 122 32.86 -12.90 36.23
CA GLY H 122 31.71 -13.80 36.20
C GLY H 122 30.44 -13.14 36.69
N MET H 123 30.21 -11.90 36.28
CA MET H 123 29.09 -11.15 36.82
C MET H 123 27.75 -11.71 36.31
N SER H 124 26.77 -11.76 37.22
CA SER H 124 25.42 -12.28 36.96
C SER H 124 24.58 -12.18 38.24
N LEU H 125 23.47 -11.45 38.20
CA LEU H 125 22.64 -11.25 39.39
C LEU H 125 22.16 -12.58 39.96
N SER H 126 21.69 -13.49 39.11
CA SER H 126 21.16 -14.73 39.67
C SER H 126 22.28 -15.54 40.28
N HIS H 127 23.43 -15.60 39.60
CA HIS H 127 24.55 -16.35 40.18
C HIS H 127 25.02 -15.68 41.46
N GLU H 128 25.05 -14.35 41.48
CA GLU H 128 25.44 -13.62 42.67
C GLU H 128 24.50 -13.90 43.84
N VAL H 129 23.19 -13.85 43.60
CA VAL H 129 22.22 -14.03 44.68
C VAL H 129 22.22 -15.47 45.19
N VAL H 130 22.25 -16.43 44.27
CA VAL H 130 22.33 -17.84 44.65
C VAL H 130 23.55 -18.07 45.54
N GLY H 131 24.70 -17.55 45.14
CA GLY H 131 25.90 -17.72 45.93
C GLY H 131 25.80 -17.12 47.32
N ILE H 132 25.25 -15.90 47.41
CA ILE H 132 25.09 -15.26 48.72
C ILE H 132 24.16 -16.07 49.61
N PHE H 133 23.05 -16.55 49.05
CA PHE H 133 22.13 -17.36 49.85
C PHE H 133 22.83 -18.60 50.38
N ASN H 134 23.47 -19.36 49.50
CA ASN H 134 24.10 -20.58 49.94
C ASN H 134 25.25 -20.35 50.91
N LYS H 135 25.87 -19.17 50.88
CA LYS H 135 26.90 -18.85 51.86
C LYS H 135 26.30 -18.63 53.25
N LEU H 136 25.19 -17.91 53.34
CA LEU H 136 24.67 -17.45 54.62
C LEU H 136 23.48 -18.26 55.12
N ASN H 137 22.96 -19.19 54.31
CA ASN H 137 21.77 -19.97 54.64
C ASN H 137 21.91 -20.66 55.99
N GLY H 138 21.04 -20.29 56.93
CA GLY H 138 21.00 -20.91 58.25
C GLY H 138 22.08 -20.46 59.19
N LYS H 139 22.95 -19.54 58.78
CA LYS H 139 24.06 -19.06 59.60
C LYS H 139 23.85 -17.67 60.15
N ILE H 140 22.82 -16.94 59.70
CA ILE H 140 22.61 -15.58 60.21
C ILE H 140 21.16 -15.49 60.66
N PRO H 141 20.84 -14.62 61.61
CA PRO H 141 19.44 -14.54 62.05
C PRO H 141 18.53 -14.01 60.95
N GLU H 142 18.93 -12.96 60.25
CA GLU H 142 18.12 -12.51 59.12
C GLU H 142 18.96 -11.65 58.17
N MET H 143 18.59 -11.70 56.90
CA MET H 143 19.27 -10.87 55.94
C MET H 143 18.75 -9.45 56.09
N THR H 144 19.66 -8.50 56.04
CA THR H 144 19.34 -7.09 56.02
C THR H 144 20.04 -6.46 54.83
N GLU H 145 19.67 -5.22 54.57
CA GLU H 145 20.28 -4.46 53.49
C GLU H 145 21.77 -4.23 53.72
N GLU H 146 22.18 -4.04 54.97
CA GLU H 146 23.61 -3.87 55.24
C GLU H 146 24.38 -5.14 54.98
N ILE H 147 23.83 -6.29 55.40
CA ILE H 147 24.50 -7.57 55.18
C ILE H 147 24.56 -7.88 53.69
N LEU H 148 23.47 -7.62 52.96
CA LEU H 148 23.52 -7.85 51.52
C LEU H 148 24.60 -6.97 50.90
N ALA H 149 24.71 -5.72 51.35
CA ALA H 149 25.66 -4.81 50.72
C ALA H 149 27.09 -5.26 50.93
N GLU H 150 27.33 -5.84 52.08
CA GLU H 150 28.60 -6.37 52.51
C GLU H 150 28.99 -7.61 51.76
N ASN H 151 28.03 -8.27 51.16
CA ASN H 151 28.26 -9.54 50.47
C ASN H 151 28.10 -9.46 48.95
N ALA H 152 27.66 -8.33 48.42
CA ALA H 152 27.46 -8.16 46.99
C ALA H 152 28.79 -8.08 46.24
N TYR H 153 28.77 -8.48 44.97
CA TYR H 153 29.96 -8.44 44.11
C TYR H 153 30.56 -7.04 44.06
N VAL H 154 29.72 -6.03 43.82
CA VAL H 154 30.17 -4.65 43.77
C VAL H 154 30.04 -4.07 45.17
N PRO H 155 31.15 -3.82 45.88
CA PRO H 155 31.05 -3.53 47.32
C PRO H 155 30.61 -2.13 47.68
N THR H 156 30.46 -1.21 46.73
CA THR H 156 30.03 0.14 47.06
C THR H 156 28.99 0.58 46.05
N GLN H 157 28.41 1.74 46.30
CA GLN H 157 27.40 2.30 45.41
C GLN H 157 28.07 2.86 44.16
N VAL H 158 27.47 2.59 43.00
CA VAL H 158 27.98 3.03 41.70
C VAL H 158 27.24 4.29 41.29
N ASP H 159 27.97 5.36 40.98
CA ASP H 159 27.33 6.58 40.51
C ASP H 159 26.98 6.49 39.02
N TYR H 160 27.93 6.08 38.19
CA TYR H 160 27.86 6.18 36.73
C TYR H 160 28.24 4.84 36.12
N ILE H 161 27.58 4.47 35.04
CA ILE H 161 27.90 3.26 34.29
C ILE H 161 28.08 3.65 32.83
N ILE H 162 29.20 3.28 32.25
CA ILE H 162 29.42 3.50 30.83
C ILE H 162 29.49 2.14 30.18
N ARG H 163 28.60 1.89 29.22
CA ARG H 163 28.67 0.66 28.44
C ARG H 163 29.05 1.03 27.00
N THR H 164 30.19 0.54 26.53
CA THR H 164 30.62 0.72 25.14
C THR H 164 30.13 -0.45 24.29
N GLY H 165 30.34 -0.36 22.98
CA GLY H 165 30.04 -1.50 22.14
C GLY H 165 28.63 -1.56 21.57
N GLY H 166 27.79 -0.55 21.85
CA GLY H 166 26.51 -0.39 21.15
C GLY H 166 25.29 -1.10 21.73
N ALA H 167 25.44 -2.03 22.67
CA ALA H 167 24.22 -2.65 23.20
C ALA H 167 23.54 -1.65 24.14
N ILE H 168 22.21 -1.53 24.02
CA ILE H 168 21.48 -0.67 24.94
C ILE H 168 20.73 -1.61 25.86
N ARG H 169 21.46 -2.22 26.77
CA ARG H 169 20.94 -3.17 27.73
C ARG H 169 22.02 -3.37 28.79
N MET H 170 21.60 -3.88 29.94
CA MET H 170 22.58 -4.08 31.00
C MET H 170 23.10 -5.50 31.07
N SER H 171 22.47 -6.43 30.34
CA SER H 171 22.91 -7.84 30.24
C SER H 171 23.15 -8.39 31.66
N SER H 172 24.28 -9.02 31.92
CA SER H 172 24.57 -9.62 33.22
C SER H 172 25.16 -8.64 34.21
N PHE H 173 25.22 -7.34 33.90
CA PHE H 173 26.10 -6.46 34.64
C PHE H 173 25.42 -5.44 35.53
N PHE H 174 24.13 -5.56 35.80
CA PHE H 174 23.50 -4.55 36.64
C PHE H 174 24.01 -4.70 38.07
N PRO H 175 24.43 -3.62 38.72
CA PRO H 175 25.00 -3.71 40.08
C PRO H 175 23.90 -3.78 41.13
N LEU H 176 23.80 -4.92 41.81
CA LEU H 176 22.72 -5.22 42.76
C LEU H 176 22.33 -4.08 43.69
N MET H 177 23.30 -3.43 44.35
CA MET H 177 23.00 -2.44 45.38
C MET H 177 23.06 -0.99 44.88
N SER H 178 23.01 -0.74 43.58
CA SER H 178 23.13 0.63 43.05
C SER H 178 21.90 0.94 42.21
N PRO H 179 20.73 0.98 42.82
CA PRO H 179 19.53 1.16 41.98
C PRO H 179 19.61 2.40 41.11
N TYR H 180 20.18 3.49 41.61
CA TYR H 180 20.03 4.75 40.90
C TYR H 180 21.29 5.15 40.12
N ALA H 181 22.17 4.20 39.83
CA ALA H 181 23.27 4.45 38.89
C ALA H 181 22.74 5.04 37.58
N GLU H 182 23.42 6.10 37.12
CA GLU H 182 23.11 6.71 35.84
C GLU H 182 23.81 5.95 34.71
N LEU H 183 23.09 5.68 33.64
CA LEU H 183 23.57 4.86 32.52
C LEU H 183 23.95 5.72 31.33
N HIS H 184 25.10 5.42 30.73
CA HIS H 184 25.50 6.03 29.47
C HIS H 184 25.90 4.94 28.49
N PHE H 185 25.20 4.85 27.36
CA PHE H 185 25.48 3.85 26.35
C PHE H 185 26.20 4.50 25.17
N SER H 186 27.37 3.98 24.82
CA SER H 186 28.08 4.47 23.64
C SER H 186 28.18 3.40 22.56
N PRO H 187 27.94 3.75 21.29
CA PRO H 187 28.08 2.74 20.23
C PRO H 187 29.52 2.45 19.86
N VAL H 188 30.48 3.24 20.34
CA VAL H 188 31.88 3.07 19.97
C VAL H 188 32.39 1.74 20.52
N LEU H 189 33.05 0.96 19.67
CA LEU H 189 33.70 -0.27 20.13
C LEU H 189 34.81 0.09 21.10
N PHE H 190 34.92 -0.68 22.20
CA PHE H 190 35.79 -0.25 23.28
C PHE H 190 37.21 0.11 22.85
N PRO H 191 37.93 -0.68 22.02
CA PRO H 191 39.30 -0.29 21.67
C PRO H 191 39.41 0.97 20.82
N ASP H 192 38.29 1.48 20.31
CA ASP H 192 38.27 2.74 19.58
C ASP H 192 37.97 3.93 20.48
N THR H 193 37.68 3.72 21.77
CA THR H 193 37.30 4.82 22.64
C THR H 193 38.41 5.86 22.71
N THR H 194 38.04 7.12 22.56
CA THR H 194 38.97 8.24 22.68
C THR H 194 38.64 9.04 23.94
N ARG H 195 39.57 9.92 24.32
CA ARG H 195 39.31 10.79 25.46
C ARG H 195 38.11 11.69 25.20
N ALA H 196 37.90 12.09 23.95
CA ALA H 196 36.72 12.88 23.65
C ALA H 196 35.46 12.09 23.94
N ASP H 197 35.48 10.78 23.64
CA ASP H 197 34.34 9.95 23.97
C ASP H 197 34.14 9.91 25.48
N PHE H 198 35.23 9.77 26.23
CA PHE H 198 35.14 9.74 27.68
C PHE H 198 34.61 11.05 28.21
N ASP H 199 35.11 12.18 27.69
CA ASP H 199 34.63 13.46 28.17
C ASP H 199 33.16 13.66 27.84
N ALA H 200 32.73 13.21 26.65
CA ALA H 200 31.33 13.32 26.28
C ALA H 200 30.44 12.51 27.22
N ALA H 201 30.88 11.32 27.60
CA ALA H 201 30.10 10.51 28.53
C ALA H 201 29.95 11.20 29.87
N LEU H 202 31.04 11.75 30.41
CA LEU H 202 30.98 12.38 31.71
C LEU H 202 30.13 13.64 31.69
N LYS H 203 30.17 14.40 30.60
CA LYS H 203 29.30 15.57 30.51
C LYS H 203 27.84 15.16 30.62
N ASP H 204 27.43 14.15 29.85
CA ASP H 204 26.08 13.63 29.95
C ASP H 204 25.78 13.15 31.37
N LEU H 205 26.67 12.35 31.94
CA LEU H 205 26.46 11.76 33.25
C LEU H 205 26.39 12.82 34.34
N ARG H 206 27.27 13.83 34.26
CA ARG H 206 27.28 14.87 35.28
C ARG H 206 26.05 15.76 35.18
N ALA H 207 25.47 15.88 34.00
CA ALA H 207 24.33 16.76 33.79
C ALA H 207 23.01 16.15 34.26
N ARG H 208 23.00 14.90 34.73
CA ARG H 208 21.74 14.22 34.98
C ARG H 208 21.04 14.79 36.21
N ASP H 209 19.71 14.89 36.14
CA ASP H 209 18.89 15.46 37.21
C ASP H 209 18.39 14.32 38.08
N ARG H 210 19.08 14.06 39.20
CA ARG H 210 18.93 12.82 39.93
C ARG H 210 17.90 12.91 41.04
N ARG H 211 16.89 12.04 40.98
CA ARG H 211 16.00 11.71 42.09
C ARG H 211 16.25 10.26 42.44
N PHE H 212 15.96 9.89 43.68
CA PHE H 212 16.14 8.50 44.07
C PHE H 212 14.79 7.88 44.43
N GLY H 213 13.83 7.95 43.49
CA GLY H 213 12.46 7.60 43.81
C GLY H 213 11.79 8.58 44.75
N GLY H 214 12.44 9.70 45.04
CA GLY H 214 11.90 10.70 45.95
C GLY H 214 11.57 12.00 45.25
N TYR H 215 11.88 13.11 45.90
CA TYR H 215 11.45 14.45 45.49
C TYR H 215 12.59 15.27 44.88
N PRO H 216 12.26 16.37 44.18
CA PRO H 216 13.31 17.26 43.63
C PRO H 216 13.76 18.35 44.59
N ALA H 217 14.77 18.08 45.42
CA ALA H 217 15.23 19.01 46.44
C ALA H 217 15.83 20.29 45.83
O4 DST I . -20.66 12.59 -2.60
P1 DST I . -19.66 13.59 -2.74
O6 DST I . -18.73 13.12 -3.70
O5 DST I . -20.24 14.79 -3.17
O2 DST I . -18.92 13.77 -1.39
P3 DST I . -18.17 12.54 -0.72
O8 DST I . -18.82 11.28 -0.97
O7 DST I . -16.74 12.48 -1.15
S9 DST I . -18.55 12.69 1.27
C10 DST I . -16.96 12.97 2.00
C11 DST I . -16.70 14.43 1.73
C12 DST I . -16.45 15.00 2.90
C13 DST I . -16.15 16.48 3.03
C14 DST I . -16.40 14.28 4.21
O4 DST J . -13.25 11.98 -3.13
P1 DST J . -12.47 10.79 -3.02
O6 DST J . -13.23 9.72 -3.62
O5 DST J . -11.19 10.93 -3.64
O2 DST J . -12.20 10.46 -1.51
P3 DST J . -13.36 10.54 -0.41
O8 DST J . -13.51 9.24 0.20
O7 DST J . -14.57 11.15 -1.01
S9 DST J . -12.40 11.69 1.00
C10 DST J . -13.47 12.13 2.35
C11 DST J . -14.35 10.97 2.87
C12 DST J . -14.33 10.88 4.22
C13 DST J . -13.53 11.79 5.16
C14 DST J . -15.06 9.92 5.08
MG MG K . -15.10 12.16 -2.14
O4 DST L . -20.68 -2.16 -8.98
P1 DST L . -20.87 -1.56 -10.28
O6 DST L . -22.19 -1.76 -10.76
O5 DST L . -20.73 -0.14 -10.22
O2 DST L . -19.86 -2.25 -11.24
P3 DST L . -18.34 -1.74 -11.15
O8 DST L . -17.63 -2.42 -10.05
O7 DST L . -18.34 -0.26 -11.09
S9 DST L . -17.35 -1.94 -12.93
C10 DST L . -15.81 -2.74 -12.53
C11 DST L . -15.51 -3.95 -13.42
C12 DST L . -16.27 -4.99 -13.09
C13 DST L . -17.33 -4.99 -11.99
C14 DST L . -16.19 -6.31 -13.80
O4 DST M . -14.34 -3.12 -4.47
P1 DST M . -14.85 -2.55 -5.67
O6 DST M . -15.92 -3.36 -6.26
O5 DST M . -15.35 -1.22 -5.42
O2 DST M . -13.63 -2.37 -6.60
P3 DST M . -13.81 -2.17 -8.17
O8 DST M . -15.23 -2.14 -8.54
O7 DST M . -12.92 -1.15 -8.71
S9 DST M . -12.96 -3.87 -8.84
C10 DST M . -13.52 -3.99 -10.53
C11 DST M . -12.88 -2.85 -11.32
C12 DST M . -12.13 -3.33 -12.33
C13 DST M . -11.36 -2.52 -13.33
C14 DST M . -11.99 -4.83 -12.63
MG MG N . -17.01 -2.85 -8.09
O4 DST O . 15.07 7.41 39.64
P1 DST O . 13.86 8.15 39.80
O6 DST O . 13.80 8.86 41.02
O5 DST O . 13.74 9.07 38.78
O2 DST O . 12.67 7.19 39.68
P3 DST O . 11.10 7.45 39.79
O8 DST O . 10.53 6.81 40.98
O7 DST O . 10.66 8.81 39.56
S9 DST O . 10.38 6.35 38.14
C10 DST O . 8.77 5.95 38.72
C11 DST O . 8.49 5.02 37.59
C12 DST O . 7.70 4.04 37.91
C13 DST O . 7.06 3.80 39.26
C14 DST O . 7.33 3.04 36.90
O4 DST P . 8.99 12.05 37.47
P1 DST P . 8.15 13.00 38.12
O6 DST P . 8.84 13.55 39.23
O5 DST P . 7.79 14.03 37.28
O2 DST P . 6.85 12.32 38.63
P3 DST P . 6.86 10.91 39.41
O8 DST P . 6.15 11.00 40.68
O7 DST P . 8.19 10.41 39.55
S9 DST P . 5.78 9.72 38.15
C10 DST P . 6.40 8.11 38.61
C11 DST P . 5.36 6.99 38.67
C12 DST P . 4.85 6.75 39.88
C13 DST P . 5.14 7.48 41.17
C14 DST P . 3.85 5.71 40.14
MG MG Q . 9.89 10.43 38.32
O4 DST R . 27.51 -20.67 -25.85
P1 DST R . 26.59 -20.49 -26.94
O6 DST R . 25.36 -21.08 -26.53
O5 DST R . 27.08 -21.18 -28.13
O2 DST R . 26.40 -18.99 -27.29
P3 DST R . 25.27 -18.39 -28.25
O8 DST R . 24.15 -19.34 -28.41
O7 DST R . 25.84 -17.82 -29.47
S9 DST R . 24.58 -16.76 -27.10
C10 DST R . 23.33 -15.90 -28.01
C11 DST R . 23.95 -14.93 -28.99
C12 DST R . 24.25 -13.73 -28.49
C13 DST R . 24.08 -13.19 -27.07
C14 DST R . 24.85 -12.68 -29.34
O4 DST S . 19.88 -22.15 -29.51
P1 DST S . 19.28 -21.02 -28.84
O6 DST S . 18.03 -21.33 -28.25
O5 DST S . 20.20 -20.61 -27.79
O2 DST S . 19.10 -19.91 -29.89
P3 DST S . 20.21 -18.85 -30.31
O8 DST S . 21.49 -19.15 -29.71
O7 DST S . 20.26 -18.58 -31.75
S9 DST S . 19.51 -17.05 -29.63
C10 DST S . 20.81 -15.87 -29.92
C11 DST S . 20.46 -14.85 -31.03
C12 DST S . 21.51 -14.57 -31.79
C13 DST S . 22.90 -15.16 -31.63
C14 DST S . 21.56 -13.65 -32.96
MG MG T . 22.16 -19.86 -28.02
O4 DST U . -26.86 36.91 -1.12
P1 DST U . -27.94 37.79 -0.83
O6 DST U . -27.56 39.07 -0.29
O5 DST U . -28.78 37.20 0.17
O2 DST U . -28.80 38.00 -2.12
P3 DST U . -30.05 39.01 -2.16
O8 DST U . -29.90 39.84 -3.36
O7 DST U . -30.20 39.78 -0.93
S9 DST U . -31.77 37.93 -2.23
C10 DST U . -32.30 37.87 -3.92
C11 DST U . -31.43 36.82 -4.59
C12 DST U . -32.16 36.02 -5.35
C13 DST U . -31.59 34.86 -6.14
C14 DST U . -33.64 36.12 -5.53
O4 DST V . -27.88 44.02 -7.73
P1 DST V . -28.58 43.33 -6.67
O6 DST V . -28.60 44.08 -5.44
O5 DST V . -27.84 42.10 -6.46
O2 DST V . -30.08 43.10 -7.07
P3 DST V . -31.06 42.15 -6.22
O8 DST V . -32.18 42.95 -5.73
O7 DST V . -30.23 41.36 -5.25
S9 DST V . -31.95 40.95 -7.61
C10 DST V . -32.74 39.57 -6.80
C11 DST V . -33.77 40.04 -5.77
C12 DST V . -34.99 39.63 -6.11
C13 DST V . -36.25 39.89 -5.36
C14 DST V . -35.25 38.77 -7.35
MG MG W . -28.92 40.73 -5.07
O4 DST X . -36.54 -20.47 -21.69
P1 DST X . -36.31 -19.51 -20.61
O6 DST X . -35.08 -18.85 -20.97
O5 DST X . -36.23 -20.15 -19.28
O2 DST X . -37.38 -18.39 -20.60
P3 DST X . -38.92 -18.77 -20.82
O8 DST X . -39.01 -19.86 -21.77
O7 DST X . -39.46 -19.10 -19.49
S9 DST X . -39.81 -17.13 -21.70
C10 DST X . -41.08 -16.47 -20.64
C11 DST X . -40.49 -15.96 -19.31
C12 DST X . -41.19 -14.90 -18.88
C13 DST X . -40.93 -14.11 -17.59
C14 DST X . -42.38 -14.27 -19.55
O4 DST Y . -41.39 -21.73 -17.04
P1 DST Y . -42.60 -22.64 -17.28
O6 DST Y . -42.37 -23.56 -18.45
O5 DST Y . -42.89 -23.41 -16.01
O2 DST Y . -43.87 -21.69 -17.67
P3 DST Y . -43.80 -20.56 -18.88
O8 DST Y . -42.38 -20.38 -19.36
O7 DST Y . -44.70 -20.94 -20.04
S9 DST Y . -44.50 -18.80 -17.95
C10 DST Y . -43.93 -17.35 -18.87
C11 DST Y . -45.13 -16.45 -19.25
C12 DST Y . -45.34 -16.45 -20.59
C13 DST Y . -46.44 -15.66 -21.32
C14 DST Y . -44.55 -17.24 -21.61
MG MG Z . -40.57 -20.63 -18.51
O4 DST AA . 36.80 -8.34 -5.30
P1 DST AA . 37.27 -9.07 -6.54
O6 DST AA . 36.58 -10.40 -6.63
O5 DST AA . 37.07 -8.24 -7.77
O2 DST AA . 38.85 -9.34 -6.35
P3 DST AA . 39.27 -10.10 -4.95
O8 DST AA . 38.16 -11.02 -4.47
O7 DST AA . 39.71 -9.10 -3.91
S9 DST AA . 40.87 -11.28 -5.63
C10 DST AA . 40.07 -12.85 -6.00
C11 DST AA . 41.30 -13.70 -5.78
C12 DST AA . 41.22 -14.96 -6.21
C13 DST AA . 40.02 -15.64 -6.90
C14 DST AA . 42.40 -15.89 -6.04
O4 DST BA . 36.98 -12.60 1.89
P1 DST BA . 37.67 -11.92 0.71
O6 DST BA . 37.06 -12.39 -0.58
O5 DST BA . 37.61 -10.43 0.79
O2 DST BA . 39.24 -12.33 0.82
P3 DST BA . 40.25 -12.14 -0.45
O8 DST BA . 39.56 -11.46 -1.61
O7 DST BA . 41.51 -11.44 -0.03
S9 DST BA . 40.74 -14.11 -0.94
C10 DST BA . 41.50 -14.19 -2.57
C11 DST BA . 42.76 -13.29 -2.61
C12 DST BA . 43.92 -13.97 -2.81
C13 DST BA . 45.32 -13.34 -2.89
C14 DST BA . 44.04 -15.48 -2.97
MG MG CA . 37.68 -11.67 -2.37
O4 DST DA . 25.60 -10.44 27.13
P1 DST DA . 25.72 -9.49 25.95
O6 DST DA . 25.45 -10.24 24.68
O5 DST DA . 24.85 -8.26 26.11
O2 DST DA . 27.23 -8.98 25.91
P3 DST DA . 28.43 -10.07 25.75
O8 DST DA . 27.89 -11.45 25.39
O7 DST DA . 29.32 -9.46 24.71
S9 DST DA . 29.32 -10.24 27.66
C10 DST DA . 30.83 -9.26 27.60
C11 DST DA . 30.47 -7.77 27.77
C12 DST DA . 31.20 -7.20 28.76
C13 DST DA . 31.08 -5.73 29.20
C14 DST DA . 32.26 -7.92 29.59
O4 DST EA . 30.95 -7.60 21.39
P1 DST EA . 31.84 -8.51 20.58
O6 DST EA . 31.05 -9.73 20.14
O5 DST EA . 32.37 -7.66 19.46
O2 DST EA . 33.10 -9.03 21.43
P3 DST EA . 33.12 -9.56 23.00
O8 DST EA . 31.72 -9.79 23.51
O7 DST EA . 33.97 -10.82 23.15
S9 DST EA . 34.04 -8.02 24.11
C10 DST EA . 33.45 -8.15 25.80
C11 DST EA . 34.53 -8.49 26.86
C12 DST EA . 34.58 -9.81 27.14
C13 DST EA . 33.71 -10.89 26.50
C14 DST EA . 35.50 -10.47 28.14
MG MG FA . 30.11 -8.52 23.04
#